data_3N57
#
_entry.id   3N57
#
_cell.length_a   264.101
_cell.length_b   264.101
_cell.length_c   91.186
_cell.angle_alpha   90.00
_cell.angle_beta   90.00
_cell.angle_gamma   120.00
#
_symmetry.space_group_name_H-M   'P 65'
#
loop_
_entity.id
_entity.type
_entity.pdbx_description
1 polymer 'Insulin-degrading enzyme'
2 polymer 'Atrial natriuretic factor'
3 non-polymer 'ZINC ION'
4 water water
#
loop_
_entity_poly.entity_id
_entity_poly.type
_entity_poly.pdbx_seq_one_letter_code
_entity_poly.pdbx_strand_id
1 'polypeptide(L)'
;MHHHHHHAAGIPMNNPAIKRIGNHITKSPEDKREYRGLELANGIKVLLISDPTTDKSSAALDVHIGSLSDPPNIAGLSHF
LQHMLFLGTKKYPKENEYSQFLSEHAGSSNAFTSGEHTNYYFDVSHEHLEGALDRFAQFFLSPLFDESAKDREVNAVDSE
HEKNVMNDAWRLFQLEKATGNPKHPFSKFGTGNKYTLETRPNQEGIDVRQELLKFHSAYYSSNLMAVVVLGRESLDDLTN
LVVKLFSEVENKNVPLPEFPEHPFQEEHLKQLYKIVPIKDIRNLYVTFPIPDLQKYYKSNPGHYLGHLIGHEGPGSLLSE
LKSKGWVNTLVGGQKEGARGFMFFIINVDLTEEGLLHVEDIILHMFQYIQKLRAEGPQEWVFQELKDLNAVAFRFKDKER
PRGYTSKIAGILHYYPLEEVLTAEYLLEEFRPDLIEMVLDKLRPENVRVAIVSKSFEGKTDRTEEWYGTQYKQEAIPDEV
IKKWQNADLNGKFKLPTKNEFIPTNFEILPLEKEATPYPALIKDTAMSKLWFKQDDKFFLPKANLNFEFFSPFAYVDPLH
SNMAYLYLELLKDSLNEYAYAAELAGLSYDLQNTIYGMYLSVKGYNDKQPILLKKIIEKMATFEIDEKRFEIIKEAYMRS
LNNFRAEQPHQHAMYYLRLLMTEVAWTKDELKEALDDVTLPRLKAFIPQLLSRLHIEALLHGNITKQAALGIMQMVEDTL
IEHAHTKPLLPSQLVRYREVQLPDRGWFVYQQRNEVHNNSGIEIYYQTDMQSTSENMFLELFAQIISEPAFNTLRTKEQL
GYIVFSGPRRANGIQGLRFIIQSEKPPHYLESRVEAFLITMEKSIEDMTEEAFQKHIQALAIRRLDKPKKLSAESAKYWG
EIISQQYNFDRDNTEVAYLKTLTKEDIIKFYKEMLAVDAPRRHKVSVHVLAREMDSNPVVGEFPAQNDINLSQAPALPQP
EVIQNMTEFKRGLPLFPLVKPHINFMAAKL
;
A,B
2 'polypeptide(L)' SLRRSSCFGGRMDRIGAQSGLGCNSFRY C,D
#
# COMPACT_ATOMS: atom_id res chain seq x y z
N ASN A 15 17.09 35.21 -1.24
CA ASN A 15 18.55 34.92 -1.28
C ASN A 15 19.04 34.47 -2.66
N PRO A 16 20.10 35.12 -3.18
CA PRO A 16 20.66 34.85 -4.51
C PRO A 16 21.63 33.66 -4.59
N ALA A 17 22.14 33.20 -3.43
CA ALA A 17 23.07 32.09 -3.38
C ALA A 17 22.36 30.72 -3.40
N ILE A 18 21.05 30.74 -3.16
CA ILE A 18 20.21 29.55 -3.18
C ILE A 18 19.28 29.63 -4.39
N LYS A 19 19.35 28.64 -5.28
CA LYS A 19 18.51 28.65 -6.48
C LYS A 19 17.09 28.16 -6.20
N ARG A 20 16.98 27.07 -5.44
CA ARG A 20 15.68 26.50 -5.10
C ARG A 20 15.69 25.94 -3.68
N ILE A 21 14.56 26.07 -3.00
CA ILE A 21 14.43 25.57 -1.63
C ILE A 21 13.14 24.77 -1.45
N GLY A 22 13.29 23.49 -1.14
CA GLY A 22 12.15 22.62 -0.94
C GLY A 22 12.06 22.09 0.48
N ASN A 23 10.96 22.40 1.16
CA ASN A 23 10.75 21.95 2.52
C ASN A 23 9.69 20.87 2.63
N HIS A 24 10.12 19.62 2.60
CA HIS A 24 9.21 18.48 2.69
C HIS A 24 10.64 18.02 2.43
N ILE A 25 10.92 16.77 2.77
CA ILE A 25 11.63 15.57 2.34
C ILE A 25 10.54 14.80 3.09
N THR A 26 9.85 13.92 2.38
CA THR A 26 9.13 12.74 2.84
C THR A 26 10.03 11.84 3.67
N LYS A 27 9.72 11.72 4.96
CA LYS A 27 10.50 10.89 5.87
C LYS A 27 9.60 9.88 6.58
N SER A 28 10.21 9.04 7.41
CA SER A 28 9.47 8.03 8.14
C SER A 28 8.70 8.66 9.30
N PRO A 29 7.48 8.16 9.58
CA PRO A 29 6.65 8.68 10.67
C PRO A 29 7.36 8.70 12.04
N GLU A 30 8.29 7.76 12.25
CA GLU A 30 9.00 7.62 13.52
C GLU A 30 10.25 8.50 13.59
N ASP A 31 10.69 8.99 12.44
CA ASP A 31 11.91 9.78 12.32
C ASP A 31 11.71 11.14 12.96
N LYS A 32 12.43 11.38 14.05
CA LYS A 32 12.31 12.62 14.83
C LYS A 32 13.17 13.76 14.29
N ARG A 33 14.18 13.43 13.49
CA ARG A 33 15.05 14.42 12.87
C ARG A 33 14.31 15.26 11.84
N GLU A 34 14.87 16.43 11.54
CA GLU A 34 14.25 17.35 10.59
C GLU A 34 15.13 17.63 9.38
N TYR A 35 14.48 17.83 8.25
CA TYR A 35 15.14 17.81 6.95
C TYR A 35 14.76 19.00 6.07
N ARG A 36 15.75 19.53 5.35
CA ARG A 36 15.54 20.56 4.32
C ARG A 36 16.48 20.31 3.14
N GLY A 37 15.89 20.16 1.96
CA GLY A 37 16.65 19.99 0.72
C GLY A 37 16.92 21.34 0.07
N LEU A 38 18.02 21.43 -0.69
CA LEU A 38 18.49 22.68 -1.30
C LEU A 38 19.16 22.43 -2.63
N GLU A 39 19.04 23.40 -3.53
CA GLU A 39 19.82 23.43 -4.77
C GLU A 39 20.47 24.80 -4.80
N LEU A 40 21.79 24.83 -4.68
CA LEU A 40 22.54 26.09 -4.64
C LEU A 40 22.63 26.78 -6.01
N ALA A 41 23.13 28.01 -6.03
CA ALA A 41 23.24 28.78 -7.27
C ALA A 41 24.28 28.17 -8.20
N ASN A 42 25.33 27.63 -7.60
CA ASN A 42 26.40 26.96 -8.34
C ASN A 42 26.04 25.55 -8.85
N GLY A 43 24.91 25.00 -8.39
CA GLY A 43 24.43 23.71 -8.88
C GLY A 43 24.48 22.57 -7.86
N ILE A 44 24.99 22.86 -6.66
CA ILE A 44 25.16 21.84 -5.65
C ILE A 44 23.83 21.46 -5.00
N LYS A 45 23.51 20.16 -5.04
CA LYS A 45 22.32 19.61 -4.39
C LYS A 45 22.69 19.30 -2.94
N VAL A 46 21.87 19.79 -2.01
CA VAL A 46 22.17 19.73 -0.57
C VAL A 46 21.00 19.14 0.23
N LEU A 47 21.35 18.31 1.23
CA LEU A 47 20.41 17.91 2.28
C LEU A 47 20.97 18.27 3.65
N LEU A 48 20.13 18.91 4.46
CA LEU A 48 20.50 19.21 5.83
C LEU A 48 19.63 18.39 6.78
N ILE A 49 20.28 17.82 7.79
CA ILE A 49 19.61 17.03 8.81
C ILE A 49 19.83 17.69 10.16
N SER A 50 18.74 18.11 10.79
CA SER A 50 18.81 18.74 12.09
C SER A 50 18.38 17.74 13.16
N ASP A 51 19.34 17.36 13.99
CA ASP A 51 19.09 16.42 15.07
C ASP A 51 19.66 16.99 16.36
N PRO A 52 18.81 17.72 17.11
CA PRO A 52 19.23 18.38 18.35
C PRO A 52 19.83 17.44 19.40
N THR A 53 19.79 16.13 19.17
CA THR A 53 20.22 15.14 20.17
C THR A 53 21.57 14.45 19.91
N THR A 54 22.07 14.51 18.66
CA THR A 54 23.33 13.83 18.32
C THR A 54 24.52 14.31 19.15
N ASP A 55 25.43 13.40 19.48
CA ASP A 55 26.69 13.79 20.09
C ASP A 55 27.72 14.02 19.01
N LYS A 56 27.43 13.49 17.83
CA LYS A 56 28.30 13.65 16.68
C LYS A 56 27.57 14.25 15.50
N SER A 57 28.12 15.36 15.01
CA SER A 57 27.72 15.93 13.74
C SER A 57 28.58 15.29 12.66
N SER A 58 28.17 15.42 11.41
CA SER A 58 28.95 14.86 10.32
C SER A 58 28.58 15.56 9.02
N ALA A 59 29.41 15.37 8.00
CA ALA A 59 29.12 15.85 6.66
C ALA A 59 29.75 14.97 5.61
N ALA A 60 29.17 15.01 4.42
CA ALA A 60 29.70 14.26 3.31
C ALA A 60 29.50 15.01 1.99
N LEU A 61 30.43 14.78 1.06
CA LEU A 61 30.30 15.30 -0.27
C LEU A 61 30.56 14.18 -1.26
N ASP A 62 29.62 14.00 -2.17
CA ASP A 62 29.78 13.05 -3.26
C ASP A 62 29.92 13.79 -4.56
N VAL A 63 30.97 13.44 -5.31
CA VAL A 63 31.24 14.03 -6.62
C VAL A 63 30.94 12.99 -7.66
N HIS A 64 30.12 13.32 -8.65
CA HIS A 64 29.71 12.31 -9.64
C HIS A 64 30.78 11.99 -10.69
N ILE A 65 32.01 11.81 -10.24
CA ILE A 65 33.11 11.45 -11.11
C ILE A 65 33.97 10.42 -10.39
N GLY A 66 34.32 9.35 -11.09
CA GLY A 66 35.12 8.30 -10.49
C GLY A 66 36.24 7.81 -11.39
N SER A 67 36.66 6.58 -11.16
CA SER A 67 37.79 6.02 -11.88
C SER A 67 37.49 5.76 -13.36
N LEU A 68 36.21 5.60 -13.70
CA LEU A 68 35.79 5.42 -15.09
C LEU A 68 36.13 6.62 -15.98
N SER A 69 36.62 7.71 -15.35
CA SER A 69 37.01 8.92 -16.05
C SER A 69 38.51 9.17 -16.00
N ASP A 70 39.27 8.16 -15.57
CA ASP A 70 40.73 8.27 -15.53
C ASP A 70 41.30 8.35 -16.94
N PRO A 71 42.27 9.26 -17.16
CA PRO A 71 43.03 9.30 -18.41
C PRO A 71 43.53 7.90 -18.76
N PRO A 72 43.33 7.47 -20.03
CA PRO A 72 43.74 6.12 -20.45
C PRO A 72 45.20 5.80 -20.14
N ASN A 73 46.05 6.83 -20.10
CA ASN A 73 47.48 6.66 -19.85
C ASN A 73 47.90 6.90 -18.40
N ILE A 74 46.95 7.21 -17.52
CA ILE A 74 47.25 7.29 -16.08
C ILE A 74 46.15 6.62 -15.24
N ALA A 75 46.19 5.28 -15.19
CA ALA A 75 45.26 4.50 -14.40
C ALA A 75 45.27 4.95 -12.94
N GLY A 76 44.11 5.03 -12.31
CA GLY A 76 44.04 5.29 -10.88
C GLY A 76 44.21 6.73 -10.44
N LEU A 77 44.01 7.69 -11.36
CA LEU A 77 44.21 9.11 -11.07
C LEU A 77 43.18 9.60 -10.07
N SER A 78 41.91 9.38 -10.39
CA SER A 78 40.79 9.66 -9.48
C SER A 78 40.99 9.09 -8.07
N HIS A 79 41.47 7.85 -7.98
CA HIS A 79 41.76 7.21 -6.69
C HIS A 79 42.88 7.95 -5.96
N PHE A 80 43.98 8.19 -6.67
CA PHE A 80 45.12 8.95 -6.18
C PHE A 80 44.71 10.35 -5.70
N LEU A 81 43.94 11.07 -6.51
CA LEU A 81 43.46 12.40 -6.17
C LEU A 81 42.67 12.39 -4.85
N GLN A 82 41.84 11.36 -4.70
CA GLN A 82 41.10 11.12 -3.46
C GLN A 82 42.02 11.00 -2.24
N HIS A 83 43.13 10.26 -2.36
CA HIS A 83 44.10 10.19 -1.27
C HIS A 83 44.74 11.55 -0.98
N MET A 84 45.05 12.29 -2.03
CA MET A 84 45.78 13.55 -1.92
C MET A 84 45.03 14.70 -1.23
N LEU A 85 43.71 14.75 -1.37
CA LEU A 85 42.92 15.87 -0.83
C LEU A 85 42.98 15.99 0.69
N PHE A 86 43.44 14.92 1.35
CA PHE A 86 43.54 14.86 2.80
C PHE A 86 44.79 15.57 3.32
N LEU A 87 45.74 15.76 2.41
CA LEU A 87 47.10 16.09 2.73
C LEU A 87 47.48 17.58 2.65
N GLY A 88 46.50 18.46 2.70
CA GLY A 88 46.83 19.89 2.77
C GLY A 88 46.13 20.79 1.78
N THR A 89 45.93 22.02 2.22
CA THR A 89 45.02 22.95 1.57
C THR A 89 45.61 24.37 1.65
N LYS A 90 45.09 25.33 0.90
CA LYS A 90 45.59 26.71 1.03
C LYS A 90 45.28 27.32 2.39
N LYS A 91 44.00 27.37 2.76
CA LYS A 91 43.60 27.86 4.08
C LYS A 91 44.29 27.08 5.22
N TYR A 92 44.50 25.79 5.01
CA TYR A 92 45.12 24.90 6.01
C TYR A 92 46.22 24.04 5.37
N PRO A 93 47.46 24.58 5.35
CA PRO A 93 48.54 23.89 4.62
C PRO A 93 49.29 22.80 5.39
N LYS A 94 49.11 22.76 6.71
CA LYS A 94 49.74 21.74 7.54
C LYS A 94 49.19 20.38 7.10
N GLU A 95 50.10 19.50 6.67
CA GLU A 95 49.73 18.29 5.94
C GLU A 95 48.62 17.46 6.59
N ASN A 96 48.76 17.25 7.90
CA ASN A 96 47.79 16.48 8.68
C ASN A 96 46.86 17.36 9.52
N GLU A 97 46.71 18.64 9.16
CA GLU A 97 45.83 19.53 9.92
C GLU A 97 44.44 18.93 10.07
N TYR A 98 43.95 18.35 8.97
CA TYR A 98 42.62 17.75 8.91
C TYR A 98 42.47 16.52 9.83
N SER A 99 43.34 15.52 9.70
CA SER A 99 43.29 14.34 10.57
C SER A 99 43.47 14.69 12.03
N GLN A 100 44.46 15.55 12.31
CA GLN A 100 44.71 16.00 13.68
C GLN A 100 43.51 16.71 14.29
N PHE A 101 42.89 17.62 13.55
CA PHE A 101 41.72 18.34 14.05
C PHE A 101 40.61 17.40 14.47
N LEU A 102 40.31 16.42 13.61
CA LEU A 102 39.25 15.46 13.89
C LEU A 102 39.61 14.58 15.07
N SER A 103 40.87 14.18 15.15
CA SER A 103 41.36 13.37 16.24
C SER A 103 41.25 14.07 17.60
N GLU A 104 41.51 15.36 17.62
CA GLU A 104 41.49 16.13 18.87
C GLU A 104 40.08 16.56 19.28
N HIS A 105 39.10 16.27 18.42
CA HIS A 105 37.70 16.60 18.69
C HIS A 105 36.78 15.40 18.48
N ALA A 106 37.31 14.21 18.77
CA ALA A 106 36.53 12.97 18.77
C ALA A 106 35.92 12.63 17.40
N GLY A 107 36.62 13.00 16.34
CA GLY A 107 36.11 12.81 14.98
C GLY A 107 36.86 11.75 14.22
N SER A 108 36.35 11.39 13.06
CA SER A 108 37.02 10.43 12.19
C SER A 108 36.61 10.73 10.76
N SER A 109 37.48 10.42 9.80
CA SER A 109 37.19 10.69 8.40
C SER A 109 37.65 9.56 7.49
N ASN A 110 36.99 9.46 6.34
CA ASN A 110 37.38 8.48 5.34
C ASN A 110 36.72 8.79 4.00
N ALA A 111 37.14 8.07 2.96
CA ALA A 111 36.68 8.33 1.62
C ALA A 111 36.82 7.08 0.77
N PHE A 112 36.01 6.99 -0.29
CA PHE A 112 36.16 5.94 -1.29
C PHE A 112 35.93 6.46 -2.70
N THR A 113 36.54 5.76 -3.66
CA THR A 113 36.44 6.09 -5.07
C THR A 113 35.79 4.91 -5.76
N SER A 114 34.76 5.16 -6.56
CA SER A 114 34.12 4.10 -7.31
C SER A 114 34.15 4.49 -8.79
N GLY A 115 33.47 3.71 -9.63
CA GLY A 115 33.46 3.93 -11.08
C GLY A 115 33.03 5.32 -11.50
N GLU A 116 31.97 5.83 -10.88
CA GLU A 116 31.46 7.17 -11.20
C GLU A 116 31.18 8.03 -9.98
N HIS A 117 31.78 7.69 -8.84
CA HIS A 117 31.56 8.47 -7.63
C HIS A 117 32.81 8.61 -6.79
N THR A 118 32.98 9.78 -6.19
CA THR A 118 34.01 9.98 -5.19
C THR A 118 33.38 10.63 -3.99
N ASN A 119 33.43 9.91 -2.88
CA ASN A 119 32.66 10.21 -1.69
C ASN A 119 33.59 10.47 -0.51
N TYR A 120 33.40 11.63 0.13
CA TYR A 120 34.23 12.03 1.27
C TYR A 120 33.34 12.30 2.46
N TYR A 121 33.72 11.82 3.62
CA TYR A 121 32.88 11.97 4.79
C TYR A 121 33.68 12.07 6.06
N PHE A 122 33.10 12.70 7.06
CA PHE A 122 33.69 12.80 8.37
C PHE A 122 32.61 12.88 9.42
N ASP A 123 32.95 12.52 10.66
CA ASP A 123 32.17 12.94 11.82
C ASP A 123 33.06 13.64 12.83
N VAL A 124 32.44 14.40 13.73
CA VAL A 124 33.13 15.13 14.77
C VAL A 124 32.15 15.47 15.88
N SER A 125 32.67 15.69 17.08
CA SER A 125 31.90 16.20 18.21
C SER A 125 30.94 17.28 17.72
N HIS A 126 29.66 17.15 18.09
CA HIS A 126 28.61 18.04 17.60
C HIS A 126 28.96 19.52 17.78
N GLU A 127 29.74 19.83 18.80
CA GLU A 127 30.15 21.20 19.10
C GLU A 127 31.06 21.84 18.04
N HIS A 128 31.77 21.01 17.27
CA HIS A 128 32.82 21.52 16.37
C HIS A 128 32.54 21.30 14.88
N LEU A 129 31.25 21.30 14.52
CA LEU A 129 30.85 21.12 13.13
C LEU A 129 31.48 22.16 12.20
N GLU A 130 31.45 23.44 12.60
CA GLU A 130 31.91 24.49 11.70
C GLU A 130 33.40 24.41 11.38
N GLY A 131 34.21 24.20 12.43
CA GLY A 131 35.66 24.07 12.27
C GLY A 131 36.01 22.94 11.34
N ALA A 132 35.34 21.79 11.51
CA ALA A 132 35.60 20.60 10.71
C ALA A 132 35.10 20.76 9.30
N LEU A 133 33.90 21.31 9.14
CA LEU A 133 33.29 21.50 7.83
C LEU A 133 34.11 22.46 6.97
N ASP A 134 34.66 23.47 7.62
CA ASP A 134 35.49 24.46 6.96
C ASP A 134 36.74 23.81 6.38
N ARG A 135 37.48 23.07 7.20
CA ARG A 135 38.68 22.35 6.75
C ARG A 135 38.37 21.36 5.63
N PHE A 136 37.13 20.86 5.65
CA PHE A 136 36.62 19.90 4.68
C PHE A 136 36.25 20.57 3.36
N ALA A 137 35.58 21.72 3.43
CA ALA A 137 35.15 22.46 2.24
C ALA A 137 36.34 22.80 1.35
N GLN A 138 37.47 23.09 1.98
CA GLN A 138 38.72 23.43 1.33
C GLN A 138 39.26 22.36 0.36
N PHE A 139 38.96 21.09 0.64
CA PHE A 139 39.33 19.95 -0.23
C PHE A 139 38.88 20.22 -1.66
N PHE A 140 37.86 21.06 -1.79
CA PHE A 140 37.13 21.26 -3.04
C PHE A 140 37.34 22.66 -3.59
N LEU A 141 38.16 23.44 -2.88
CA LEU A 141 38.52 24.78 -3.32
C LEU A 141 39.99 24.86 -3.72
N SER A 142 40.89 24.59 -2.76
CA SER A 142 42.33 24.81 -2.95
C SER A 142 43.26 23.68 -2.46
N PRO A 143 43.12 22.47 -3.02
CA PRO A 143 44.06 21.42 -2.62
C PRO A 143 45.49 21.77 -3.04
N LEU A 144 46.44 21.58 -2.13
CA LEU A 144 47.85 21.81 -2.41
C LEU A 144 48.39 20.85 -3.47
N PHE A 145 48.18 19.56 -3.27
CA PHE A 145 48.90 18.51 -3.99
C PHE A 145 50.41 18.72 -3.85
N ASP A 146 50.87 18.83 -2.61
CA ASP A 146 52.30 19.01 -2.33
C ASP A 146 53.13 17.99 -3.10
N GLU A 147 54.19 18.47 -3.73
CA GLU A 147 55.08 17.63 -4.53
C GLU A 147 55.66 16.46 -3.74
N SER A 148 56.19 16.75 -2.56
CA SER A 148 56.84 15.73 -1.73
C SER A 148 55.83 14.79 -1.05
N ALA A 149 54.64 15.31 -0.77
CA ALA A 149 53.54 14.51 -0.23
C ALA A 149 53.04 13.50 -1.26
N LYS A 150 53.04 13.93 -2.52
CA LYS A 150 52.65 13.09 -3.64
C LYS A 150 53.60 11.90 -3.85
N ASP A 151 54.89 12.12 -3.62
CA ASP A 151 55.90 11.06 -3.79
C ASP A 151 55.80 10.02 -2.70
N ARG A 152 55.33 10.43 -1.53
CA ARG A 152 55.17 9.52 -0.41
C ARG A 152 53.87 8.73 -0.56
N GLU A 153 52.76 9.45 -0.72
CA GLU A 153 51.42 8.83 -0.76
C GLU A 153 51.15 7.90 -1.96
N VAL A 154 52.01 7.92 -2.98
CA VAL A 154 51.89 6.94 -4.07
C VAL A 154 52.05 5.54 -3.51
N ASN A 155 52.95 5.41 -2.52
CA ASN A 155 53.25 4.14 -1.89
C ASN A 155 52.06 3.58 -1.12
N ALA A 156 51.27 4.47 -0.54
CA ALA A 156 50.04 4.07 0.15
C ALA A 156 49.10 3.40 -0.85
N VAL A 157 48.87 4.05 -1.99
CA VAL A 157 48.08 3.49 -3.08
C VAL A 157 48.69 2.17 -3.58
N ASP A 158 49.99 2.15 -3.85
CA ASP A 158 50.68 0.93 -4.32
C ASP A 158 50.48 -0.23 -3.36
N SER A 159 50.59 0.08 -2.07
CA SER A 159 50.34 -0.84 -0.97
C SER A 159 48.91 -1.36 -0.96
N GLU A 160 47.94 -0.48 -1.25
CA GLU A 160 46.55 -0.86 -1.28
C GLU A 160 46.33 -1.88 -2.39
N HIS A 161 46.85 -1.59 -3.57
CA HIS A 161 46.78 -2.54 -4.67
C HIS A 161 47.50 -3.84 -4.30
N GLU A 162 48.61 -3.72 -3.58
CA GLU A 162 49.38 -4.90 -3.22
C GLU A 162 48.62 -5.87 -2.30
N LYS A 163 47.92 -5.34 -1.29
CA LYS A 163 47.10 -6.18 -0.42
C LYS A 163 45.98 -6.86 -1.22
N ASN A 164 45.68 -6.34 -2.40
CA ASN A 164 44.58 -6.82 -3.24
C ASN A 164 44.98 -7.86 -4.27
N VAL A 165 46.24 -7.82 -4.70
CA VAL A 165 46.72 -8.68 -5.78
C VAL A 165 46.32 -10.15 -5.57
N MET A 166 46.56 -10.67 -4.37
CA MET A 166 46.31 -12.08 -4.07
C MET A 166 44.91 -12.41 -3.52
N ASN A 167 44.00 -11.44 -3.58
CA ASN A 167 42.62 -11.62 -3.12
C ASN A 167 41.71 -11.99 -4.28
N ASP A 168 41.03 -13.13 -4.16
CA ASP A 168 40.25 -13.71 -5.27
C ASP A 168 39.11 -12.84 -5.78
N ALA A 169 38.48 -12.08 -4.89
CA ALA A 169 37.34 -11.24 -5.27
C ALA A 169 37.77 -10.12 -6.22
N TRP A 170 38.92 -9.49 -5.92
CA TRP A 170 39.45 -8.42 -6.77
C TRP A 170 39.94 -8.93 -8.14
N ARG A 171 40.62 -10.07 -8.17
CA ARG A 171 41.12 -10.62 -9.44
C ARG A 171 39.96 -10.90 -10.39
N LEU A 172 38.89 -11.47 -9.83
CA LEU A 172 37.62 -11.68 -10.54
C LEU A 172 36.98 -10.38 -10.98
N PHE A 173 36.96 -9.41 -10.07
CA PHE A 173 36.42 -8.09 -10.35
C PHE A 173 37.10 -7.52 -11.60
N GLN A 174 38.43 -7.56 -11.63
CA GLN A 174 39.19 -7.02 -12.75
C GLN A 174 39.16 -7.92 -13.98
N LEU A 175 39.03 -9.23 -13.78
CA LEU A 175 38.97 -10.18 -14.88
C LEU A 175 37.74 -10.00 -15.77
N GLU A 176 36.60 -9.66 -15.16
CA GLU A 176 35.41 -9.32 -15.94
C GLU A 176 35.71 -8.15 -16.89
N LYS A 177 36.36 -7.11 -16.37
CA LYS A 177 36.73 -5.95 -17.19
C LYS A 177 37.67 -6.32 -18.33
N ALA A 178 38.66 -7.16 -18.04
CA ALA A 178 39.64 -7.63 -19.02
C ALA A 178 39.03 -8.48 -20.16
N THR A 179 37.81 -8.94 -20.01
CA THR A 179 37.22 -9.87 -20.98
C THR A 179 36.08 -9.28 -21.81
N GLY A 180 35.81 -7.99 -21.61
CA GLY A 180 34.86 -7.26 -22.46
C GLY A 180 35.63 -6.31 -23.35
N ASN A 181 34.92 -5.45 -24.07
CA ASN A 181 35.53 -4.50 -24.99
C ASN A 181 36.74 -3.78 -24.38
N PRO A 182 37.95 -3.95 -24.98
CA PRO A 182 39.12 -3.22 -24.46
C PRO A 182 39.00 -1.72 -24.64
N LYS A 183 38.20 -1.31 -25.63
CA LYS A 183 37.96 0.11 -25.93
C LYS A 183 37.04 0.80 -24.92
N HIS A 184 36.26 0.04 -24.18
CA HIS A 184 35.32 0.58 -23.20
C HIS A 184 36.05 1.02 -21.93
N PRO A 185 35.69 2.20 -21.38
CA PRO A 185 36.28 2.67 -20.11
C PRO A 185 36.02 1.72 -18.94
N PHE A 186 35.28 0.64 -19.20
CA PHE A 186 35.00 -0.38 -18.20
C PHE A 186 36.24 -1.22 -17.97
N SER A 187 37.08 -1.35 -19.00
CA SER A 187 38.28 -2.20 -18.93
C SER A 187 39.38 -1.60 -18.06
N LYS A 188 39.20 -0.34 -17.68
CA LYS A 188 40.22 0.39 -16.94
C LYS A 188 40.51 -0.23 -15.59
N PHE A 189 41.77 -0.11 -15.19
CA PHE A 189 42.24 -0.50 -13.87
C PHE A 189 42.05 0.70 -12.94
N GLY A 190 41.22 0.54 -11.92
CA GLY A 190 40.80 1.65 -11.07
C GLY A 190 41.67 2.05 -9.89
N THR A 191 42.36 1.08 -9.29
CA THR A 191 43.14 1.34 -8.07
C THR A 191 44.38 2.18 -8.37
N GLY A 192 45.10 1.76 -9.41
CA GLY A 192 46.38 2.37 -9.74
C GLY A 192 47.46 1.81 -8.82
N ASN A 193 48.71 1.99 -9.23
CA ASN A 193 49.87 1.58 -8.44
C ASN A 193 51.12 2.40 -8.79
N LYS A 194 52.25 2.01 -8.21
CA LYS A 194 53.51 2.73 -8.37
C LYS A 194 53.90 2.89 -9.84
N TYR A 195 53.71 1.82 -10.62
CA TYR A 195 54.04 1.83 -12.03
C TYR A 195 53.11 2.83 -12.72
N THR A 196 51.83 2.66 -12.47
CA THR A 196 50.76 3.43 -13.10
C THR A 196 50.84 4.94 -12.87
N LEU A 197 51.17 5.32 -11.64
CA LEU A 197 51.03 6.69 -11.15
C LEU A 197 52.37 7.37 -10.92
N GLU A 198 53.46 6.66 -11.22
CA GLU A 198 54.77 7.26 -11.07
C GLU A 198 55.75 6.80 -12.13
N THR A 199 56.04 5.50 -12.16
CA THR A 199 57.07 4.95 -13.03
C THR A 199 56.76 5.13 -14.52
N ARG A 200 55.61 4.65 -14.97
CA ARG A 200 55.22 4.83 -16.39
C ARG A 200 55.13 6.31 -16.79
N PRO A 201 54.48 7.16 -15.95
CA PRO A 201 54.39 8.58 -16.29
C PRO A 201 55.72 9.34 -16.38
N ASN A 202 56.70 9.00 -15.56
CA ASN A 202 58.00 9.66 -15.68
C ASN A 202 58.70 9.27 -16.98
N GLN A 203 58.56 8.00 -17.34
CA GLN A 203 59.12 7.48 -18.57
C GLN A 203 58.45 8.13 -19.78
N GLU A 204 57.12 8.27 -19.71
CA GLU A 204 56.32 8.84 -20.80
C GLU A 204 56.43 10.36 -20.85
N GLY A 205 57.13 10.96 -19.88
CA GLY A 205 57.32 12.40 -19.82
C GLY A 205 56.24 13.18 -19.09
N ILE A 206 55.23 12.49 -18.57
CA ILE A 206 54.11 13.11 -17.83
C ILE A 206 54.52 13.69 -16.46
N ASP A 207 53.83 14.75 -16.02
CA ASP A 207 54.01 15.34 -14.69
C ASP A 207 52.70 15.18 -13.92
N VAL A 208 52.66 14.25 -12.96
CA VAL A 208 51.36 13.88 -12.37
C VAL A 208 50.71 14.94 -11.48
N ARG A 209 51.51 15.79 -10.83
CA ARG A 209 50.94 16.86 -10.02
C ARG A 209 50.07 17.77 -10.88
N GLN A 210 50.58 18.09 -12.07
CA GLN A 210 49.86 18.87 -13.07
C GLN A 210 48.57 18.14 -13.42
N GLU A 211 48.69 16.83 -13.65
CA GLU A 211 47.54 15.98 -14.00
C GLU A 211 46.47 15.89 -12.90
N LEU A 212 46.91 15.71 -11.66
CA LEU A 212 46.01 15.78 -10.52
C LEU A 212 45.27 17.12 -10.56
N LEU A 213 46.03 18.20 -10.74
CA LEU A 213 45.48 19.55 -10.81
C LEU A 213 44.49 19.72 -11.98
N LYS A 214 44.85 19.26 -13.18
CA LYS A 214 43.93 19.32 -14.33
C LYS A 214 42.65 18.56 -14.03
N PHE A 215 42.80 17.36 -13.48
CA PHE A 215 41.67 16.50 -13.23
C PHE A 215 40.76 17.15 -12.20
N HIS A 216 41.36 17.66 -11.14
CA HIS A 216 40.60 18.32 -10.09
C HIS A 216 39.79 19.48 -10.65
N SER A 217 40.45 20.37 -11.39
CA SER A 217 39.78 21.54 -11.94
C SER A 217 38.80 21.22 -13.05
N ALA A 218 39.11 20.24 -13.91
CA ALA A 218 38.19 19.88 -14.98
C ALA A 218 36.91 19.20 -14.47
N TYR A 219 37.04 18.38 -13.42
CA TYR A 219 35.94 17.49 -13.00
C TYR A 219 35.32 17.76 -11.65
N TYR A 220 36.08 18.35 -10.74
CA TYR A 220 35.55 18.66 -9.43
C TYR A 220 34.76 19.96 -9.47
N SER A 221 33.64 19.89 -10.17
CA SER A 221 32.80 21.05 -10.40
C SER A 221 31.50 20.96 -9.60
N SER A 222 30.97 22.12 -9.23
CA SER A 222 29.83 22.18 -8.34
C SER A 222 28.56 21.51 -8.88
N ASN A 223 28.32 21.56 -10.21
CA ASN A 223 27.16 20.89 -10.79
C ASN A 223 27.21 19.36 -10.63
N LEU A 224 28.41 18.85 -10.41
CA LEU A 224 28.59 17.41 -10.22
C LEU A 224 28.62 16.96 -8.75
N MET A 225 28.32 17.87 -7.83
CA MET A 225 28.46 17.61 -6.38
C MET A 225 27.15 17.59 -5.62
N ALA A 226 27.05 16.68 -4.65
CA ALA A 226 25.97 16.67 -3.67
C ALA A 226 26.58 16.77 -2.28
N VAL A 227 25.90 17.46 -1.37
CA VAL A 227 26.42 17.68 -0.01
C VAL A 227 25.36 17.37 1.04
N VAL A 228 25.77 16.66 2.10
CA VAL A 228 24.89 16.41 3.24
C VAL A 228 25.54 16.84 4.56
N VAL A 229 24.82 17.67 5.30
CA VAL A 229 25.27 18.13 6.61
C VAL A 229 24.25 17.78 7.70
N LEU A 230 24.74 17.13 8.75
CA LEU A 230 23.93 16.77 9.90
C LEU A 230 24.53 17.36 11.16
N GLY A 231 23.68 17.99 11.95
CA GLY A 231 24.12 18.58 13.21
C GLY A 231 22.95 18.91 14.10
N ARG A 232 23.26 19.48 15.25
CA ARG A 232 22.26 19.92 16.23
C ARG A 232 21.59 21.23 15.82
N GLU A 233 22.37 22.12 15.22
CA GLU A 233 21.91 23.42 14.75
C GLU A 233 20.58 23.35 13.99
N SER A 234 19.78 24.40 14.11
CA SER A 234 18.51 24.52 13.39
C SER A 234 18.69 24.37 11.88
N LEU A 235 17.60 24.07 11.18
CA LEU A 235 17.60 24.05 9.72
C LEU A 235 18.05 25.39 9.11
N ASP A 236 17.71 26.50 9.76
CA ASP A 236 18.09 27.82 9.25
C ASP A 236 19.58 28.12 9.41
N ASP A 237 20.16 27.75 10.56
CA ASP A 237 21.60 27.92 10.78
C ASP A 237 22.42 27.01 9.87
N LEU A 238 21.99 25.76 9.74
CA LEU A 238 22.63 24.80 8.85
C LEU A 238 22.67 25.32 7.42
N THR A 239 21.58 25.95 6.99
CA THR A 239 21.47 26.54 5.65
C THR A 239 22.51 27.65 5.43
N ASN A 240 22.65 28.53 6.43
CA ASN A 240 23.62 29.64 6.34
C ASN A 240 25.04 29.11 6.30
N LEU A 241 25.29 28.09 7.12
CA LEU A 241 26.61 27.47 7.24
C LEU A 241 27.08 26.81 5.94
N VAL A 242 26.24 25.95 5.36
CA VAL A 242 26.59 25.30 4.09
C VAL A 242 26.83 26.33 2.98
N VAL A 243 25.98 27.37 2.92
CA VAL A 243 26.11 28.45 1.93
C VAL A 243 27.40 29.26 2.12
N LYS A 244 27.70 29.62 3.36
CA LYS A 244 28.96 30.30 3.66
C LYS A 244 30.16 29.52 3.10
N LEU A 245 30.11 28.19 3.17
CA LEU A 245 31.28 27.38 2.86
C LEU A 245 31.30 26.70 1.48
N PHE A 246 30.16 26.61 0.80
CA PHE A 246 30.09 25.82 -0.44
C PHE A 246 29.64 26.55 -1.71
N SER A 247 29.07 27.74 -1.57
CA SER A 247 28.58 28.49 -2.75
C SER A 247 29.73 29.12 -3.56
N GLU A 248 30.93 29.07 -2.99
CA GLU A 248 32.14 29.56 -3.65
C GLU A 248 32.83 28.49 -4.50
N VAL A 249 32.25 27.29 -4.58
CA VAL A 249 32.78 26.26 -5.46
C VAL A 249 32.36 26.59 -6.90
N GLU A 250 33.34 26.68 -7.79
CA GLU A 250 33.09 27.03 -9.20
C GLU A 250 32.23 26.01 -9.91
N ASN A 251 31.34 26.51 -10.76
CA ASN A 251 30.54 25.68 -11.65
C ASN A 251 31.20 25.66 -13.03
N LYS A 252 31.79 24.52 -13.40
CA LYS A 252 32.42 24.42 -14.71
C LYS A 252 31.47 23.79 -15.73
N ASN A 253 30.20 23.68 -15.33
CA ASN A 253 29.14 23.17 -16.17
C ASN A 253 29.55 21.91 -16.93
N VAL A 254 30.03 20.91 -16.18
CA VAL A 254 30.55 19.68 -16.76
C VAL A 254 29.42 18.72 -17.13
N PRO A 255 29.42 18.20 -18.37
CA PRO A 255 28.42 17.18 -18.71
C PRO A 255 28.73 15.85 -18.01
N LEU A 256 27.68 15.20 -17.50
CA LEU A 256 27.79 13.94 -16.77
C LEU A 256 28.19 12.81 -17.73
N PRO A 257 29.24 12.04 -17.40
CA PRO A 257 29.59 10.90 -18.24
C PRO A 257 28.42 9.90 -18.45
N GLU A 258 28.42 9.28 -19.61
CA GLU A 258 27.31 8.47 -20.07
C GLU A 258 27.96 7.29 -20.79
N PHE A 259 27.60 6.07 -20.41
CA PHE A 259 28.18 4.88 -21.06
C PHE A 259 27.09 4.02 -21.71
N PRO A 260 26.42 4.55 -22.76
CA PRO A 260 25.25 3.90 -23.36
C PRO A 260 25.55 2.57 -24.04
N GLU A 261 26.77 2.42 -24.56
CA GLU A 261 27.18 1.16 -25.16
C GLU A 261 27.68 0.17 -24.10
N HIS A 262 27.19 -1.07 -24.17
CA HIS A 262 27.55 -2.09 -23.19
C HIS A 262 28.96 -2.65 -23.44
N PRO A 263 29.81 -2.68 -22.40
CA PRO A 263 31.14 -3.26 -22.54
C PRO A 263 31.09 -4.69 -23.04
N PHE A 264 29.95 -5.35 -22.85
CA PHE A 264 29.72 -6.66 -23.45
C PHE A 264 28.87 -6.56 -24.72
N GLN A 265 29.54 -6.83 -25.84
CA GLN A 265 28.91 -6.81 -27.16
C GLN A 265 28.75 -8.24 -27.64
N GLU A 266 28.23 -8.41 -28.86
CA GLU A 266 27.91 -9.73 -29.40
C GLU A 266 29.02 -10.77 -29.31
N GLU A 267 30.26 -10.36 -29.46
CA GLU A 267 31.38 -11.29 -29.42
C GLU A 267 31.93 -11.56 -28.01
N HIS A 268 31.33 -10.93 -27.01
CA HIS A 268 31.71 -11.17 -25.62
C HIS A 268 30.66 -12.04 -24.93
N LEU A 269 29.73 -12.57 -25.73
CA LEU A 269 28.64 -13.40 -25.22
C LEU A 269 28.80 -14.82 -25.72
N LYS A 270 28.13 -15.76 -25.05
CA LYS A 270 28.34 -17.21 -25.26
C LYS A 270 29.80 -17.60 -25.03
N GLN A 271 30.41 -16.98 -24.03
CA GLN A 271 31.79 -17.21 -23.69
C GLN A 271 31.91 -17.91 -22.34
N LEU A 272 32.89 -18.78 -22.26
CA LEU A 272 33.13 -19.55 -21.06
C LEU A 272 34.54 -19.23 -20.59
N TYR A 273 34.68 -18.97 -19.29
CA TYR A 273 35.97 -18.66 -18.68
C TYR A 273 36.29 -19.65 -17.59
N LYS A 274 37.48 -20.26 -17.70
CA LYS A 274 37.97 -21.19 -16.70
C LYS A 274 39.13 -20.51 -16.00
N ILE A 275 39.01 -20.39 -14.68
CA ILE A 275 39.84 -19.48 -13.88
C ILE A 275 40.43 -20.19 -12.67
N VAL A 276 41.71 -19.94 -12.41
CA VAL A 276 42.41 -20.52 -11.25
C VAL A 276 42.37 -19.56 -10.04
N PRO A 277 41.70 -19.99 -8.96
CA PRO A 277 41.65 -19.19 -7.74
C PRO A 277 42.98 -19.22 -7.01
N ILE A 278 43.13 -18.39 -5.98
CA ILE A 278 44.27 -18.50 -5.07
C ILE A 278 43.90 -19.44 -3.94
N LYS A 279 42.74 -19.18 -3.33
CA LYS A 279 42.16 -20.08 -2.33
C LYS A 279 41.62 -21.32 -3.02
N ASP A 280 41.39 -22.38 -2.26
CA ASP A 280 40.67 -23.52 -2.79
C ASP A 280 39.17 -23.25 -2.70
N ILE A 281 38.63 -22.70 -3.78
CA ILE A 281 37.22 -22.35 -3.87
C ILE A 281 36.71 -22.80 -5.23
N ARG A 282 35.47 -23.28 -5.26
CA ARG A 282 34.84 -23.67 -6.51
C ARG A 282 33.58 -22.85 -6.68
N ASN A 283 33.56 -21.96 -7.68
CA ASN A 283 32.38 -21.13 -7.94
C ASN A 283 31.97 -21.10 -9.40
N LEU A 284 30.71 -20.74 -9.63
CA LEU A 284 30.19 -20.55 -10.98
C LEU A 284 29.49 -19.19 -11.10
N TYR A 285 29.93 -18.40 -12.08
CA TYR A 285 29.38 -17.07 -12.29
C TYR A 285 28.65 -17.03 -13.61
N VAL A 286 27.36 -16.71 -13.55
CA VAL A 286 26.54 -16.59 -14.76
C VAL A 286 26.12 -15.13 -14.88
N THR A 287 26.33 -14.55 -16.05
CA THR A 287 26.15 -13.12 -16.24
C THR A 287 25.35 -12.84 -17.49
N PHE A 288 24.43 -11.90 -17.39
CA PHE A 288 23.66 -11.45 -18.52
C PHE A 288 23.84 -9.95 -18.57
N PRO A 289 24.26 -9.43 -19.74
CA PRO A 289 24.30 -7.97 -19.87
C PRO A 289 22.87 -7.44 -20.02
N ILE A 290 22.60 -6.31 -19.37
CA ILE A 290 21.29 -5.64 -19.47
C ILE A 290 21.43 -4.11 -19.57
N PRO A 291 20.37 -3.44 -20.04
CA PRO A 291 20.27 -1.97 -20.05
C PRO A 291 20.32 -1.38 -18.65
N ASP A 292 20.57 -0.08 -18.56
CA ASP A 292 20.47 0.59 -17.28
C ASP A 292 19.00 0.60 -16.83
N LEU A 293 18.73 -0.06 -15.70
CA LEU A 293 17.36 -0.12 -15.18
C LEU A 293 17.08 0.96 -14.14
N GLN A 294 18.04 1.85 -13.91
CA GLN A 294 17.90 2.88 -12.88
C GLN A 294 16.67 3.77 -13.10
N LYS A 295 16.41 4.16 -14.34
CA LYS A 295 15.28 5.06 -14.62
C LYS A 295 13.92 4.45 -14.24
N TYR A 296 13.86 3.11 -14.11
CA TYR A 296 12.64 2.42 -13.68
C TYR A 296 12.61 2.14 -12.19
N TYR A 297 13.25 3.00 -11.40
CA TYR A 297 13.48 2.73 -9.98
C TYR A 297 12.23 2.46 -9.15
N LYS A 298 11.08 3.00 -9.59
CA LYS A 298 9.85 2.89 -8.81
C LYS A 298 9.04 1.62 -9.02
N SER A 299 9.31 0.89 -10.10
CA SER A 299 8.78 -0.47 -10.24
C SER A 299 9.84 -1.53 -9.98
N ASN A 300 11.09 -1.17 -10.27
CA ASN A 300 12.26 -2.00 -9.99
C ASN A 300 12.12 -3.41 -10.56
N PRO A 301 12.11 -3.54 -11.91
CA PRO A 301 11.89 -4.88 -12.48
C PRO A 301 12.96 -5.89 -12.04
N GLY A 302 14.22 -5.45 -11.99
CA GLY A 302 15.34 -6.28 -11.59
C GLY A 302 15.28 -6.77 -10.16
N HIS A 303 14.75 -5.94 -9.26
CA HIS A 303 14.55 -6.34 -7.87
C HIS A 303 13.49 -7.44 -7.76
N TYR A 304 12.43 -7.34 -8.55
CA TYR A 304 11.38 -8.37 -8.60
C TYR A 304 11.95 -9.71 -9.06
N LEU A 305 12.67 -9.69 -10.18
CA LEU A 305 13.26 -10.90 -10.76
C LEU A 305 14.40 -11.45 -9.93
N GLY A 306 15.05 -10.56 -9.18
CA GLY A 306 16.15 -10.97 -8.31
C GLY A 306 15.58 -11.68 -7.11
N HIS A 307 14.51 -11.11 -6.56
CA HIS A 307 13.80 -11.71 -5.43
C HIS A 307 13.42 -13.17 -5.68
N LEU A 308 12.96 -13.47 -6.89
CA LEU A 308 12.51 -14.81 -7.24
C LEU A 308 13.65 -15.77 -7.56
N ILE A 309 14.53 -15.35 -8.47
CA ILE A 309 15.69 -16.17 -8.83
C ILE A 309 16.60 -16.36 -7.61
N GLY A 310 16.67 -15.36 -6.74
CA GLY A 310 17.49 -15.43 -5.54
C GLY A 310 16.84 -16.11 -4.36
N HIS A 311 15.55 -16.43 -4.47
CA HIS A 311 14.80 -17.02 -3.37
C HIS A 311 15.40 -18.34 -2.87
N GLU A 312 15.24 -18.63 -1.59
CA GLU A 312 15.82 -19.83 -0.96
C GLU A 312 14.82 -20.78 -0.28
N GLY A 313 13.53 -20.46 -0.36
CA GLY A 313 12.47 -21.28 0.24
C GLY A 313 12.07 -22.48 -0.60
N PRO A 314 11.05 -23.23 -0.15
CA PRO A 314 10.59 -24.40 -0.92
C PRO A 314 10.28 -24.04 -2.38
N GLY A 315 10.70 -24.88 -3.31
CA GLY A 315 10.38 -24.68 -4.72
C GLY A 315 11.37 -23.83 -5.50
N SER A 316 12.31 -23.19 -4.79
CA SER A 316 13.29 -22.30 -5.42
C SER A 316 14.33 -23.04 -6.25
N LEU A 317 15.03 -22.29 -7.11
CA LEU A 317 16.20 -22.78 -7.86
C LEU A 317 17.24 -23.35 -6.91
N LEU A 318 17.55 -22.60 -5.85
CA LEU A 318 18.55 -23.03 -4.90
C LEU A 318 18.20 -24.40 -4.34
N SER A 319 16.94 -24.57 -3.93
CA SER A 319 16.48 -25.82 -3.31
C SER A 319 16.75 -27.05 -4.13
N GLU A 320 16.37 -27.00 -5.41
CA GLU A 320 16.61 -28.12 -6.30
C GLU A 320 18.10 -28.37 -6.46
N LEU A 321 18.84 -27.32 -6.74
CA LEU A 321 20.29 -27.37 -6.93
C LEU A 321 21.01 -27.95 -5.70
N LYS A 322 20.50 -27.63 -4.52
CA LYS A 322 21.07 -28.10 -3.27
C LYS A 322 20.74 -29.57 -3.02
N SER A 323 19.58 -30.01 -3.51
CA SER A 323 19.12 -31.38 -3.32
C SER A 323 19.85 -32.36 -4.22
N LYS A 324 20.26 -31.90 -5.39
CA LYS A 324 21.09 -32.71 -6.26
C LYS A 324 22.52 -32.80 -5.70
N GLY A 325 22.78 -31.99 -4.66
CA GLY A 325 24.09 -31.93 -4.04
C GLY A 325 25.11 -31.27 -4.95
N TRP A 326 24.68 -30.23 -5.65
CA TRP A 326 25.56 -29.53 -6.58
C TRP A 326 26.07 -28.18 -6.06
N VAL A 327 25.33 -27.60 -5.13
CA VAL A 327 25.44 -26.19 -4.78
C VAL A 327 25.19 -26.04 -3.27
N ASN A 328 25.82 -25.04 -2.65
CA ASN A 328 25.49 -24.70 -1.26
C ASN A 328 24.75 -23.37 -1.14
N THR A 329 25.34 -22.35 -1.75
CA THR A 329 24.83 -21.00 -1.69
C THR A 329 24.47 -20.52 -3.10
N LEU A 330 23.58 -19.53 -3.20
CA LEU A 330 23.20 -18.91 -4.48
C LEU A 330 22.93 -17.43 -4.30
N VAL A 331 23.58 -16.60 -5.11
CA VAL A 331 23.24 -15.18 -5.16
C VAL A 331 22.70 -14.85 -6.54
N GLY A 332 21.57 -14.15 -6.60
CA GLY A 332 20.95 -13.79 -7.86
C GLY A 332 20.46 -12.36 -7.86
N GLY A 333 20.30 -11.78 -9.04
CA GLY A 333 19.79 -10.43 -9.15
C GLY A 333 20.66 -9.47 -9.92
N GLN A 334 20.30 -8.18 -9.83
CA GLN A 334 20.93 -7.15 -10.64
C GLN A 334 22.15 -6.55 -9.95
N LYS A 335 23.16 -6.25 -10.75
CA LYS A 335 24.44 -5.73 -10.31
C LYS A 335 24.64 -4.46 -11.13
N GLU A 336 25.09 -3.40 -10.46
CA GLU A 336 25.32 -2.12 -11.13
C GLU A 336 26.52 -2.16 -12.07
N GLY A 337 26.55 -1.23 -13.02
CA GLY A 337 27.69 -1.07 -13.90
C GLY A 337 28.00 0.40 -13.94
N ALA A 338 27.35 1.11 -14.85
CA ALA A 338 27.42 2.56 -14.85
C ALA A 338 26.19 3.17 -15.50
N ARG A 339 26.12 4.50 -15.50
CA ARG A 339 25.10 5.25 -16.21
C ARG A 339 25.18 4.49 -17.53
N GLY A 340 24.06 3.93 -17.97
CA GLY A 340 23.96 3.37 -19.33
C GLY A 340 24.00 1.85 -19.48
N PHE A 341 24.56 1.14 -18.50
CA PHE A 341 24.61 -0.31 -18.55
C PHE A 341 24.63 -1.00 -17.19
N MET A 342 24.11 -2.22 -17.15
CA MET A 342 23.96 -3.00 -15.94
C MET A 342 24.22 -4.47 -16.18
N PHE A 343 24.15 -5.24 -15.11
CA PHE A 343 24.26 -6.70 -15.21
C PHE A 343 23.15 -7.38 -14.45
N PHE A 344 22.79 -8.57 -14.89
CA PHE A 344 21.99 -9.46 -14.08
C PHE A 344 22.85 -10.69 -13.85
N ILE A 345 22.97 -11.10 -12.59
CA ILE A 345 23.82 -12.23 -12.28
C ILE A 345 23.13 -13.37 -11.53
N ILE A 346 23.63 -14.58 -11.76
CA ILE A 346 23.27 -15.74 -10.95
C ILE A 346 24.58 -16.42 -10.59
N ASN A 347 24.96 -16.31 -9.33
CA ASN A 347 26.21 -16.89 -8.85
C ASN A 347 25.96 -17.99 -7.86
N VAL A 348 26.76 -19.03 -7.94
CA VAL A 348 26.55 -20.22 -7.16
C VAL A 348 27.93 -20.75 -6.72
N ASP A 349 28.03 -21.35 -5.53
CA ASP A 349 29.29 -22.05 -5.21
C ASP A 349 29.15 -23.52 -5.65
N LEU A 350 30.25 -24.26 -5.65
CA LEU A 350 30.20 -25.62 -6.20
C LEU A 350 30.69 -26.73 -5.28
N THR A 351 30.06 -27.87 -5.45
CA THR A 351 30.34 -29.11 -4.77
C THR A 351 31.28 -29.86 -5.69
N GLU A 352 32.03 -30.84 -5.17
CA GLU A 352 32.89 -31.66 -6.05
C GLU A 352 32.09 -32.20 -7.24
N GLU A 353 30.94 -32.79 -6.94
CA GLU A 353 29.95 -33.19 -7.93
C GLU A 353 29.46 -32.03 -8.79
N GLY A 354 29.11 -30.92 -8.15
CA GLY A 354 28.67 -29.71 -8.84
C GLY A 354 29.60 -29.28 -9.95
N LEU A 355 30.90 -29.29 -9.66
CA LEU A 355 31.94 -28.94 -10.63
C LEU A 355 31.91 -29.81 -11.89
N LEU A 356 31.62 -31.10 -11.73
CA LEU A 356 31.43 -32.02 -12.84
C LEU A 356 30.09 -31.85 -13.55
N HIS A 357 29.20 -31.02 -13.00
CA HIS A 357 27.83 -30.94 -13.49
C HIS A 357 27.37 -29.52 -13.84
N VAL A 358 28.32 -28.66 -14.20
CA VAL A 358 28.05 -27.25 -14.54
C VAL A 358 27.02 -27.08 -15.66
N GLU A 359 27.13 -27.86 -16.72
CA GLU A 359 26.18 -27.78 -17.82
C GLU A 359 24.74 -28.01 -17.36
N ASP A 360 24.52 -29.01 -16.49
CA ASP A 360 23.19 -29.29 -15.92
C ASP A 360 22.70 -28.18 -14.99
N ILE A 361 23.61 -27.65 -14.16
CA ILE A 361 23.28 -26.56 -13.23
C ILE A 361 22.67 -25.39 -13.99
N ILE A 362 23.30 -25.04 -15.11
CA ILE A 362 22.82 -23.95 -15.94
C ILE A 362 21.47 -24.27 -16.61
N LEU A 363 21.29 -25.53 -17.04
CA LEU A 363 20.01 -25.97 -17.58
C LEU A 363 18.90 -25.67 -16.57
N HIS A 364 19.11 -26.07 -15.33
CA HIS A 364 18.17 -25.80 -14.24
C HIS A 364 17.91 -24.30 -14.07
N MET A 365 18.95 -23.48 -14.19
CA MET A 365 18.80 -22.04 -14.11
C MET A 365 17.84 -21.53 -15.17
N PHE A 366 18.02 -21.99 -16.40
CA PHE A 366 17.15 -21.58 -17.49
C PHE A 366 15.74 -22.17 -17.38
N GLN A 367 15.66 -23.38 -16.83
CA GLN A 367 14.37 -23.99 -16.50
C GLN A 367 13.60 -23.14 -15.52
N TYR A 368 14.28 -22.65 -14.48
CA TYR A 368 13.61 -21.81 -13.50
C TYR A 368 13.15 -20.51 -14.17
N ILE A 369 14.00 -19.94 -15.01
CA ILE A 369 13.65 -18.72 -15.74
C ILE A 369 12.43 -18.99 -16.61
N GLN A 370 12.40 -20.16 -17.25
CA GLN A 370 11.26 -20.60 -18.06
C GLN A 370 9.95 -20.66 -17.27
N LYS A 371 10.02 -21.18 -16.05
CA LYS A 371 8.87 -21.20 -15.15
C LYS A 371 8.29 -19.80 -14.97
N LEU A 372 9.16 -18.80 -14.83
CA LEU A 372 8.71 -17.42 -14.63
C LEU A 372 8.06 -16.87 -15.88
N ARG A 373 8.62 -17.20 -17.05
CA ARG A 373 8.04 -16.82 -18.33
C ARG A 373 6.63 -17.36 -18.46
N ALA A 374 6.46 -18.65 -18.17
CA ALA A 374 5.18 -19.35 -18.30
C ALA A 374 4.08 -18.89 -17.34
N GLU A 375 4.47 -18.37 -16.19
CA GLU A 375 3.50 -17.90 -15.20
C GLU A 375 3.13 -16.45 -15.44
N GLY A 376 4.07 -15.67 -15.96
CA GLY A 376 3.90 -14.22 -16.11
C GLY A 376 3.97 -13.50 -14.77
N PRO A 377 4.34 -12.20 -14.80
CA PRO A 377 4.54 -11.36 -13.62
C PRO A 377 3.46 -11.56 -12.54
N GLN A 378 3.90 -11.84 -11.32
CA GLN A 378 2.97 -12.11 -10.22
C GLN A 378 2.79 -10.89 -9.32
N GLU A 379 1.64 -10.23 -9.48
CA GLU A 379 1.32 -9.02 -8.74
C GLU A 379 1.31 -9.17 -7.22
N TRP A 380 0.86 -10.31 -6.70
CA TRP A 380 0.86 -10.48 -5.24
C TRP A 380 2.27 -10.47 -4.67
N VAL A 381 3.23 -10.98 -5.45
CA VAL A 381 4.63 -10.96 -5.07
C VAL A 381 5.13 -9.52 -4.96
N PHE A 382 4.87 -8.72 -6.00
CA PHE A 382 5.25 -7.31 -6.00
C PHE A 382 4.61 -6.54 -4.84
N GLN A 383 3.32 -6.72 -4.67
CA GLN A 383 2.57 -6.16 -3.56
C GLN A 383 3.15 -6.59 -2.20
N GLU A 384 3.59 -7.84 -2.09
CA GLU A 384 4.19 -8.32 -0.85
C GLU A 384 5.48 -7.56 -0.54
N LEU A 385 6.35 -7.48 -1.56
CA LEU A 385 7.58 -6.67 -1.48
C LEU A 385 7.31 -5.20 -1.16
N LYS A 386 6.29 -4.62 -1.79
CA LYS A 386 5.93 -3.22 -1.56
C LYS A 386 5.63 -2.99 -0.08
N ASP A 387 4.75 -3.83 0.47
CA ASP A 387 4.31 -3.74 1.86
C ASP A 387 5.39 -4.02 2.88
N LEU A 388 6.32 -4.92 2.55
CA LEU A 388 7.46 -5.21 3.44
C LEU A 388 8.38 -4.01 3.55
N ASN A 389 8.73 -3.44 2.39
CA ASN A 389 9.46 -2.19 2.32
C ASN A 389 8.77 -1.08 3.12
N ALA A 390 7.44 -1.01 3.03
CA ALA A 390 6.69 0.01 3.75
C ALA A 390 6.90 -0.08 5.26
N VAL A 391 6.82 -1.29 5.81
CA VAL A 391 7.06 -1.47 7.24
C VAL A 391 8.55 -1.38 7.56
N ALA A 392 9.40 -1.89 6.67
CA ALA A 392 10.85 -1.75 6.84
C ALA A 392 11.19 -0.28 7.07
N PHE A 393 10.71 0.56 6.14
CA PHE A 393 10.93 2.00 6.18
C PHE A 393 10.32 2.67 7.40
N ARG A 394 9.13 2.24 7.82
CA ARG A 394 8.46 2.85 8.97
C ARG A 394 9.31 2.69 10.22
N PHE A 395 9.80 1.47 10.45
CA PHE A 395 10.43 1.11 11.71
C PHE A 395 11.96 0.97 11.62
N LYS A 396 12.58 1.62 10.65
CA LYS A 396 14.02 1.49 10.46
C LYS A 396 14.77 2.05 11.65
N ASP A 397 15.90 1.42 11.95
CA ASP A 397 16.77 1.89 13.03
C ASP A 397 17.34 3.23 12.66
N LYS A 398 17.63 4.05 13.67
CA LYS A 398 18.32 5.30 13.43
C LYS A 398 19.78 5.01 13.06
N GLU A 399 20.16 5.48 11.87
CA GLU A 399 21.49 5.27 11.32
C GLU A 399 22.54 6.10 12.05
N ARG A 400 23.79 5.65 12.01
CA ARG A 400 24.93 6.44 12.48
C ARG A 400 25.10 7.62 11.52
N PRO A 401 25.27 8.84 12.07
CA PRO A 401 25.32 10.06 11.25
C PRO A 401 26.34 10.01 10.11
N ARG A 402 27.53 9.47 10.37
CA ARG A 402 28.61 9.43 9.39
C ARG A 402 28.26 8.64 8.14
N GLY A 403 27.83 7.39 8.33
CA GLY A 403 27.41 6.53 7.22
C GLY A 403 26.16 7.06 6.53
N TYR A 404 25.31 7.73 7.30
CA TYR A 404 24.03 8.24 6.82
C TYR A 404 24.23 9.43 5.88
N THR A 405 25.08 10.38 6.27
CA THR A 405 25.42 11.52 5.40
C THR A 405 26.07 11.04 4.12
N SER A 406 27.10 10.19 4.27
CA SER A 406 27.81 9.59 3.14
C SER A 406 26.86 8.96 2.14
N LYS A 407 26.00 8.05 2.61
CA LYS A 407 25.09 7.32 1.73
C LYS A 407 24.14 8.25 0.97
N ILE A 408 23.53 9.18 1.70
CA ILE A 408 22.59 10.11 1.12
C ILE A 408 23.26 11.04 0.11
N ALA A 409 24.45 11.53 0.45
CA ALA A 409 25.25 12.30 -0.50
C ALA A 409 25.37 11.56 -1.84
N GLY A 410 25.42 10.23 -1.78
CA GLY A 410 25.48 9.41 -2.98
C GLY A 410 24.20 9.39 -3.80
N ILE A 411 23.06 9.28 -3.15
CA ILE A 411 21.77 9.10 -3.85
C ILE A 411 21.10 10.40 -4.31
N LEU A 412 21.54 11.54 -3.77
CA LEU A 412 21.04 12.86 -4.18
C LEU A 412 21.27 13.11 -5.66
N HIS A 413 22.15 12.30 -6.26
CA HIS A 413 22.44 12.36 -7.70
C HIS A 413 21.41 11.62 -8.55
N TYR A 414 20.48 10.92 -7.91
CA TYR A 414 19.55 10.04 -8.63
C TYR A 414 18.11 10.39 -8.37
N TYR A 415 17.86 11.11 -7.29
CA TYR A 415 16.49 11.40 -6.83
C TYR A 415 16.30 12.87 -6.47
N PRO A 416 15.09 13.41 -6.78
CA PRO A 416 14.69 14.75 -6.38
C PRO A 416 14.83 14.91 -4.87
N LEU A 417 15.17 16.11 -4.43
CA LEU A 417 15.42 16.40 -3.01
C LEU A 417 14.36 15.79 -2.08
N GLU A 418 13.10 15.88 -2.50
CA GLU A 418 11.97 15.48 -1.67
C GLU A 418 11.89 13.95 -1.52
N GLU A 419 12.39 13.24 -2.53
CA GLU A 419 12.28 11.78 -2.61
C GLU A 419 13.48 10.96 -2.11
N VAL A 420 14.55 11.61 -1.63
CA VAL A 420 15.81 10.90 -1.30
C VAL A 420 15.74 9.87 -0.16
N LEU A 421 14.97 10.18 0.88
CA LEU A 421 14.91 9.34 2.06
C LEU A 421 14.13 8.07 1.81
N THR A 422 13.18 8.15 0.88
CA THR A 422 12.29 7.04 0.59
C THR A 422 12.75 6.26 -0.62
N ALA A 423 13.54 6.92 -1.47
CA ALA A 423 13.80 6.43 -2.83
C ALA A 423 14.39 5.03 -2.91
N GLU A 424 15.42 4.75 -2.10
CA GLU A 424 15.98 3.41 -2.15
C GLU A 424 15.26 2.33 -1.33
N TYR A 425 13.98 2.57 -1.08
CA TYR A 425 13.23 1.86 -0.05
C TYR A 425 11.84 1.51 -0.51
N LEU A 426 11.20 2.42 -1.24
CA LEU A 426 9.79 2.24 -1.57
C LEU A 426 9.58 2.01 -3.06
N LEU A 427 9.07 0.82 -3.38
CA LEU A 427 8.46 0.49 -4.66
C LEU A 427 7.10 1.17 -4.73
N GLU A 428 6.65 1.47 -5.95
CA GLU A 428 5.37 2.17 -6.13
C GLU A 428 4.40 1.50 -7.09
N GLU A 429 4.70 1.48 -8.37
CA GLU A 429 3.77 0.85 -9.31
C GLU A 429 4.32 -0.44 -9.91
N PHE A 430 3.44 -1.43 -10.05
CA PHE A 430 3.76 -2.71 -10.63
C PHE A 430 3.67 -2.61 -12.15
N ARG A 431 4.81 -2.77 -12.81
CA ARG A 431 4.85 -2.72 -14.27
C ARG A 431 5.23 -4.10 -14.82
N PRO A 432 4.22 -4.96 -15.09
CA PRO A 432 4.43 -6.29 -15.65
C PRO A 432 5.22 -6.28 -16.96
N ASP A 433 5.10 -5.18 -17.71
CA ASP A 433 5.69 -5.06 -19.05
C ASP A 433 7.21 -4.93 -19.02
N LEU A 434 7.72 -4.21 -18.02
CA LEU A 434 9.16 -4.04 -17.85
C LEU A 434 9.78 -5.33 -17.35
N ILE A 435 9.11 -5.97 -16.39
CA ILE A 435 9.56 -7.27 -15.87
C ILE A 435 9.79 -8.23 -17.02
N GLU A 436 8.87 -8.23 -17.99
CA GLU A 436 8.97 -9.09 -19.15
C GLU A 436 10.04 -8.62 -20.13
N MET A 437 10.32 -7.32 -20.14
CA MET A 437 11.41 -6.76 -20.96
C MET A 437 12.79 -7.24 -20.48
N VAL A 438 12.96 -7.33 -19.15
CA VAL A 438 14.21 -7.75 -18.51
C VAL A 438 14.39 -9.26 -18.57
N LEU A 439 13.33 -9.99 -18.25
CA LEU A 439 13.33 -11.45 -18.31
C LEU A 439 13.69 -11.94 -19.70
N ASP A 440 13.27 -11.17 -20.72
CA ASP A 440 13.58 -11.49 -22.11
C ASP A 440 15.08 -11.44 -22.44
N LYS A 441 15.86 -10.75 -21.60
CA LYS A 441 17.31 -10.67 -21.76
C LYS A 441 18.02 -11.86 -21.11
N LEU A 442 17.36 -12.52 -20.17
CA LEU A 442 17.91 -13.69 -19.51
C LEU A 442 17.73 -14.92 -20.40
N ARG A 443 18.54 -15.00 -21.46
CA ARG A 443 18.48 -16.06 -22.46
C ARG A 443 19.88 -16.58 -22.77
N PRO A 444 19.99 -17.85 -23.21
CA PRO A 444 21.30 -18.46 -23.55
C PRO A 444 22.15 -17.70 -24.58
N GLU A 445 21.53 -17.09 -25.60
CA GLU A 445 22.28 -16.29 -26.60
C GLU A 445 22.98 -15.09 -25.98
N ASN A 446 22.67 -14.84 -24.71
CA ASN A 446 23.04 -13.59 -24.07
C ASN A 446 23.89 -13.81 -22.82
N VAL A 447 24.50 -14.99 -22.70
CA VAL A 447 25.13 -15.39 -21.45
C VAL A 447 26.67 -15.48 -21.49
N ARG A 448 27.29 -15.10 -20.37
CA ARG A 448 28.70 -15.39 -20.13
C ARG A 448 28.79 -16.29 -18.91
N VAL A 449 29.68 -17.26 -18.95
CA VAL A 449 29.81 -18.24 -17.88
C VAL A 449 31.26 -18.25 -17.42
N ALA A 450 31.47 -18.16 -16.11
CA ALA A 450 32.81 -18.31 -15.55
C ALA A 450 32.85 -19.43 -14.51
N ILE A 451 33.87 -20.28 -14.60
CA ILE A 451 34.06 -21.32 -13.60
C ILE A 451 35.39 -21.14 -12.88
N VAL A 452 35.35 -21.14 -11.56
CA VAL A 452 36.56 -20.93 -10.76
C VAL A 452 36.89 -22.20 -9.96
N SER A 453 38.08 -22.75 -10.18
CA SER A 453 38.48 -24.02 -9.55
C SER A 453 39.97 -24.29 -9.69
N LYS A 454 40.54 -24.98 -8.71
CA LYS A 454 41.95 -25.36 -8.73
C LYS A 454 42.28 -26.42 -9.77
N SER A 455 41.25 -27.06 -10.29
CA SER A 455 41.39 -28.12 -11.29
C SER A 455 41.75 -27.58 -12.67
N PHE A 456 41.90 -26.26 -12.77
CA PHE A 456 42.35 -25.66 -14.02
C PHE A 456 43.82 -25.30 -13.94
N GLU A 457 44.42 -25.54 -12.76
CA GLU A 457 45.84 -25.29 -12.52
C GLU A 457 46.68 -25.97 -13.62
N GLY A 458 47.51 -25.18 -14.30
CA GLY A 458 48.34 -25.66 -15.40
C GLY A 458 47.61 -26.04 -16.68
N LYS A 459 46.34 -25.66 -16.80
CA LYS A 459 45.54 -26.01 -17.99
C LYS A 459 44.95 -24.76 -18.68
N THR A 460 45.44 -23.60 -18.25
CA THR A 460 45.04 -22.30 -18.78
C THR A 460 46.17 -21.73 -19.63
N ASP A 461 45.84 -20.80 -20.52
CA ASP A 461 46.83 -20.22 -21.44
C ASP A 461 46.91 -18.69 -21.43
N ARG A 462 45.97 -18.02 -20.77
CA ARG A 462 45.97 -16.56 -20.68
C ARG A 462 46.25 -16.09 -19.26
N THR A 463 46.82 -14.90 -19.14
CA THR A 463 47.06 -14.27 -17.84
C THR A 463 46.61 -12.81 -17.90
N GLU A 464 46.04 -12.32 -16.80
CA GLU A 464 45.51 -10.97 -16.76
C GLU A 464 46.60 -10.00 -16.29
N GLU A 465 46.71 -8.87 -17.00
CA GLU A 465 47.77 -7.87 -16.82
C GLU A 465 48.06 -7.47 -15.38
N TRP A 466 47.02 -7.03 -14.68
CA TRP A 466 47.16 -6.29 -13.44
C TRP A 466 47.24 -7.14 -12.19
N TYR A 467 46.62 -8.31 -12.23
CA TYR A 467 46.59 -9.20 -11.06
C TYR A 467 47.39 -10.47 -11.31
N GLY A 468 47.56 -10.80 -12.59
CA GLY A 468 48.25 -12.03 -12.98
C GLY A 468 47.38 -13.26 -12.99
N THR A 469 46.06 -13.07 -12.98
CA THR A 469 45.08 -14.16 -12.93
C THR A 469 45.25 -15.10 -14.12
N GLN A 470 45.29 -16.40 -13.86
CA GLN A 470 45.44 -17.44 -14.89
C GLN A 470 44.07 -17.92 -15.38
N TYR A 471 43.84 -17.87 -16.68
CA TYR A 471 42.55 -18.28 -17.21
C TYR A 471 42.59 -18.77 -18.66
N LYS A 472 41.45 -19.28 -19.10
CA LYS A 472 41.28 -19.78 -20.46
C LYS A 472 39.90 -19.33 -20.93
N GLN A 473 39.77 -19.09 -22.23
CA GLN A 473 38.53 -18.60 -22.78
C GLN A 473 38.08 -19.46 -23.96
N GLU A 474 36.83 -19.90 -23.91
CA GLU A 474 36.27 -20.74 -24.97
C GLU A 474 34.90 -20.21 -25.36
N ALA A 475 34.56 -20.34 -26.63
CA ALA A 475 33.20 -20.14 -27.09
C ALA A 475 32.39 -21.32 -26.57
N ILE A 476 31.16 -21.05 -26.13
CA ILE A 476 30.27 -22.14 -25.71
C ILE A 476 29.73 -22.78 -26.98
N PRO A 477 29.85 -24.13 -27.11
CA PRO A 477 29.39 -24.80 -28.34
C PRO A 477 27.92 -24.50 -28.61
N ASP A 478 27.57 -24.27 -29.88
CA ASP A 478 26.19 -23.89 -30.23
C ASP A 478 25.19 -24.96 -29.80
N GLU A 479 25.67 -26.19 -29.80
CA GLU A 479 24.90 -27.36 -29.41
C GLU A 479 24.55 -27.33 -27.91
N VAL A 480 25.43 -26.74 -27.10
CA VAL A 480 25.17 -26.54 -25.67
C VAL A 480 24.20 -25.38 -25.46
N ILE A 481 24.36 -24.31 -26.24
CA ILE A 481 23.46 -23.17 -26.20
C ILE A 481 22.05 -23.62 -26.53
N LYS A 482 21.94 -24.45 -27.58
CA LYS A 482 20.65 -24.87 -28.12
C LYS A 482 19.88 -25.74 -27.14
N LYS A 483 20.59 -26.52 -26.32
CA LYS A 483 19.93 -27.31 -25.27
C LYS A 483 19.34 -26.43 -24.17
N TRP A 484 20.03 -25.34 -23.85
CA TRP A 484 19.54 -24.41 -22.83
C TRP A 484 18.33 -23.59 -23.29
N GLN A 485 18.28 -23.27 -24.58
CA GLN A 485 17.12 -22.58 -25.19
C GLN A 485 15.85 -23.41 -25.13
N ASN A 486 16.01 -24.72 -25.27
CA ASN A 486 14.88 -25.67 -25.19
C ASN A 486 14.48 -26.06 -23.78
N ALA A 487 15.12 -25.45 -22.77
CA ALA A 487 14.81 -25.72 -21.36
C ALA A 487 13.31 -25.81 -21.15
N ASP A 488 12.84 -26.97 -20.71
CA ASP A 488 11.41 -27.17 -20.48
C ASP A 488 11.06 -26.96 -19.00
N LEU A 489 9.78 -27.13 -18.67
CA LEU A 489 9.32 -26.98 -17.29
C LEU A 489 9.76 -28.15 -16.42
N ASN A 490 10.14 -27.83 -15.19
CA ASN A 490 10.62 -28.80 -14.22
C ASN A 490 9.71 -28.72 -12.98
N GLY A 491 9.00 -29.82 -12.72
CA GLY A 491 8.05 -29.91 -11.61
C GLY A 491 8.62 -29.60 -10.22
N LYS A 492 9.95 -29.49 -10.14
CA LYS A 492 10.59 -29.16 -8.86
C LYS A 492 10.50 -27.66 -8.54
N PHE A 493 10.26 -26.84 -9.57
CA PHE A 493 10.26 -25.37 -9.42
C PHE A 493 8.89 -24.73 -9.31
N LYS A 494 8.67 -23.99 -8.22
CA LYS A 494 7.43 -23.24 -8.05
C LYS A 494 7.71 -21.82 -7.57
N LEU A 495 6.72 -20.95 -7.75
CA LEU A 495 6.79 -19.63 -7.14
C LEU A 495 6.82 -19.81 -5.64
N PRO A 496 7.23 -18.76 -4.90
CA PRO A 496 7.14 -18.87 -3.46
C PRO A 496 5.70 -18.91 -2.92
N THR A 497 5.61 -19.33 -1.67
CA THR A 497 4.41 -19.38 -0.88
C THR A 497 4.20 -17.96 -0.34
N LYS A 498 2.96 -17.59 -0.02
CA LYS A 498 2.74 -16.32 0.67
C LYS A 498 3.54 -16.35 1.95
N ASN A 499 4.32 -15.30 2.19
CA ASN A 499 5.20 -15.26 3.33
C ASN A 499 4.43 -15.08 4.64
N GLU A 500 4.47 -16.07 5.52
CA GLU A 500 3.69 -15.99 6.75
C GLU A 500 4.47 -15.53 7.98
N PHE A 501 5.65 -14.94 7.75
CA PHE A 501 6.39 -14.32 8.83
C PHE A 501 6.22 -12.80 8.85
N ILE A 502 5.50 -12.27 7.87
CA ILE A 502 5.22 -10.85 7.81
C ILE A 502 4.66 -10.41 9.17
N PRO A 503 5.32 -9.43 9.80
CA PRO A 503 4.87 -8.93 11.09
C PRO A 503 3.54 -8.20 10.96
N THR A 504 2.68 -8.44 11.93
CA THR A 504 1.32 -7.98 11.93
C THR A 504 1.08 -7.01 13.07
N ASN A 505 1.83 -7.19 14.14
CA ASN A 505 1.55 -6.57 15.43
C ASN A 505 2.72 -5.68 15.88
N PHE A 506 2.51 -4.36 15.82
CA PHE A 506 3.56 -3.38 16.09
C PHE A 506 3.28 -2.59 17.35
N GLU A 507 2.46 -3.14 18.22
CA GLU A 507 2.07 -2.48 19.45
C GLU A 507 3.28 -2.33 20.39
N ILE A 508 3.64 -1.08 20.70
CA ILE A 508 4.68 -0.82 21.69
C ILE A 508 4.08 -0.89 23.08
N LEU A 509 4.46 -1.92 23.84
CA LEU A 509 3.93 -2.16 25.19
C LEU A 509 4.27 -1.02 26.16
N PRO A 510 3.30 -0.62 27.00
CA PRO A 510 3.55 0.43 28.01
C PRO A 510 4.71 0.07 28.94
N LEU A 511 5.52 1.07 29.25
CA LEU A 511 6.70 0.91 30.10
C LEU A 511 6.27 0.54 31.53
N GLU A 512 6.80 -0.57 32.04
CA GLU A 512 6.38 -1.13 33.34
C GLU A 512 6.78 -0.25 34.53
N LYS A 513 6.05 -0.38 35.63
CA LYS A 513 6.36 0.36 36.85
C LYS A 513 7.75 -0.03 37.37
N GLU A 514 8.02 -1.34 37.38
CA GLU A 514 9.28 -1.89 37.87
C GLU A 514 10.34 -2.03 36.75
N ALA A 515 10.52 -0.97 35.97
CA ALA A 515 11.42 -1.00 34.81
C ALA A 515 12.76 -0.29 35.09
N THR A 516 13.85 -0.94 34.67
CA THR A 516 15.20 -0.51 35.02
C THR A 516 15.95 0.14 33.83
N PRO A 517 16.72 1.21 34.10
CA PRO A 517 17.67 1.84 33.16
C PRO A 517 18.64 0.86 32.50
N TYR A 518 19.11 -0.12 33.27
CA TYR A 518 20.05 -1.13 32.81
C TYR A 518 19.40 -2.50 32.91
N PRO A 519 20.04 -3.56 32.35
CA PRO A 519 19.42 -4.88 32.48
C PRO A 519 19.46 -5.39 33.90
N ALA A 520 18.34 -5.94 34.36
CA ALA A 520 18.25 -6.54 35.68
C ALA A 520 18.29 -8.06 35.59
N LEU A 521 18.84 -8.68 36.64
CA LEU A 521 18.95 -10.13 36.72
C LEU A 521 17.68 -10.76 37.29
N ILE A 522 16.76 -11.13 36.40
CA ILE A 522 15.41 -11.55 36.83
C ILE A 522 15.25 -13.07 37.05
N LYS A 523 16.29 -13.84 36.77
CA LYS A 523 16.28 -15.29 37.02
C LYS A 523 17.70 -15.78 37.29
N ASP A 524 17.88 -16.57 38.35
CA ASP A 524 19.21 -17.03 38.77
C ASP A 524 19.22 -18.50 39.20
N THR A 525 18.73 -19.36 38.31
CA THR A 525 18.75 -20.82 38.47
C THR A 525 20.17 -21.39 38.28
N ALA A 526 20.34 -22.66 38.64
CA ALA A 526 21.57 -23.39 38.35
C ALA A 526 21.70 -23.64 36.86
N MET A 527 20.61 -23.44 36.12
CA MET A 527 20.63 -23.63 34.67
C MET A 527 20.47 -22.33 33.88
N SER A 528 19.83 -21.32 34.47
CA SER A 528 19.58 -20.11 33.72
C SER A 528 19.86 -18.85 34.49
N LYS A 529 20.71 -18.01 33.89
CA LYS A 529 20.93 -16.67 34.37
C LYS A 529 20.35 -15.72 33.32
N LEU A 530 19.23 -15.08 33.66
CA LEU A 530 18.52 -14.23 32.71
C LEU A 530 18.59 -12.74 33.03
N TRP A 531 19.18 -11.99 32.10
CA TRP A 531 19.18 -10.54 32.16
C TRP A 531 18.09 -9.98 31.27
N PHE A 532 17.42 -8.93 31.76
CA PHE A 532 16.27 -8.38 31.06
C PHE A 532 16.25 -6.86 31.14
N LYS A 533 15.85 -6.24 30.04
CA LYS A 533 15.64 -4.80 30.00
C LYS A 533 14.63 -4.46 28.92
N GLN A 534 13.55 -3.79 29.31
CA GLN A 534 12.54 -3.34 28.36
C GLN A 534 13.03 -2.05 27.72
N ASP A 535 13.00 -2.00 26.39
CA ASP A 535 13.45 -0.81 25.66
C ASP A 535 12.80 0.46 26.23
N ASP A 536 13.63 1.32 26.80
CA ASP A 536 13.15 2.57 27.38
C ASP A 536 13.55 3.80 26.57
N LYS A 537 14.13 3.62 25.38
CA LYS A 537 14.53 4.79 24.60
C LYS A 537 14.30 4.83 23.08
N PHE A 538 14.04 3.68 22.44
CA PHE A 538 13.83 3.67 20.98
C PHE A 538 12.37 3.49 20.53
N PHE A 539 11.63 2.65 21.26
CA PHE A 539 10.18 2.43 21.04
C PHE A 539 9.78 1.95 19.65
N LEU A 540 10.54 0.98 19.14
CA LEU A 540 10.24 0.28 17.89
C LEU A 540 9.79 -1.16 18.19
N PRO A 541 8.93 -1.75 17.34
CA PRO A 541 8.38 -3.07 17.69
C PRO A 541 9.35 -4.23 17.41
N LYS A 542 10.50 -4.19 18.06
CA LYS A 542 11.57 -5.15 17.83
C LYS A 542 12.16 -5.61 19.14
N ALA A 543 12.78 -6.79 19.13
CA ALA A 543 13.48 -7.28 20.30
C ALA A 543 14.79 -7.96 19.92
N ASN A 544 15.76 -7.90 20.83
CA ASN A 544 17.00 -8.63 20.70
C ASN A 544 17.06 -9.72 21.76
N LEU A 545 17.13 -10.96 21.29
CA LEU A 545 17.15 -12.12 22.18
C LEU A 545 18.52 -12.82 22.09
N ASN A 546 19.31 -12.73 23.16
CA ASN A 546 20.68 -13.26 23.16
C ASN A 546 20.90 -14.40 24.14
N PHE A 547 21.45 -15.51 23.66
CA PHE A 547 21.70 -16.67 24.51
C PHE A 547 23.11 -17.22 24.33
N GLU A 548 23.83 -17.37 25.44
CA GLU A 548 25.07 -18.16 25.47
C GLU A 548 24.74 -19.47 26.19
N PHE A 549 25.06 -20.60 25.55
CA PHE A 549 24.94 -21.94 26.15
C PHE A 549 26.34 -22.42 26.50
N PHE A 550 26.61 -22.66 27.79
CA PHE A 550 27.93 -23.19 28.18
C PHE A 550 27.95 -24.71 28.25
N SER A 551 29.00 -25.30 27.67
CA SER A 551 29.31 -26.71 27.84
C SER A 551 30.79 -26.96 27.59
N PRO A 552 31.46 -27.66 28.53
CA PRO A 552 32.87 -28.05 28.41
C PRO A 552 33.18 -28.87 27.15
N PHE A 553 32.15 -29.52 26.61
CA PHE A 553 32.30 -30.44 25.48
C PHE A 553 32.36 -29.78 24.10
N ALA A 554 32.25 -28.46 24.08
CA ALA A 554 32.23 -27.72 22.83
C ALA A 554 33.65 -27.49 22.32
N TYR A 555 34.61 -27.50 23.25
CA TYR A 555 35.98 -27.12 22.95
C TYR A 555 36.99 -27.95 23.77
N VAL A 556 36.55 -29.11 24.24
CA VAL A 556 37.41 -29.98 25.05
C VAL A 556 38.66 -30.43 24.28
N ASP A 557 38.51 -30.58 22.96
CA ASP A 557 39.61 -30.98 22.08
C ASP A 557 39.28 -30.62 20.64
N PRO A 558 40.29 -30.66 19.75
CA PRO A 558 40.05 -30.31 18.34
C PRO A 558 38.88 -31.05 17.68
N LEU A 559 38.79 -32.36 17.88
CA LEU A 559 37.67 -33.14 17.36
C LEU A 559 36.30 -32.59 17.81
N HIS A 560 36.23 -32.18 19.07
CA HIS A 560 35.00 -31.66 19.65
C HIS A 560 34.67 -30.22 19.22
N SER A 561 35.71 -29.41 18.98
CA SER A 561 35.54 -28.13 18.29
C SER A 561 34.92 -28.33 16.93
N ASN A 562 35.53 -29.24 16.16
CA ASN A 562 35.07 -29.54 14.81
C ASN A 562 33.62 -29.96 14.79
N MET A 563 33.24 -30.82 15.74
CA MET A 563 31.91 -31.37 15.78
C MET A 563 30.90 -30.30 16.14
N ALA A 564 31.23 -29.49 17.15
CA ALA A 564 30.42 -28.35 17.54
C ALA A 564 30.16 -27.48 16.33
N TYR A 565 31.22 -27.16 15.57
CA TYR A 565 31.09 -26.37 14.36
C TYR A 565 30.11 -27.04 13.38
N LEU A 566 30.45 -28.25 12.96
CA LEU A 566 29.67 -29.00 11.97
C LEU A 566 28.20 -29.13 12.36
N TYR A 567 27.97 -29.37 13.63
CA TYR A 567 26.62 -29.52 14.16
C TYR A 567 25.76 -28.30 13.83
N LEU A 568 26.22 -27.11 14.24
CA LEU A 568 25.50 -25.86 13.99
C LEU A 568 25.42 -25.48 12.51
N GLU A 569 26.47 -25.77 11.74
CA GLU A 569 26.43 -25.56 10.30
C GLU A 569 25.33 -26.39 9.66
N LEU A 570 25.20 -27.62 10.15
CA LEU A 570 24.23 -28.57 9.60
C LEU A 570 22.82 -28.19 10.01
N LEU A 571 22.68 -27.67 11.22
CA LEU A 571 21.40 -27.20 11.70
C LEU A 571 20.88 -26.10 10.79
N LYS A 572 21.70 -25.06 10.60
CA LYS A 572 21.36 -23.89 9.79
C LYS A 572 21.05 -24.27 8.36
N ASP A 573 21.81 -25.22 7.84
CA ASP A 573 21.58 -25.65 6.48
C ASP A 573 20.16 -26.19 6.39
N SER A 574 19.80 -27.12 7.26
CA SER A 574 18.47 -27.74 7.23
C SER A 574 17.37 -26.75 7.62
N LEU A 575 17.71 -25.76 8.43
CA LEU A 575 16.75 -24.77 8.89
C LEU A 575 16.52 -23.64 7.88
N ASN A 576 17.38 -23.57 6.87
CA ASN A 576 17.42 -22.47 5.91
C ASN A 576 16.14 -22.19 5.13
N GLU A 577 15.55 -23.21 4.51
CA GLU A 577 14.31 -23.02 3.75
C GLU A 577 13.23 -22.36 4.59
N TYR A 578 13.12 -22.81 5.83
CA TYR A 578 12.19 -22.24 6.79
C TYR A 578 12.54 -20.80 7.14
N ALA A 579 13.79 -20.54 7.51
CA ALA A 579 14.21 -19.23 8.03
C ALA A 579 14.39 -18.13 6.98
N TYR A 580 14.47 -18.51 5.71
CA TYR A 580 14.65 -17.51 4.65
C TYR A 580 13.49 -16.52 4.66
N ALA A 581 12.27 -17.06 4.62
CA ALA A 581 11.05 -16.26 4.66
C ALA A 581 11.02 -15.36 5.90
N ALA A 582 11.49 -15.90 7.02
CA ALA A 582 11.53 -15.15 8.27
C ALA A 582 12.39 -13.89 8.14
N GLU A 583 13.58 -14.02 7.57
CA GLU A 583 14.46 -12.85 7.48
C GLU A 583 14.09 -11.86 6.38
N LEU A 584 13.47 -12.36 5.32
CA LEU A 584 12.83 -11.48 4.35
C LEU A 584 11.85 -10.55 5.05
N ALA A 585 11.40 -10.97 6.24
CA ALA A 585 10.39 -10.24 6.98
C ALA A 585 10.95 -9.59 8.25
N GLY A 586 12.26 -9.31 8.24
CA GLY A 586 12.86 -8.52 9.30
C GLY A 586 12.98 -9.24 10.63
N LEU A 587 12.97 -10.56 10.56
CA LEU A 587 13.18 -11.41 11.72
C LEU A 587 14.33 -12.36 11.42
N SER A 588 15.45 -12.19 12.09
CA SER A 588 16.55 -13.08 11.79
C SER A 588 17.26 -13.64 13.01
N TYR A 589 18.08 -14.64 12.78
CA TYR A 589 18.86 -15.24 13.83
C TYR A 589 20.29 -15.53 13.41
N ASP A 590 21.10 -15.80 14.42
CA ASP A 590 22.52 -15.99 14.31
C ASP A 590 22.92 -17.09 15.29
N LEU A 591 23.54 -18.15 14.78
CA LEU A 591 23.89 -19.31 15.60
C LEU A 591 25.31 -19.78 15.28
N GLN A 592 26.16 -19.83 16.30
CA GLN A 592 27.55 -20.25 16.09
C GLN A 592 28.21 -20.84 17.32
N ASN A 593 29.12 -21.80 17.11
CA ASN A 593 29.90 -22.35 18.22
C ASN A 593 30.92 -21.33 18.70
N THR A 594 31.05 -21.23 20.01
CA THR A 594 32.08 -20.41 20.63
C THR A 594 33.10 -21.34 21.31
N ILE A 595 34.13 -20.77 21.89
CA ILE A 595 35.17 -21.53 22.57
C ILE A 595 34.59 -22.27 23.79
N TYR A 596 33.64 -21.62 24.46
CA TYR A 596 33.01 -22.22 25.64
C TYR A 596 31.97 -23.26 25.23
N GLY A 597 30.86 -22.79 24.66
CA GLY A 597 29.79 -23.67 24.23
C GLY A 597 29.28 -23.33 22.85
N MET A 598 28.28 -22.46 22.79
CA MET A 598 27.70 -22.05 21.52
C MET A 598 26.93 -20.78 21.91
N TYR A 599 26.20 -20.23 20.96
CA TYR A 599 25.74 -18.85 20.89
C TYR A 599 24.58 -18.69 19.92
N LEU A 600 23.51 -18.05 20.38
CA LEU A 600 22.34 -17.83 19.54
C LEU A 600 21.79 -16.44 19.79
N SER A 601 21.49 -15.75 18.71
CA SER A 601 20.84 -14.47 18.79
C SER A 601 19.67 -14.40 17.83
N VAL A 602 18.53 -13.93 18.34
CA VAL A 602 17.33 -13.71 17.51
C VAL A 602 16.98 -12.23 17.56
N LYS A 603 16.98 -11.59 16.39
CA LYS A 603 16.74 -10.14 16.30
C LYS A 603 15.67 -9.80 15.27
N GLY A 604 14.97 -8.69 15.50
CA GLY A 604 13.97 -8.20 14.55
C GLY A 604 12.64 -7.86 15.19
N TYR A 605 11.58 -7.86 14.39
CA TYR A 605 10.26 -7.61 14.91
C TYR A 605 9.89 -8.71 15.91
N ASN A 606 9.38 -8.28 17.05
CA ASN A 606 9.13 -9.19 18.18
C ASN A 606 7.91 -10.08 18.01
N ASP A 607 7.05 -9.72 17.05
CA ASP A 607 5.74 -10.36 16.89
C ASP A 607 5.85 -11.88 16.68
N LYS A 608 6.76 -12.31 15.80
CA LYS A 608 6.86 -13.73 15.47
C LYS A 608 8.13 -14.37 16.01
N GLN A 609 8.85 -13.63 16.85
CA GLN A 609 10.09 -14.14 17.45
C GLN A 609 9.91 -15.47 18.19
N PRO A 610 8.92 -15.55 19.11
CA PRO A 610 8.71 -16.83 19.79
C PRO A 610 8.57 -18.02 18.85
N ILE A 611 7.89 -17.84 17.71
CA ILE A 611 7.71 -18.94 16.75
C ILE A 611 9.07 -19.45 16.26
N LEU A 612 9.86 -18.56 15.65
CA LEU A 612 11.19 -18.89 15.13
C LEU A 612 12.09 -19.46 16.21
N LEU A 613 12.20 -18.74 17.34
CA LEU A 613 13.03 -19.19 18.44
C LEU A 613 12.70 -20.62 18.86
N LYS A 614 11.41 -20.91 19.04
CA LYS A 614 10.97 -22.24 19.45
C LYS A 614 11.37 -23.29 18.43
N LYS A 615 11.17 -22.98 17.14
CA LYS A 615 11.55 -23.86 16.05
C LYS A 615 13.05 -24.18 16.07
N ILE A 616 13.88 -23.16 16.30
CA ILE A 616 15.32 -23.34 16.40
C ILE A 616 15.70 -24.30 17.52
N ILE A 617 15.20 -24.04 18.73
CA ILE A 617 15.51 -24.87 19.90
C ILE A 617 14.96 -26.29 19.73
N GLU A 618 13.79 -26.41 19.11
CA GLU A 618 13.22 -27.72 18.78
C GLU A 618 14.12 -28.52 17.85
N LYS A 619 14.48 -27.93 16.72
CA LYS A 619 15.37 -28.57 15.75
C LYS A 619 16.73 -28.90 16.35
N MET A 620 17.21 -28.01 17.20
CA MET A 620 18.47 -28.20 17.92
C MET A 620 18.47 -29.53 18.69
N ALA A 621 17.37 -29.76 19.42
CA ALA A 621 17.29 -30.83 20.41
C ALA A 621 16.77 -32.15 19.83
N THR A 622 16.51 -32.17 18.52
CA THR A 622 15.73 -33.22 17.86
C THR A 622 16.36 -33.54 16.52
N PHE A 623 17.43 -32.81 16.23
CA PHE A 623 18.14 -32.84 14.96
C PHE A 623 18.51 -34.25 14.50
N GLU A 624 18.14 -34.57 13.26
CA GLU A 624 18.56 -35.83 12.65
C GLU A 624 19.29 -35.56 11.33
N ILE A 625 20.58 -35.88 11.31
CA ILE A 625 21.50 -35.48 10.24
C ILE A 625 21.25 -36.16 8.90
N ASP A 626 21.42 -35.42 7.82
CA ASP A 626 21.42 -35.99 6.47
C ASP A 626 22.86 -36.34 6.07
N GLU A 627 23.08 -37.57 5.62
CA GLU A 627 24.43 -38.06 5.30
C GLU A 627 25.11 -37.27 4.17
N LYS A 628 24.36 -36.93 3.12
CA LYS A 628 24.90 -36.15 1.99
C LYS A 628 25.26 -34.77 2.47
N ARG A 629 24.34 -34.15 3.20
CA ARG A 629 24.56 -32.82 3.76
C ARG A 629 25.81 -32.79 4.61
N PHE A 630 25.99 -33.84 5.41
CA PHE A 630 27.16 -34.02 6.27
C PHE A 630 28.48 -34.04 5.51
N GLU A 631 28.56 -34.84 4.44
CA GLU A 631 29.82 -35.01 3.70
C GLU A 631 30.21 -33.75 2.91
N ILE A 632 29.21 -33.07 2.36
CA ILE A 632 29.39 -31.83 1.60
C ILE A 632 29.92 -30.69 2.48
N ILE A 633 29.26 -30.48 3.62
CA ILE A 633 29.65 -29.41 4.53
C ILE A 633 31.02 -29.67 5.15
N LYS A 634 31.31 -30.95 5.40
CA LYS A 634 32.64 -31.37 5.83
C LYS A 634 33.76 -31.02 4.86
N GLU A 635 33.59 -31.28 3.56
CA GLU A 635 34.65 -30.95 2.60
C GLU A 635 34.79 -29.42 2.48
N ALA A 636 33.69 -28.69 2.64
CA ALA A 636 33.73 -27.22 2.56
C ALA A 636 34.49 -26.64 3.76
N TYR A 637 34.36 -27.31 4.89
CA TYR A 637 35.01 -26.89 6.12
C TYR A 637 36.50 -27.24 6.12
N MET A 638 36.80 -28.38 5.52
CA MET A 638 38.17 -28.80 5.26
C MET A 638 38.88 -27.70 4.48
N ARG A 639 38.30 -27.32 3.34
CA ARG A 639 38.85 -26.28 2.49
C ARG A 639 38.96 -24.96 3.21
N SER A 640 37.84 -24.51 3.79
CA SER A 640 37.83 -23.27 4.54
C SER A 640 38.97 -23.23 5.56
N LEU A 641 39.21 -24.36 6.22
CA LEU A 641 40.31 -24.44 7.19
C LEU A 641 41.68 -24.19 6.60
N ASN A 642 42.07 -24.86 5.53
CA ASN A 642 43.37 -24.50 4.95
C ASN A 642 43.45 -23.26 4.08
N ASN A 643 42.29 -22.75 3.67
CA ASN A 643 42.23 -21.47 2.94
C ASN A 643 42.77 -20.31 3.76
N PHE A 644 43.02 -20.55 5.06
CA PHE A 644 43.59 -19.51 5.91
C PHE A 644 45.03 -19.21 5.51
N ARG A 645 45.67 -20.20 4.89
CA ARG A 645 46.96 -20.09 4.21
C ARG A 645 47.01 -18.82 3.34
N ALA A 646 45.87 -18.44 2.78
CA ALA A 646 45.77 -17.33 1.81
C ALA A 646 45.20 -16.03 2.39
N GLU A 647 45.00 -16.01 3.70
CA GLU A 647 44.54 -14.81 4.37
C GLU A 647 45.73 -13.83 4.43
N GLN A 648 45.47 -12.59 4.84
CA GLN A 648 46.48 -11.53 4.81
C GLN A 648 47.54 -11.69 5.91
N PRO A 649 48.79 -11.23 5.65
CA PRO A 649 49.84 -11.33 6.67
C PRO A 649 49.46 -10.71 8.01
N HIS A 650 48.82 -9.56 7.98
CA HIS A 650 48.43 -8.87 9.20
C HIS A 650 47.35 -9.66 9.96
N GLN A 651 46.54 -10.41 9.21
CA GLN A 651 45.55 -11.29 9.82
C GLN A 651 46.20 -12.51 10.47
N HIS A 652 47.23 -13.05 9.83
CA HIS A 652 48.05 -14.10 10.44
C HIS A 652 48.67 -13.58 11.74
N ALA A 653 49.22 -12.37 11.70
CA ALA A 653 49.80 -11.77 12.90
C ALA A 653 48.85 -11.85 14.10
N MET A 654 47.63 -11.31 13.91
CA MET A 654 46.58 -11.30 14.93
C MET A 654 46.20 -12.71 15.41
N TYR A 655 46.15 -13.64 14.46
CA TYR A 655 45.84 -15.04 14.72
C TYR A 655 46.82 -15.73 15.67
N TYR A 656 48.12 -15.61 15.37
CA TYR A 656 49.14 -16.21 16.21
C TYR A 656 49.20 -15.56 17.60
N LEU A 657 48.94 -14.27 17.67
CA LEU A 657 48.96 -13.57 18.96
C LEU A 657 47.88 -14.15 19.84
N ARG A 658 46.69 -14.36 19.27
CA ARG A 658 45.56 -14.92 19.99
C ARG A 658 45.96 -16.28 20.54
N LEU A 659 46.41 -17.16 19.65
CA LEU A 659 46.93 -18.49 20.00
C LEU A 659 47.94 -18.49 21.13
N LEU A 660 48.93 -17.61 21.06
CA LEU A 660 50.00 -17.54 22.02
C LEU A 660 49.56 -17.05 23.39
N MET A 661 48.63 -16.10 23.40
CA MET A 661 48.33 -15.36 24.62
C MET A 661 47.21 -15.98 25.43
N THR A 662 46.46 -16.90 24.81
CA THR A 662 45.35 -17.52 25.51
C THR A 662 45.60 -18.99 25.91
N GLU A 663 45.15 -19.31 27.13
CA GLU A 663 45.42 -20.55 27.83
C GLU A 663 45.16 -21.81 27.00
N VAL A 664 43.92 -21.97 26.56
CA VAL A 664 43.58 -23.05 25.65
C VAL A 664 43.16 -22.44 24.31
N ALA A 665 43.73 -22.97 23.24
CA ALA A 665 43.44 -22.50 21.89
C ALA A 665 43.86 -23.57 20.89
N TRP A 666 42.97 -23.95 19.99
CA TRP A 666 43.31 -24.93 18.97
C TRP A 666 43.68 -24.24 17.67
N THR A 667 44.81 -24.63 17.11
CA THR A 667 45.26 -24.09 15.84
C THR A 667 44.44 -24.74 14.72
N LYS A 668 44.51 -24.17 13.52
CA LYS A 668 43.80 -24.68 12.36
C LYS A 668 44.42 -25.97 11.87
N ASP A 669 45.73 -26.13 12.07
CA ASP A 669 46.40 -27.38 11.72
C ASP A 669 45.88 -28.52 12.57
N GLU A 670 45.69 -28.25 13.86
CA GLU A 670 45.10 -29.23 14.78
C GLU A 670 43.68 -29.58 14.38
N LEU A 671 42.85 -28.57 14.13
CA LEU A 671 41.47 -28.76 13.69
C LEU A 671 41.41 -29.55 12.38
N LYS A 672 42.21 -29.14 11.40
CA LYS A 672 42.22 -29.79 10.08
C LYS A 672 42.59 -31.26 10.18
N GLU A 673 43.50 -31.57 11.10
CA GLU A 673 43.97 -32.95 11.28
C GLU A 673 42.92 -33.83 11.93
N ALA A 674 42.32 -33.33 13.03
CA ALA A 674 41.23 -34.01 13.73
C ALA A 674 39.93 -34.12 12.92
N LEU A 675 39.81 -33.30 11.88
CA LEU A 675 38.63 -33.29 11.03
C LEU A 675 38.40 -34.64 10.34
N ASP A 676 39.49 -35.33 9.99
CA ASP A 676 39.36 -36.60 9.28
C ASP A 676 38.70 -37.70 10.10
N ASP A 677 38.80 -37.60 11.43
CA ASP A 677 38.20 -38.57 12.33
C ASP A 677 36.75 -38.30 12.70
N VAL A 678 36.25 -37.10 12.36
CA VAL A 678 34.82 -36.80 12.50
C VAL A 678 34.08 -37.70 11.50
N THR A 679 33.01 -38.33 11.99
CA THR A 679 32.38 -39.44 11.30
C THR A 679 30.89 -39.30 11.60
N LEU A 680 30.03 -39.76 10.70
CA LEU A 680 28.58 -39.59 10.93
C LEU A 680 28.15 -40.09 12.32
N PRO A 681 28.45 -41.38 12.66
CA PRO A 681 28.15 -41.90 13.99
C PRO A 681 28.71 -41.06 15.12
N ARG A 682 30.00 -40.72 15.05
CA ARG A 682 30.67 -39.88 16.06
C ARG A 682 29.92 -38.57 16.29
N LEU A 683 29.38 -37.99 15.21
CA LEU A 683 28.64 -36.73 15.29
C LEU A 683 27.25 -36.93 15.89
N LYS A 684 26.51 -37.93 15.40
CA LYS A 684 25.24 -38.34 15.99
C LYS A 684 25.39 -38.57 17.50
N ALA A 685 26.49 -39.21 17.89
CA ALA A 685 26.80 -39.42 19.30
C ALA A 685 27.16 -38.14 20.04
N PHE A 686 27.80 -37.19 19.33
CA PHE A 686 28.27 -35.95 19.95
C PHE A 686 27.14 -35.02 20.43
N ILE A 687 26.07 -34.92 19.65
CA ILE A 687 25.00 -33.96 19.91
C ILE A 687 24.28 -34.16 21.25
N PRO A 688 23.75 -35.37 21.52
CA PRO A 688 23.13 -35.61 22.83
C PRO A 688 24.10 -35.40 23.99
N GLN A 689 25.36 -35.79 23.79
CA GLN A 689 26.41 -35.61 24.78
C GLN A 689 26.66 -34.11 25.03
N LEU A 690 26.67 -33.32 23.96
CA LEU A 690 26.82 -31.86 24.07
C LEU A 690 25.65 -31.27 24.83
N LEU A 691 24.44 -31.66 24.44
CA LEU A 691 23.21 -31.10 24.97
C LEU A 691 22.87 -31.52 26.40
N SER A 692 23.33 -32.71 26.81
CA SER A 692 22.94 -33.28 28.12
C SER A 692 23.20 -32.38 29.32
N ARG A 693 24.31 -31.63 29.30
CA ARG A 693 24.61 -30.72 30.42
C ARG A 693 24.99 -29.32 29.96
N LEU A 694 24.27 -28.33 30.47
CA LEU A 694 24.32 -26.95 29.99
C LEU A 694 24.04 -25.94 31.11
N HIS A 695 24.66 -24.77 31.01
CA HIS A 695 24.18 -23.56 31.69
C HIS A 695 23.78 -22.59 30.60
N ILE A 696 22.85 -21.69 30.91
CA ILE A 696 22.38 -20.73 29.91
C ILE A 696 22.40 -19.34 30.49
N GLU A 697 23.21 -18.46 29.91
CA GLU A 697 23.14 -17.04 30.25
C GLU A 697 22.50 -16.30 29.09
N ALA A 698 21.52 -15.47 29.40
CA ALA A 698 20.76 -14.76 28.36
C ALA A 698 20.59 -13.28 28.65
N LEU A 699 20.51 -12.51 27.58
CA LEU A 699 20.06 -11.13 27.64
C LEU A 699 18.89 -10.97 26.68
N LEU A 700 17.76 -10.54 27.23
CA LEU A 700 16.57 -10.26 26.46
C LEU A 700 16.28 -8.78 26.58
N HIS A 701 16.50 -8.08 25.47
CA HIS A 701 16.39 -6.64 25.43
C HIS A 701 15.47 -6.21 24.29
N GLY A 702 14.54 -5.31 24.58
CA GLY A 702 13.68 -4.76 23.53
C GLY A 702 12.26 -4.44 23.94
N ASN A 703 11.35 -4.51 22.96
CA ASN A 703 9.93 -4.27 23.19
C ASN A 703 9.30 -5.55 23.73
N ILE A 704 9.52 -5.77 25.01
CA ILE A 704 9.16 -7.03 25.66
C ILE A 704 8.96 -6.80 27.15
N THR A 705 8.25 -7.71 27.79
CA THR A 705 7.76 -7.48 29.13
C THR A 705 8.43 -8.47 30.10
N LYS A 706 8.60 -8.09 31.36
CA LYS A 706 9.29 -8.96 32.33
C LYS A 706 8.70 -10.38 32.31
N GLN A 707 7.39 -10.47 32.55
CA GLN A 707 6.67 -11.73 32.51
C GLN A 707 6.84 -12.46 31.16
N ALA A 708 6.84 -11.72 30.06
CA ALA A 708 7.05 -12.31 28.73
C ALA A 708 8.45 -12.88 28.56
N ALA A 709 9.44 -12.21 29.16
CA ALA A 709 10.84 -12.63 29.13
C ALA A 709 11.02 -13.94 29.87
N LEU A 710 10.60 -13.94 31.14
CA LEU A 710 10.44 -15.15 31.96
C LEU A 710 9.79 -16.27 31.15
N GLY A 711 8.69 -15.93 30.47
CA GLY A 711 7.99 -16.86 29.57
C GLY A 711 8.86 -17.42 28.46
N ILE A 712 9.75 -16.59 27.93
CA ILE A 712 10.66 -17.00 26.85
C ILE A 712 11.76 -17.96 27.33
N MET A 713 12.46 -17.58 28.41
CA MET A 713 13.44 -18.47 29.05
C MET A 713 12.84 -19.83 29.36
N GLN A 714 11.67 -19.81 30.00
CA GLN A 714 10.91 -21.01 30.34
C GLN A 714 10.74 -21.93 29.15
N MET A 715 10.22 -21.38 28.05
CA MET A 715 10.09 -22.14 26.81
C MET A 715 11.42 -22.77 26.43
N VAL A 716 12.46 -21.95 26.28
CA VAL A 716 13.81 -22.42 25.93
C VAL A 716 14.30 -23.58 26.80
N GLU A 717 14.18 -23.44 28.12
CA GLU A 717 14.55 -24.49 29.07
C GLU A 717 13.67 -25.73 28.90
N ASP A 718 12.35 -25.53 28.96
CA ASP A 718 11.38 -26.62 28.85
C ASP A 718 11.61 -27.48 27.62
N THR A 719 11.80 -26.83 26.48
CA THR A 719 11.98 -27.59 25.24
C THR A 719 13.35 -28.31 25.16
N LEU A 720 14.35 -27.78 25.88
CA LEU A 720 15.63 -28.50 26.01
C LEU A 720 15.50 -29.69 26.96
N ILE A 721 14.96 -29.44 28.15
CA ILE A 721 14.69 -30.50 29.13
C ILE A 721 13.83 -31.61 28.54
N GLU A 722 12.81 -31.24 27.76
CA GLU A 722 11.88 -32.23 27.21
C GLU A 722 12.44 -33.07 26.06
N HIS A 723 13.35 -32.51 25.27
CA HIS A 723 13.82 -33.23 24.10
C HIS A 723 15.26 -33.74 24.20
N ALA A 724 16.05 -33.12 25.10
CA ALA A 724 17.45 -33.47 25.25
C ALA A 724 17.81 -33.89 26.67
N HIS A 725 16.82 -33.90 27.56
CA HIS A 725 16.99 -34.28 28.98
C HIS A 725 18.09 -33.47 29.66
N THR A 726 18.22 -32.21 29.22
CA THR A 726 19.24 -31.29 29.70
C THR A 726 19.13 -31.08 31.21
N LYS A 727 20.22 -31.36 31.91
CA LYS A 727 20.35 -31.08 33.35
C LYS A 727 21.44 -30.03 33.57
N PRO A 728 21.39 -29.28 34.70
CA PRO A 728 22.33 -28.19 35.02
C PRO A 728 23.80 -28.60 35.10
N LEU A 729 24.70 -27.67 34.81
CA LEU A 729 26.13 -27.85 35.06
C LEU A 729 26.43 -27.50 36.50
N LEU A 730 27.57 -27.98 36.99
CA LEU A 730 28.06 -27.60 38.31
C LEU A 730 28.72 -26.21 38.24
N PRO A 731 28.57 -25.39 39.30
CA PRO A 731 29.16 -24.05 39.34
C PRO A 731 30.67 -24.05 39.06
N SER A 732 31.37 -25.07 39.57
CA SER A 732 32.81 -25.21 39.39
C SER A 732 33.22 -25.69 37.99
N GLN A 733 32.24 -26.03 37.16
CA GLN A 733 32.51 -26.43 35.78
C GLN A 733 32.53 -25.22 34.85
N LEU A 734 31.94 -24.13 35.29
CA LEU A 734 31.75 -22.94 34.48
C LEU A 734 33.02 -22.09 34.37
N VAL A 735 34.12 -22.68 33.88
CA VAL A 735 35.38 -21.95 33.80
C VAL A 735 35.53 -21.12 32.52
N ARG A 736 35.95 -19.88 32.68
CA ARG A 736 36.35 -19.02 31.55
C ARG A 736 37.89 -19.13 31.49
N TYR A 737 38.50 -18.74 30.37
CA TYR A 737 39.95 -18.92 30.17
C TYR A 737 40.79 -17.73 30.59
N ARG A 738 42.06 -18.00 30.96
CA ARG A 738 42.97 -16.93 31.38
C ARG A 738 44.08 -16.59 30.37
N GLU A 739 44.66 -15.40 30.53
CA GLU A 739 45.75 -14.95 29.67
C GLU A 739 47.11 -15.31 30.26
N VAL A 740 48.02 -15.71 29.38
CA VAL A 740 49.44 -15.88 29.72
C VAL A 740 49.98 -14.61 30.37
N GLN A 741 50.74 -14.78 31.45
CA GLN A 741 51.34 -13.65 32.18
C GLN A 741 52.82 -13.45 31.84
N LEU A 742 53.10 -12.46 31.00
CA LEU A 742 54.45 -12.14 30.56
C LEU A 742 55.29 -11.57 31.70
N PRO A 743 56.60 -11.87 31.73
CA PRO A 743 57.49 -11.39 32.80
C PRO A 743 58.07 -10.00 32.55
N ASP A 744 58.27 -9.25 33.63
CA ASP A 744 58.90 -7.93 33.60
C ASP A 744 60.19 -7.93 32.78
N ARG A 745 60.28 -7.04 31.79
CA ARG A 745 61.46 -6.87 30.92
C ARG A 745 61.64 -7.96 29.87
N GLY A 746 60.69 -8.89 29.78
CA GLY A 746 60.81 -9.97 28.81
C GLY A 746 60.40 -9.51 27.42
N TRP A 747 61.06 -10.04 26.40
CA TRP A 747 60.62 -9.83 25.03
C TRP A 747 60.66 -11.16 24.27
N PHE A 748 59.51 -11.54 23.72
CA PHE A 748 59.39 -12.78 22.96
C PHE A 748 58.97 -12.48 21.54
N VAL A 749 59.51 -13.26 20.60
CA VAL A 749 59.17 -13.13 19.19
C VAL A 749 58.76 -14.50 18.69
N TYR A 750 57.56 -14.58 18.12
CA TYR A 750 57.14 -15.75 17.36
C TYR A 750 57.18 -15.36 15.90
N GLN A 751 57.72 -16.25 15.07
CA GLN A 751 57.99 -15.94 13.67
C GLN A 751 57.45 -17.02 12.74
N GLN A 752 56.85 -16.58 11.65
CA GLN A 752 56.19 -17.48 10.72
C GLN A 752 56.19 -16.79 9.36
N ARG A 753 55.97 -17.53 8.29
CA ARG A 753 55.85 -16.88 6.99
C ARG A 753 54.51 -17.11 6.33
N ASN A 754 54.07 -16.11 5.56
CA ASN A 754 52.87 -16.18 4.76
C ASN A 754 53.25 -16.73 3.38
N GLU A 755 52.60 -17.81 2.95
CA GLU A 755 53.04 -18.49 1.72
C GLU A 755 52.44 -17.91 0.44
N VAL A 756 51.62 -16.89 0.57
CA VAL A 756 50.83 -16.41 -0.57
C VAL A 756 51.11 -14.95 -0.91
N HIS A 757 51.12 -14.10 0.10
CA HIS A 757 51.32 -12.66 -0.11
C HIS A 757 52.80 -12.32 -0.02
N ASN A 758 53.30 -11.52 -0.96
CA ASN A 758 54.69 -11.06 -0.83
C ASN A 758 54.77 -9.71 -0.11
N ASN A 759 54.35 -9.77 1.14
CA ASN A 759 54.25 -8.62 2.02
C ASN A 759 54.36 -9.24 3.40
N SER A 760 54.85 -8.46 4.36
CA SER A 760 54.99 -8.99 5.70
C SER A 760 54.01 -8.31 6.63
N GLY A 761 53.67 -8.97 7.73
CA GLY A 761 52.78 -8.40 8.75
C GLY A 761 53.45 -8.42 10.10
N ILE A 762 52.88 -7.70 11.07
CA ILE A 762 53.42 -7.68 12.43
C ILE A 762 52.36 -7.30 13.47
N GLU A 763 52.36 -7.97 14.61
CA GLU A 763 51.67 -7.45 15.80
C GLU A 763 52.70 -7.21 16.88
N ILE A 764 52.54 -6.08 17.58
CA ILE A 764 53.35 -5.81 18.74
C ILE A 764 52.41 -5.61 19.90
N TYR A 765 52.62 -6.38 20.96
CA TYR A 765 51.76 -6.33 22.11
C TYR A 765 52.58 -5.94 23.33
N TYR A 766 52.15 -4.87 23.99
CA TYR A 766 52.71 -4.46 25.26
C TYR A 766 51.64 -4.73 26.30
N GLN A 767 51.75 -5.90 26.91
CA GLN A 767 50.84 -6.27 27.99
C GLN A 767 51.09 -5.35 29.16
N THR A 768 50.02 -4.79 29.71
CA THR A 768 50.13 -3.93 30.88
C THR A 768 49.65 -4.68 32.13
N ASP A 769 48.32 -4.75 32.31
CA ASP A 769 47.78 -5.39 33.50
C ASP A 769 46.30 -5.79 33.35
N MET A 770 45.77 -6.37 34.42
CA MET A 770 44.36 -6.69 34.55
C MET A 770 43.52 -5.45 34.37
N GLN A 771 42.37 -5.60 33.72
CA GLN A 771 41.41 -4.52 33.56
C GLN A 771 40.89 -4.07 34.92
N SER A 772 40.84 -2.76 35.11
CA SER A 772 40.35 -2.09 36.32
C SER A 772 40.18 -0.62 35.96
N THR A 773 39.22 0.07 36.57
CA THR A 773 38.92 1.45 36.20
C THR A 773 40.16 2.30 35.85
N SER A 774 41.15 2.33 36.73
CA SER A 774 42.35 3.16 36.51
C SER A 774 43.23 2.65 35.35
N GLU A 775 43.56 1.35 35.37
CA GLU A 775 44.38 0.75 34.32
C GLU A 775 43.76 0.86 32.93
N ASN A 776 42.43 0.76 32.85
CA ASN A 776 41.72 0.93 31.58
C ASN A 776 41.91 2.33 31.02
N MET A 777 41.76 3.33 31.88
CA MET A 777 41.78 4.73 31.47
C MET A 777 43.18 5.27 31.19
N PHE A 778 44.17 4.80 31.95
CA PHE A 778 45.56 5.07 31.62
C PHE A 778 45.80 4.61 30.18
N LEU A 779 45.58 3.31 29.94
CA LEU A 779 45.79 2.72 28.63
C LEU A 779 45.01 3.41 27.52
N GLU A 780 43.70 3.63 27.70
CA GLU A 780 42.96 4.21 26.59
C GLU A 780 43.12 5.72 26.38
N LEU A 781 43.64 6.43 27.38
CA LEU A 781 44.00 7.85 27.20
C LEU A 781 45.32 7.96 26.43
N PHE A 782 46.29 7.14 26.80
CA PHE A 782 47.55 7.08 26.08
C PHE A 782 47.30 6.72 24.62
N ALA A 783 46.48 5.69 24.41
CA ALA A 783 46.06 5.28 23.08
C ALA A 783 45.45 6.44 22.29
N GLN A 784 44.61 7.23 22.97
CA GLN A 784 43.98 8.39 22.35
C GLN A 784 45.04 9.39 21.89
N ILE A 785 45.94 9.78 22.79
CA ILE A 785 46.99 10.72 22.48
C ILE A 785 47.86 10.29 21.28
N ILE A 786 48.26 9.02 21.24
CA ILE A 786 49.22 8.55 20.23
C ILE A 786 48.59 8.12 18.91
N SER A 787 47.25 7.98 18.90
CA SER A 787 46.51 7.40 17.78
C SER A 787 46.81 8.05 16.42
N GLU A 788 46.48 9.34 16.32
CA GLU A 788 46.71 10.12 15.10
C GLU A 788 48.20 10.22 14.75
N PRO A 789 49.06 10.62 15.72
CA PRO A 789 50.50 10.63 15.48
C PRO A 789 51.05 9.30 14.97
N ALA A 790 50.53 8.18 15.47
CA ALA A 790 50.98 6.84 15.02
C ALA A 790 50.76 6.63 13.53
N PHE A 791 49.60 7.09 13.05
CA PHE A 791 49.20 6.94 11.67
C PHE A 791 49.99 7.93 10.80
N ASN A 792 50.16 9.14 11.30
CA ASN A 792 50.88 10.15 10.56
C ASN A 792 52.35 9.80 10.38
N THR A 793 52.98 9.36 11.46
CA THR A 793 54.39 9.03 11.45
C THR A 793 54.67 7.78 10.62
N LEU A 794 54.07 6.66 11.02
CA LEU A 794 54.37 5.36 10.42
C LEU A 794 53.78 5.14 9.04
N ARG A 795 52.62 5.75 8.76
CA ARG A 795 52.11 5.69 7.39
C ARG A 795 52.40 6.95 6.55
N THR A 796 51.77 8.07 6.90
CA THR A 796 51.86 9.27 6.07
C THR A 796 53.31 9.75 5.84
N LYS A 797 54.09 9.86 6.91
CA LYS A 797 55.49 10.27 6.77
C LYS A 797 56.38 9.14 6.24
N GLU A 798 56.42 8.03 6.94
CA GLU A 798 57.39 6.97 6.64
C GLU A 798 56.92 5.96 5.60
N GLN A 799 55.64 5.99 5.28
CA GLN A 799 55.05 5.10 4.27
C GLN A 799 55.49 3.63 4.43
N LEU A 800 55.32 3.09 5.64
CA LEU A 800 55.70 1.70 5.89
C LEU A 800 54.73 0.74 5.21
N GLY A 801 53.47 1.16 5.14
CA GLY A 801 52.44 0.37 4.47
C GLY A 801 51.08 1.02 4.59
N TYR A 802 50.14 0.51 3.81
CA TYR A 802 48.78 1.00 3.78
C TYR A 802 48.07 0.78 5.12
N ILE A 803 48.30 -0.39 5.71
CA ILE A 803 47.69 -0.77 6.96
C ILE A 803 48.65 -0.49 8.11
N VAL A 804 48.25 0.46 8.95
CA VAL A 804 49.00 0.82 10.14
C VAL A 804 47.95 1.09 11.19
N PHE A 805 48.04 0.37 12.30
CA PHE A 805 46.99 0.42 13.32
C PHE A 805 47.65 0.44 14.67
N SER A 806 47.01 1.10 15.62
CA SER A 806 47.40 1.00 17.01
C SER A 806 46.17 1.17 17.87
N GLY A 807 46.28 0.80 19.15
CA GLY A 807 45.19 0.96 20.08
C GLY A 807 45.20 -0.09 21.17
N PRO A 808 44.19 -0.05 22.05
CA PRO A 808 44.02 -1.01 23.14
C PRO A 808 43.81 -2.43 22.62
N ARG A 809 44.21 -3.41 23.43
CA ARG A 809 43.88 -4.79 23.17
C ARG A 809 43.27 -5.38 24.44
N ARG A 810 42.12 -6.03 24.29
CA ARG A 810 41.41 -6.63 25.42
C ARG A 810 41.04 -8.08 25.20
N ALA A 811 41.66 -8.97 25.96
CA ALA A 811 41.34 -10.39 25.91
C ALA A 811 41.35 -10.96 27.32
N ASN A 812 40.38 -11.83 27.59
CA ASN A 812 40.26 -12.58 28.85
C ASN A 812 40.49 -11.74 30.12
N GLY A 813 40.06 -10.47 30.09
CA GLY A 813 40.14 -9.61 31.26
C GLY A 813 41.46 -8.87 31.43
N ILE A 814 42.42 -9.20 30.57
CA ILE A 814 43.71 -8.50 30.55
C ILE A 814 43.72 -7.51 29.38
N GLN A 815 44.71 -6.61 29.38
CA GLN A 815 44.81 -5.59 28.35
C GLN A 815 46.24 -5.11 28.11
N GLY A 816 46.42 -4.35 27.03
CA GLY A 816 47.71 -3.74 26.73
C GLY A 816 47.64 -2.97 25.43
N LEU A 817 48.80 -2.50 24.97
CA LEU A 817 48.83 -1.70 23.76
C LEU A 817 49.31 -2.50 22.56
N ARG A 818 48.58 -2.38 21.46
CA ARG A 818 48.92 -3.11 20.24
C ARG A 818 49.29 -2.20 19.06
N PHE A 819 50.17 -2.71 18.20
CA PHE A 819 50.49 -2.09 16.93
C PHE A 819 50.40 -3.15 15.87
N ILE A 820 49.63 -2.87 14.82
CA ILE A 820 49.56 -3.75 13.67
C ILE A 820 50.04 -3.01 12.42
N ILE A 821 50.95 -3.64 11.68
CA ILE A 821 51.46 -3.07 10.44
C ILE A 821 51.62 -4.16 9.38
N GLN A 822 51.27 -3.83 8.16
CA GLN A 822 51.55 -4.67 7.01
C GLN A 822 52.39 -3.88 6.00
N SER A 823 53.42 -4.52 5.45
CA SER A 823 54.47 -3.78 4.77
C SER A 823 55.34 -4.56 3.78
N GLU A 824 56.00 -3.84 2.89
CA GLU A 824 56.99 -4.40 1.98
C GLU A 824 58.31 -4.63 2.73
N LYS A 825 58.53 -3.80 3.74
CA LYS A 825 59.69 -3.90 4.62
C LYS A 825 59.67 -5.13 5.55
N PRO A 826 60.85 -5.60 6.00
CA PRO A 826 60.92 -6.69 6.98
C PRO A 826 60.47 -6.27 8.39
N PRO A 827 60.00 -7.25 9.19
CA PRO A 827 59.47 -6.96 10.52
C PRO A 827 60.50 -6.53 11.54
N HIS A 828 61.76 -6.97 11.40
CA HIS A 828 62.81 -6.52 12.32
C HIS A 828 62.98 -5.00 12.17
N TYR A 829 62.78 -4.52 10.95
CA TYR A 829 62.88 -3.09 10.66
C TYR A 829 61.65 -2.34 11.16
N LEU A 830 60.46 -2.83 10.78
CA LEU A 830 59.17 -2.30 11.25
C LEU A 830 59.21 -2.07 12.75
N GLU A 831 59.76 -3.06 13.46
CA GLU A 831 59.86 -3.10 14.91
C GLU A 831 60.64 -1.91 15.51
N SER A 832 61.76 -1.55 14.91
CA SER A 832 62.56 -0.42 15.40
C SER A 832 61.86 0.90 15.14
N ARG A 833 61.10 0.97 14.04
CA ARG A 833 60.42 2.21 13.68
C ARG A 833 59.26 2.55 14.62
N VAL A 834 58.54 1.54 15.11
CA VAL A 834 57.54 1.79 16.16
C VAL A 834 58.20 2.10 17.50
N GLU A 835 59.38 1.52 17.74
CA GLU A 835 60.19 1.89 18.90
C GLU A 835 60.64 3.34 18.79
N ALA A 836 61.18 3.71 17.63
CA ALA A 836 61.56 5.09 17.34
C ALA A 836 60.39 6.03 17.58
N PHE A 837 59.23 5.68 17.03
CA PHE A 837 58.02 6.44 17.23
C PHE A 837 57.66 6.68 18.69
N LEU A 838 57.84 5.67 19.53
CA LEU A 838 57.46 5.75 20.95
C LEU A 838 58.26 6.79 21.72
N ILE A 839 59.53 6.94 21.35
CA ILE A 839 60.41 7.94 21.93
C ILE A 839 59.92 9.35 21.58
N THR A 840 59.62 9.58 20.30
CA THR A 840 59.17 10.89 19.86
C THR A 840 57.75 11.17 20.34
N MET A 841 57.07 10.14 20.82
CA MET A 841 55.81 10.35 21.52
C MET A 841 56.06 10.84 22.94
N GLU A 842 57.17 10.37 23.53
CA GLU A 842 57.56 10.80 24.87
C GLU A 842 57.75 12.33 24.92
N LYS A 843 58.58 12.87 24.01
CA LYS A 843 58.78 14.32 23.96
C LYS A 843 57.48 15.03 23.64
N SER A 844 56.76 14.52 22.63
CA SER A 844 55.51 15.14 22.20
C SER A 844 54.55 15.36 23.38
N ILE A 845 54.48 14.37 24.29
CA ILE A 845 53.67 14.50 25.49
C ILE A 845 54.35 15.38 26.54
N GLU A 846 55.67 15.22 26.71
CA GLU A 846 56.44 16.04 27.64
C GLU A 846 56.22 17.53 27.35
N ASP A 847 56.36 17.91 26.08
CA ASP A 847 56.23 19.30 25.64
C ASP A 847 54.79 19.67 25.24
N MET A 848 53.85 18.75 25.46
CA MET A 848 52.46 19.00 25.11
C MET A 848 51.85 20.05 26.04
N THR A 849 51.15 21.00 25.44
CA THR A 849 50.51 22.07 26.20
C THR A 849 49.33 21.52 27.04
N GLU A 850 49.11 22.13 28.20
CA GLU A 850 48.02 21.71 29.10
C GLU A 850 46.65 21.79 28.43
N GLU A 851 46.47 22.76 27.54
CA GLU A 851 45.22 22.88 26.81
C GLU A 851 45.02 21.72 25.83
N ALA A 852 46.09 21.33 25.15
CA ALA A 852 46.05 20.20 24.21
C ALA A 852 45.67 18.90 24.94
N PHE A 853 46.20 18.74 26.15
CA PHE A 853 45.90 17.58 26.99
C PHE A 853 44.42 17.41 27.31
N GLN A 854 43.75 18.51 27.65
CA GLN A 854 42.32 18.45 27.93
C GLN A 854 41.51 18.17 26.66
N LYS A 855 42.02 18.61 25.52
CA LYS A 855 41.40 18.35 24.22
C LYS A 855 41.25 16.85 23.99
N HIS A 856 42.34 16.11 24.28
CA HIS A 856 42.36 14.65 24.16
C HIS A 856 41.45 13.98 25.17
N ILE A 857 41.55 14.40 26.43
CA ILE A 857 40.65 13.96 27.50
C ILE A 857 39.19 14.14 27.08
N GLN A 858 38.88 15.32 26.53
CA GLN A 858 37.54 15.62 26.06
C GLN A 858 37.15 14.71 24.89
N ALA A 859 38.12 14.40 24.03
CA ALA A 859 37.86 13.56 22.85
C ALA A 859 37.54 12.14 23.26
N LEU A 860 38.27 11.62 24.25
CA LEU A 860 38.00 10.30 24.78
C LEU A 860 36.63 10.27 25.46
N ALA A 861 36.39 11.27 26.31
CA ALA A 861 35.11 11.47 26.97
C ALA A 861 33.95 11.35 25.98
N ILE A 862 33.90 12.24 24.98
CA ILE A 862 32.82 12.19 23.99
C ILE A 862 32.71 10.81 23.31
N ARG A 863 33.85 10.23 22.95
CA ARG A 863 33.91 8.92 22.28
C ARG A 863 33.23 7.81 23.09
N ARG A 864 33.60 7.69 24.37
CA ARG A 864 33.10 6.66 25.26
C ARG A 864 31.66 6.91 25.71
N LEU A 865 31.34 8.19 25.89
CA LEU A 865 30.04 8.63 26.40
C LEU A 865 29.00 8.81 25.31
N ASP A 866 29.42 8.71 24.06
CA ASP A 866 28.52 8.72 22.90
C ASP A 866 27.42 7.71 23.14
N LYS A 867 26.17 8.10 22.86
CA LYS A 867 25.01 7.24 23.13
C LYS A 867 24.55 6.42 21.91
N PRO A 868 24.07 5.19 22.15
CA PRO A 868 23.55 4.29 21.10
C PRO A 868 22.33 4.81 20.33
N LYS A 869 22.28 4.53 19.04
CA LYS A 869 21.19 5.02 18.17
C LYS A 869 20.25 3.91 17.72
N LYS A 870 20.71 2.66 17.86
CA LYS A 870 19.96 1.46 17.50
C LYS A 870 19.72 0.67 18.77
N LEU A 871 18.69 -0.16 18.80
CA LEU A 871 18.54 -1.12 19.88
C LEU A 871 19.77 -2.04 19.98
N SER A 872 20.24 -2.56 18.84
CA SER A 872 21.35 -3.51 18.77
C SER A 872 22.69 -2.96 19.26
N ALA A 873 22.88 -1.65 19.11
CA ALA A 873 24.07 -0.98 19.63
C ALA A 873 24.07 -1.02 21.16
N GLU A 874 22.90 -0.75 21.76
CA GLU A 874 22.71 -0.84 23.20
C GLU A 874 22.89 -2.27 23.68
N SER A 875 22.22 -3.21 23.02
CA SER A 875 22.34 -4.64 23.33
C SER A 875 23.80 -5.10 23.37
N ALA A 876 24.54 -4.73 22.32
CA ALA A 876 25.96 -5.12 22.19
C ALA A 876 26.78 -4.66 23.38
N LYS A 877 26.51 -3.44 23.84
CA LYS A 877 27.19 -2.86 24.99
C LYS A 877 26.94 -3.64 26.29
N TYR A 878 25.70 -4.11 26.47
CA TYR A 878 25.35 -4.94 27.62
C TYR A 878 25.84 -6.37 27.43
N TRP A 879 25.63 -6.90 26.23
CA TRP A 879 26.12 -8.23 25.90
C TRP A 879 27.63 -8.35 26.13
N GLY A 880 28.36 -7.27 25.88
CA GLY A 880 29.79 -7.19 26.21
C GLY A 880 30.05 -7.43 27.69
N GLU A 881 29.31 -6.73 28.54
CA GLU A 881 29.44 -6.83 30.00
C GLU A 881 29.13 -8.21 30.53
N ILE A 882 28.22 -8.91 29.84
CA ILE A 882 27.73 -10.23 30.27
C ILE A 882 28.66 -11.37 29.83
N ILE A 883 29.03 -11.43 28.55
CA ILE A 883 29.96 -12.47 28.10
C ILE A 883 31.35 -12.34 28.75
N SER A 884 31.75 -11.11 29.09
CA SER A 884 33.05 -10.89 29.73
C SER A 884 32.93 -11.05 31.23
N GLN A 885 31.72 -11.36 31.70
CA GLN A 885 31.48 -11.63 33.11
C GLN A 885 31.85 -10.43 33.99
N GLN A 886 31.75 -9.22 33.46
CA GLN A 886 32.09 -8.04 34.26
C GLN A 886 30.87 -7.31 34.80
N TYR A 887 29.80 -7.25 34.01
CA TYR A 887 28.50 -6.72 34.45
C TYR A 887 28.52 -5.26 34.92
N ASN A 888 29.52 -4.51 34.51
CA ASN A 888 29.67 -3.10 34.83
C ASN A 888 28.85 -2.25 33.84
N PHE A 889 27.53 -2.27 34.02
CA PHE A 889 26.58 -1.67 33.08
C PHE A 889 26.59 -0.15 33.01
N ASP A 890 27.09 0.48 34.06
CA ASP A 890 27.23 1.93 34.13
C ASP A 890 28.72 2.29 33.98
N ARG A 891 29.43 1.50 33.17
CA ARG A 891 30.89 1.61 33.05
C ARG A 891 31.39 2.97 32.58
N ASP A 892 30.75 3.49 31.53
CA ASP A 892 31.18 4.71 30.86
C ASP A 892 31.13 5.93 31.75
N ASN A 893 30.08 6.05 32.57
CA ASN A 893 29.98 7.13 33.54
C ASN A 893 31.12 7.10 34.55
N THR A 894 31.28 5.96 35.23
CA THR A 894 32.32 5.83 36.25
C THR A 894 33.72 5.95 35.64
N GLU A 895 33.92 5.36 34.46
CA GLU A 895 35.21 5.43 33.78
C GLU A 895 35.55 6.82 33.22
N VAL A 896 34.57 7.48 32.61
CA VAL A 896 34.78 8.83 32.09
C VAL A 896 34.99 9.84 33.23
N ALA A 897 34.23 9.67 34.33
CA ALA A 897 34.39 10.53 35.51
C ALA A 897 35.79 10.38 36.10
N TYR A 898 36.30 9.15 36.17
CA TYR A 898 37.68 8.94 36.59
C TYR A 898 38.71 9.52 35.61
N LEU A 899 38.40 9.43 34.31
CA LEU A 899 39.28 9.95 33.25
C LEU A 899 39.68 11.42 33.45
N LYS A 900 38.69 12.24 33.83
CA LYS A 900 38.89 13.68 34.00
C LYS A 900 39.84 14.05 35.15
N THR A 901 40.04 13.10 36.08
CA THR A 901 41.00 13.22 37.17
C THR A 901 42.44 13.19 36.66
N LEU A 902 42.66 12.48 35.56
CA LEU A 902 44.01 12.17 35.06
C LEU A 902 44.79 13.39 34.60
N THR A 903 46.09 13.36 34.87
CA THR A 903 46.99 14.46 34.54
C THR A 903 48.06 14.04 33.56
N LYS A 904 48.66 15.02 32.88
CA LYS A 904 49.87 14.84 32.07
C LYS A 904 50.89 14.00 32.82
N GLU A 905 51.12 14.37 34.08
CA GLU A 905 52.04 13.67 34.97
C GLU A 905 51.69 12.19 35.17
N ASP A 906 50.40 11.89 35.36
CA ASP A 906 49.91 10.51 35.52
C ASP A 906 50.23 9.65 34.31
N ILE A 907 49.95 10.19 33.12
CA ILE A 907 50.17 9.49 31.87
C ILE A 907 51.66 9.26 31.63
N ILE A 908 52.46 10.30 31.81
CA ILE A 908 53.91 10.16 31.79
C ILE A 908 54.29 9.02 32.74
N LYS A 909 53.80 9.07 33.98
CA LYS A 909 54.06 8.02 34.99
C LYS A 909 53.71 6.61 34.51
N PHE A 910 52.50 6.46 33.95
CA PHE A 910 52.09 5.19 33.33
C PHE A 910 53.05 4.76 32.21
N TYR A 911 53.52 5.72 31.41
CA TYR A 911 54.38 5.42 30.28
C TYR A 911 55.75 4.81 30.63
N LYS A 912 56.56 5.49 31.45
CA LYS A 912 57.93 4.99 31.72
C LYS A 912 57.92 3.74 32.58
N GLU A 913 56.86 3.54 33.37
CA GLU A 913 56.75 2.30 34.16
C GLU A 913 56.35 1.07 33.34
N MET A 914 55.51 1.26 32.31
CA MET A 914 54.93 0.13 31.55
C MET A 914 55.45 -0.07 30.13
N LEU A 915 55.53 1.02 29.37
CA LEU A 915 55.70 0.93 27.91
C LEU A 915 57.09 1.26 27.41
N ALA A 916 57.76 2.23 28.02
CA ALA A 916 59.08 2.70 27.59
C ALA A 916 60.09 1.56 27.47
N VAL A 917 61.02 1.67 26.52
CA VAL A 917 62.06 0.65 26.24
C VAL A 917 62.73 0.06 27.48
N ASP A 918 62.80 0.86 28.55
CA ASP A 918 63.54 0.51 29.75
C ASP A 918 62.64 0.59 30.98
N ALA A 919 61.35 0.36 30.75
CA ALA A 919 60.36 0.26 31.81
C ALA A 919 60.67 -0.96 32.66
N PRO A 920 60.60 -0.82 34.00
CA PRO A 920 60.85 -1.97 34.86
C PRO A 920 59.83 -3.08 34.63
N ARG A 921 58.64 -2.70 34.15
CA ARG A 921 57.53 -3.62 33.99
C ARG A 921 57.07 -3.79 32.53
N ARG A 922 57.99 -3.63 31.59
CA ARG A 922 57.66 -3.79 30.16
C ARG A 922 57.47 -5.27 29.82
N HIS A 923 56.32 -5.59 29.22
CA HIS A 923 55.97 -6.96 28.81
C HIS A 923 55.65 -6.99 27.33
N LYS A 924 56.62 -7.40 26.53
CA LYS A 924 56.48 -7.28 25.09
C LYS A 924 56.47 -8.62 24.35
N VAL A 925 55.46 -8.83 23.51
CA VAL A 925 55.47 -9.95 22.55
C VAL A 925 55.30 -9.42 21.14
N SER A 926 56.05 -9.99 20.21
CA SER A 926 56.01 -9.60 18.81
C SER A 926 55.76 -10.82 17.92
N VAL A 927 54.79 -10.70 17.03
CA VAL A 927 54.55 -11.73 16.02
C VAL A 927 55.00 -11.19 14.67
N HIS A 928 55.94 -11.88 14.05
CA HIS A 928 56.49 -11.46 12.76
C HIS A 928 56.02 -12.43 11.70
N VAL A 929 55.24 -11.97 10.75
CA VAL A 929 54.87 -12.81 9.63
C VAL A 929 55.65 -12.36 8.40
N LEU A 930 56.58 -13.19 7.97
CA LEU A 930 57.42 -12.89 6.81
C LEU A 930 56.67 -13.09 5.51
N ALA A 931 57.04 -12.28 4.51
CA ALA A 931 56.51 -12.35 3.17
C ALA A 931 56.89 -13.66 2.47
N ARG A 932 56.15 -13.99 1.42
CA ARG A 932 56.38 -15.22 0.65
C ARG A 932 57.87 -15.50 0.39
N GLU A 933 58.65 -14.44 0.12
CA GLU A 933 60.04 -14.59 -0.35
C GLU A 933 61.16 -13.95 0.48
N MET A 934 60.90 -13.66 1.76
CA MET A 934 61.91 -13.04 2.61
C MET A 934 62.85 -14.02 3.27
N ASP A 935 64.00 -13.50 3.75
C ASP A 935 64.46 -15.63 5.05
N ASN A 950 66.08 13.58 8.01
CA ASN A 950 66.04 12.13 7.89
C ASN A 950 64.89 11.53 8.72
N LEU A 951 65.18 10.50 9.51
CA LEU A 951 64.18 9.86 10.38
C LEU A 951 64.65 9.93 11.84
N SER A 952 63.70 10.04 12.77
CA SER A 952 64.04 9.90 14.18
C SER A 952 64.72 8.55 14.38
N GLN A 953 65.68 8.48 15.30
CA GLN A 953 66.48 7.26 15.44
C GLN A 953 65.93 6.24 16.44
N ALA A 954 66.08 4.96 16.09
CA ALA A 954 65.61 3.85 16.91
C ALA A 954 66.55 3.59 18.08
N PRO A 955 65.99 3.16 19.23
CA PRO A 955 66.80 2.80 20.40
C PRO A 955 67.40 1.41 20.29
N ALA A 956 68.43 1.13 21.07
CA ALA A 956 69.02 -0.21 21.13
C ALA A 956 68.04 -1.18 21.80
N LEU A 957 67.86 -2.33 21.15
CA LEU A 957 66.92 -3.33 21.63
C LEU A 957 67.63 -4.58 22.14
N PRO A 958 67.11 -5.19 23.23
CA PRO A 958 67.63 -6.45 23.73
C PRO A 958 67.44 -7.59 22.72
N GLN A 959 68.19 -8.68 22.90
CA GLN A 959 67.98 -9.89 22.14
C GLN A 959 66.67 -10.51 22.64
N PRO A 960 65.73 -10.82 21.71
CA PRO A 960 64.48 -11.42 22.17
C PRO A 960 64.62 -12.93 22.34
N GLU A 961 63.77 -13.51 23.19
CA GLU A 961 63.67 -14.96 23.27
C GLU A 961 62.74 -15.45 22.16
N VAL A 962 63.25 -16.34 21.32
CA VAL A 962 62.51 -16.83 20.16
C VAL A 962 61.65 -18.07 20.51
N ILE A 963 60.34 -17.91 20.37
CA ILE A 963 59.39 -18.98 20.64
C ILE A 963 59.48 -20.05 19.54
N GLN A 964 59.97 -21.24 19.90
CA GLN A 964 59.99 -22.39 18.99
C GLN A 964 58.68 -23.15 19.00
N ASN A 965 58.07 -23.25 20.18
CA ASN A 965 56.87 -24.04 20.37
C ASN A 965 55.84 -23.28 21.19
N MET A 966 54.61 -23.21 20.68
CA MET A 966 53.55 -22.43 21.33
C MET A 966 53.14 -23.00 22.67
N THR A 967 53.12 -24.33 22.75
CA THR A 967 52.79 -25.03 23.97
C THR A 967 53.90 -24.87 25.00
N GLU A 968 55.16 -25.02 24.56
CA GLU A 968 56.33 -24.82 25.45
C GLU A 968 56.34 -23.43 26.08
N PHE A 969 56.06 -22.41 25.26
CA PHE A 969 55.99 -21.03 25.69
C PHE A 969 54.89 -20.83 26.75
N LYS A 970 53.68 -21.30 26.47
CA LYS A 970 52.56 -21.19 27.41
C LYS A 970 52.85 -21.88 28.73
N ARG A 971 53.48 -23.04 28.65
CA ARG A 971 53.81 -23.84 29.83
C ARG A 971 54.89 -23.21 30.71
N GLY A 972 55.78 -22.42 30.10
CA GLY A 972 56.88 -21.79 30.86
C GLY A 972 56.51 -20.48 31.53
N LEU A 973 55.22 -20.13 31.50
CA LEU A 973 54.76 -18.85 32.03
C LEU A 973 53.58 -19.02 32.97
N PRO A 974 53.39 -18.07 33.90
CA PRO A 974 52.19 -18.07 34.72
C PRO A 974 50.94 -17.69 33.92
N LEU A 975 49.77 -17.87 34.53
CA LEU A 975 48.53 -17.38 33.97
C LEU A 975 47.96 -16.33 34.90
N PHE A 976 47.35 -15.29 34.32
CA PHE A 976 46.75 -14.22 35.11
C PHE A 976 45.60 -14.77 35.93
N PRO A 977 45.13 -14.00 36.94
CA PRO A 977 43.84 -14.37 37.53
C PRO A 977 42.72 -14.19 36.51
N LEU A 978 41.47 -14.26 36.98
CA LEU A 978 40.33 -13.84 36.17
C LEU A 978 39.61 -12.69 36.84
N VAL A 979 39.03 -11.79 36.05
CA VAL A 979 38.44 -10.57 36.60
C VAL A 979 37.28 -10.87 37.55
N LYS A 980 37.12 -10.02 38.58
CA LYS A 980 36.01 -10.13 39.53
C LYS A 980 34.74 -9.47 38.94
N PRO A 981 33.58 -10.13 39.06
CA PRO A 981 32.32 -9.59 38.53
C PRO A 981 31.79 -8.34 39.26
N HIS A 982 32.40 -7.18 38.96
CA HIS A 982 32.00 -5.85 39.50
C HIS A 982 31.00 -5.84 40.67
N ASN B 15 -7.68 -25.90 -26.16
CA ASN B 15 -7.60 -25.46 -24.73
C ASN B 15 -8.50 -26.30 -23.81
N PRO B 16 -7.89 -26.91 -22.77
CA PRO B 16 -8.58 -27.68 -21.73
C PRO B 16 -9.29 -26.86 -20.64
N ALA B 17 -8.88 -25.61 -20.45
CA ALA B 17 -9.48 -24.74 -19.41
C ALA B 17 -10.85 -24.21 -19.81
N ILE B 18 -11.18 -24.37 -21.09
CA ILE B 18 -12.42 -23.90 -21.67
C ILE B 18 -13.27 -25.09 -22.11
N LYS B 19 -14.51 -25.16 -21.62
CA LYS B 19 -15.44 -26.20 -22.05
C LYS B 19 -16.12 -25.84 -23.37
N ARG B 20 -16.48 -24.57 -23.57
CA ARG B 20 -16.98 -24.14 -24.88
C ARG B 20 -16.91 -22.63 -25.13
N ILE B 21 -16.87 -22.27 -26.40
CA ILE B 21 -17.01 -20.88 -26.85
C ILE B 21 -18.24 -20.52 -27.64
N GLY B 22 -19.17 -19.78 -27.04
CA GLY B 22 -20.50 -19.58 -27.59
C GLY B 22 -20.29 -19.04 -29.00
N ASN B 23 -21.24 -19.34 -29.89
CA ASN B 23 -21.36 -18.65 -31.19
C ASN B 23 -21.54 -17.37 -32.04
N HIS B 24 -21.94 -16.27 -31.37
CA HIS B 24 -22.16 -14.95 -32.04
C HIS B 24 -22.31 -14.85 -30.50
N ILE B 25 -22.80 -13.70 -30.04
CA ILE B 25 -23.72 -13.13 -29.05
C ILE B 25 -24.53 -12.23 -29.97
N THR B 26 -25.86 -12.37 -29.96
CA THR B 26 -26.70 -11.44 -30.72
C THR B 26 -26.89 -10.10 -30.00
N LYS B 27 -26.70 -9.01 -30.72
CA LYS B 27 -26.69 -7.66 -30.13
C LYS B 27 -27.44 -6.62 -30.97
N SER B 28 -27.65 -5.44 -30.41
CA SER B 28 -28.21 -4.33 -31.16
C SER B 28 -27.26 -4.00 -32.30
N PRO B 29 -27.80 -3.64 -33.48
CA PRO B 29 -26.90 -3.27 -34.58
C PRO B 29 -26.24 -1.90 -34.37
N GLU B 30 -26.68 -1.20 -33.33
CA GLU B 30 -26.12 0.08 -32.92
C GLU B 30 -25.00 -0.11 -31.90
N ASP B 31 -24.92 -1.30 -31.31
CA ASP B 31 -23.93 -1.60 -30.29
C ASP B 31 -22.59 -1.93 -30.94
N LYS B 32 -21.62 -1.03 -30.80
CA LYS B 32 -20.29 -1.26 -31.38
C LYS B 32 -19.37 -2.04 -30.45
N ARG B 33 -19.86 -2.40 -29.27
CA ARG B 33 -19.07 -3.23 -28.36
C ARG B 33 -18.96 -4.65 -28.93
N GLU B 34 -17.91 -5.36 -28.54
CA GLU B 34 -17.70 -6.71 -29.05
C GLU B 34 -17.83 -7.73 -27.93
N TYR B 35 -18.31 -8.93 -28.27
CA TYR B 35 -18.74 -9.90 -27.24
C TYR B 35 -18.33 -11.34 -27.49
N ARG B 36 -17.89 -12.01 -26.43
CA ARG B 36 -17.65 -13.45 -26.47
C ARG B 36 -18.20 -14.13 -25.21
N GLY B 37 -18.93 -15.23 -25.42
CA GLY B 37 -19.41 -16.07 -24.32
C GLY B 37 -18.58 -17.32 -24.19
N LEU B 38 -18.44 -17.82 -22.96
CA LEU B 38 -17.68 -19.03 -22.70
C LEU B 38 -18.29 -19.77 -21.55
N GLU B 39 -17.96 -21.06 -21.49
CA GLU B 39 -18.10 -21.83 -20.26
C GLU B 39 -16.73 -22.39 -19.95
N LEU B 40 -16.22 -22.07 -18.78
CA LEU B 40 -14.94 -22.59 -18.32
C LEU B 40 -15.05 -24.08 -17.99
N ALA B 41 -13.90 -24.76 -17.93
CA ALA B 41 -13.86 -26.19 -17.60
C ALA B 41 -14.50 -26.49 -16.24
N ASN B 42 -14.31 -25.59 -15.29
CA ASN B 42 -14.90 -25.77 -13.96
C ASN B 42 -16.38 -25.37 -13.87
N GLY B 43 -16.94 -24.89 -14.98
CA GLY B 43 -18.37 -24.62 -15.04
C GLY B 43 -18.80 -23.17 -15.00
N ILE B 44 -17.87 -22.26 -14.69
CA ILE B 44 -18.15 -20.83 -14.67
C ILE B 44 -18.59 -20.38 -16.06
N LYS B 45 -19.68 -19.61 -16.11
CA LYS B 45 -20.18 -19.00 -17.34
C LYS B 45 -19.65 -17.58 -17.44
N VAL B 46 -19.12 -17.23 -18.60
CA VAL B 46 -18.44 -15.95 -18.76
C VAL B 46 -18.95 -15.17 -19.96
N LEU B 47 -19.17 -13.87 -19.77
CA LEU B 47 -19.28 -12.97 -20.92
C LEU B 47 -18.12 -11.98 -20.95
N LEU B 48 -17.56 -11.80 -22.14
CA LEU B 48 -16.48 -10.85 -22.36
C LEU B 48 -16.97 -9.70 -23.21
N ILE B 49 -16.78 -8.48 -22.71
CA ILE B 49 -17.13 -7.28 -23.44
C ILE B 49 -15.87 -6.47 -23.75
N SER B 50 -15.56 -6.34 -25.04
CA SER B 50 -14.45 -5.49 -25.47
C SER B 50 -14.96 -4.18 -26.01
N ASP B 51 -14.57 -3.09 -25.36
CA ASP B 51 -14.91 -1.75 -25.80
C ASP B 51 -13.65 -0.87 -25.77
N PRO B 52 -12.95 -0.74 -26.93
CA PRO B 52 -11.69 0.04 -27.02
C PRO B 52 -11.87 1.51 -26.66
N THR B 53 -13.12 1.96 -26.69
CA THR B 53 -13.57 3.30 -26.25
C THR B 53 -13.50 3.59 -24.75
N THR B 54 -13.72 2.57 -23.92
CA THR B 54 -14.15 2.78 -22.52
C THR B 54 -13.11 3.45 -21.64
N ASP B 55 -13.55 4.39 -20.81
CA ASP B 55 -12.66 5.04 -19.86
C ASP B 55 -12.45 4.18 -18.62
N LYS B 56 -13.51 3.48 -18.21
CA LYS B 56 -13.43 2.58 -17.08
C LYS B 56 -13.62 1.13 -17.52
N SER B 57 -12.97 0.22 -16.82
CA SER B 57 -13.18 -1.20 -17.04
C SER B 57 -13.95 -1.75 -15.85
N SER B 58 -14.62 -2.89 -16.01
CA SER B 58 -15.21 -3.55 -14.84
C SER B 58 -15.39 -5.06 -14.98
N ALA B 59 -15.66 -5.68 -13.84
CA ALA B 59 -16.02 -7.08 -13.80
C ALA B 59 -17.09 -7.29 -12.76
N ALA B 60 -17.89 -8.32 -12.96
CA ALA B 60 -18.85 -8.73 -11.95
C ALA B 60 -18.83 -10.24 -11.85
N LEU B 61 -19.09 -10.73 -10.65
CA LEU B 61 -19.30 -12.14 -10.45
C LEU B 61 -20.56 -12.32 -9.64
N ASP B 62 -21.46 -13.12 -10.19
CA ASP B 62 -22.69 -13.47 -9.52
C ASP B 62 -22.64 -14.93 -9.07
N VAL B 63 -22.93 -15.19 -7.81
CA VAL B 63 -23.06 -16.56 -7.33
C VAL B 63 -24.53 -16.86 -7.15
N HIS B 64 -24.97 -18.02 -7.66
CA HIS B 64 -26.37 -18.40 -7.54
C HIS B 64 -26.73 -18.94 -6.15
N ILE B 65 -26.31 -18.22 -5.12
CA ILE B 65 -26.61 -18.58 -3.74
C ILE B 65 -26.91 -17.33 -2.93
N GLY B 66 -27.92 -17.38 -2.07
CA GLY B 66 -28.25 -16.24 -1.22
C GLY B 66 -28.97 -16.58 0.07
N SER B 67 -29.63 -15.57 0.65
CA SER B 67 -30.37 -15.69 1.92
C SER B 67 -31.11 -17.00 2.12
N LEU B 68 -31.85 -17.44 1.10
CA LEU B 68 -32.68 -18.64 1.22
C LEU B 68 -31.87 -19.88 1.59
N SER B 69 -30.55 -19.79 1.42
CA SER B 69 -29.64 -20.87 1.77
C SER B 69 -28.92 -20.66 3.12
N ASP B 70 -29.30 -19.63 3.86
CA ASP B 70 -28.74 -19.41 5.19
C ASP B 70 -29.11 -20.58 6.11
N PRO B 71 -28.20 -20.95 7.02
CA PRO B 71 -28.62 -21.98 7.96
C PRO B 71 -29.78 -21.42 8.79
N PRO B 72 -30.83 -22.23 9.06
CA PRO B 72 -31.98 -21.72 9.86
C PRO B 72 -31.46 -21.24 11.20
N ASN B 73 -30.30 -21.80 11.52
CA ASN B 73 -29.45 -21.54 12.65
C ASN B 73 -28.95 -20.11 12.81
N ILE B 74 -28.48 -19.51 11.71
CA ILE B 74 -27.70 -18.26 11.71
C ILE B 74 -28.18 -17.32 10.60
N ALA B 75 -29.28 -16.63 10.87
CA ALA B 75 -29.92 -15.76 9.89
C ALA B 75 -28.95 -14.70 9.40
N GLY B 76 -28.95 -14.46 8.08
CA GLY B 76 -28.13 -13.41 7.50
C GLY B 76 -26.66 -13.78 7.28
N LEU B 77 -26.34 -15.07 7.24
CA LEU B 77 -24.95 -15.47 7.07
C LEU B 77 -24.41 -15.16 5.66
N SER B 78 -25.21 -15.41 4.63
CA SER B 78 -24.86 -15.01 3.26
C SER B 78 -24.61 -13.49 3.17
N HIS B 79 -25.50 -12.68 3.76
CA HIS B 79 -25.29 -11.22 3.78
C HIS B 79 -23.99 -10.83 4.53
N PHE B 80 -23.73 -11.49 5.66
CA PHE B 80 -22.50 -11.25 6.40
C PHE B 80 -21.26 -11.69 5.63
N LEU B 81 -21.33 -12.83 4.96
CA LEU B 81 -20.22 -13.33 4.15
C LEU B 81 -19.85 -12.31 3.06
N GLN B 82 -20.87 -11.77 2.40
CA GLN B 82 -20.68 -10.78 1.34
C GLN B 82 -19.85 -9.59 1.84
N HIS B 83 -20.20 -9.07 3.01
CA HIS B 83 -19.43 -8.01 3.65
C HIS B 83 -17.99 -8.41 3.91
N MET B 84 -17.78 -9.67 4.28
CA MET B 84 -16.47 -10.14 4.73
C MET B 84 -15.47 -10.35 3.60
N LEU B 85 -15.95 -10.70 2.41
CA LEU B 85 -15.05 -10.95 1.28
C LEU B 85 -14.19 -9.74 0.92
N PHE B 86 -14.68 -8.54 1.20
CA PHE B 86 -13.93 -7.31 0.93
C PHE B 86 -12.75 -7.11 1.89
N LEU B 87 -12.76 -7.82 3.02
CA LEU B 87 -11.86 -7.48 4.11
C LEU B 87 -10.58 -8.29 4.20
N GLY B 88 -10.16 -8.91 3.10
CA GLY B 88 -8.88 -9.60 3.10
C GLY B 88 -8.83 -11.01 2.53
N THR B 89 -7.70 -11.30 1.91
CA THR B 89 -7.49 -12.56 1.21
C THR B 89 -6.10 -13.10 1.58
N LYS B 90 -5.82 -14.36 1.23
CA LYS B 90 -4.48 -14.92 1.39
C LYS B 90 -3.44 -14.16 0.58
N LYS B 91 -3.67 -14.02 -0.73
CA LYS B 91 -2.76 -13.27 -1.61
C LYS B 91 -2.69 -11.78 -1.26
N TYR B 92 -3.80 -11.18 -0.83
CA TYR B 92 -3.81 -9.77 -0.43
C TYR B 92 -4.42 -9.59 0.96
N PRO B 93 -3.60 -9.79 2.02
CA PRO B 93 -4.13 -9.89 3.38
C PRO B 93 -4.43 -8.57 4.09
N LYS B 94 -4.09 -7.44 3.46
CA LYS B 94 -4.38 -6.14 4.07
C LYS B 94 -5.88 -5.89 4.08
N GLU B 95 -6.43 -5.61 5.27
CA GLU B 95 -7.88 -5.45 5.43
C GLU B 95 -8.51 -4.66 4.27
N ASN B 96 -7.96 -3.50 3.95
CA ASN B 96 -8.53 -2.65 2.90
C ASN B 96 -7.78 -2.61 1.57
N GLU B 97 -6.85 -3.55 1.35
CA GLU B 97 -6.09 -3.61 0.09
C GLU B 97 -6.95 -3.36 -1.14
N TYR B 98 -8.14 -3.94 -1.14
CA TYR B 98 -9.06 -3.89 -2.26
C TYR B 98 -9.71 -2.51 -2.49
N SER B 99 -10.29 -1.89 -1.45
CA SER B 99 -10.88 -0.55 -1.61
C SER B 99 -9.82 0.44 -1.99
N GLN B 100 -8.68 0.34 -1.32
CA GLN B 100 -7.60 1.28 -1.52
C GLN B 100 -7.07 1.23 -2.94
N PHE B 101 -6.84 0.01 -3.43
CA PHE B 101 -6.41 -0.16 -4.80
C PHE B 101 -7.39 0.47 -5.77
N LEU B 102 -8.68 0.22 -5.54
CA LEU B 102 -9.73 0.75 -6.40
C LEU B 102 -9.77 2.28 -6.34
N SER B 103 -9.69 2.82 -5.12
CA SER B 103 -9.76 4.26 -4.92
C SER B 103 -8.65 5.01 -5.64
N GLU B 104 -7.44 4.44 -5.60
CA GLU B 104 -6.25 5.04 -6.20
C GLU B 104 -6.17 4.83 -7.69
N HIS B 105 -7.13 4.11 -8.27
CA HIS B 105 -7.11 3.89 -9.71
C HIS B 105 -8.46 4.19 -10.32
N ALA B 106 -9.14 5.16 -9.72
CA ALA B 106 -10.45 5.67 -10.14
C ALA B 106 -11.59 4.63 -10.12
N GLY B 107 -11.56 3.72 -9.15
CA GLY B 107 -12.55 2.67 -9.06
C GLY B 107 -13.54 2.76 -7.92
N SER B 108 -14.59 1.96 -8.03
CA SER B 108 -15.60 1.81 -6.99
C SER B 108 -16.04 0.36 -6.99
N SER B 109 -16.62 -0.08 -5.88
CA SER B 109 -17.10 -1.44 -5.77
C SER B 109 -18.39 -1.49 -4.97
N ASN B 110 -19.16 -2.56 -5.17
CA ASN B 110 -20.24 -2.89 -4.26
C ASN B 110 -20.70 -4.31 -4.48
N ALA B 111 -21.61 -4.74 -3.62
CA ALA B 111 -22.19 -6.06 -3.69
C ALA B 111 -23.59 -5.94 -3.11
N PHE B 112 -24.46 -6.88 -3.45
CA PHE B 112 -25.71 -7.06 -2.73
C PHE B 112 -25.98 -8.56 -2.68
N THR B 113 -26.74 -8.99 -1.67
CA THR B 113 -27.24 -10.36 -1.66
C THR B 113 -28.76 -10.36 -1.66
N SER B 114 -29.36 -11.21 -2.50
CA SER B 114 -30.80 -11.39 -2.48
C SER B 114 -31.10 -12.83 -2.08
N GLY B 115 -32.36 -13.23 -2.18
CA GLY B 115 -32.74 -14.61 -1.85
C GLY B 115 -31.90 -15.71 -2.50
N GLU B 116 -31.48 -15.48 -3.75
CA GLU B 116 -30.86 -16.54 -4.55
C GLU B 116 -29.53 -16.18 -5.16
N HIS B 117 -29.12 -14.93 -5.01
CA HIS B 117 -27.90 -14.47 -5.62
C HIS B 117 -27.12 -13.65 -4.66
N THR B 118 -25.81 -13.76 -4.75
CA THR B 118 -24.96 -12.74 -4.21
C THR B 118 -23.97 -12.27 -5.30
N ASN B 119 -23.96 -10.96 -5.49
CA ASN B 119 -23.44 -10.32 -6.69
C ASN B 119 -22.40 -9.26 -6.33
N TYR B 120 -21.23 -9.34 -6.96
CA TYR B 120 -20.09 -8.46 -6.66
C TYR B 120 -19.62 -7.75 -7.92
N TYR B 121 -19.49 -6.43 -7.86
CA TYR B 121 -19.03 -5.67 -9.00
C TYR B 121 -18.05 -4.58 -8.59
N PHE B 122 -17.19 -4.19 -9.53
CA PHE B 122 -16.31 -3.05 -9.37
C PHE B 122 -16.11 -2.35 -10.72
N ASP B 123 -15.62 -1.11 -10.69
CA ASP B 123 -14.98 -0.51 -11.86
C ASP B 123 -13.65 0.15 -11.51
N VAL B 124 -12.84 0.40 -12.53
CA VAL B 124 -11.50 0.92 -12.33
C VAL B 124 -11.07 1.57 -13.64
N SER B 125 -10.09 2.47 -13.58
CA SER B 125 -9.45 3.04 -14.75
C SER B 125 -9.06 1.94 -15.73
N HIS B 126 -9.32 2.17 -17.01
CA HIS B 126 -9.18 1.13 -18.03
C HIS B 126 -7.82 0.43 -18.07
N GLU B 127 -6.77 1.10 -17.59
CA GLU B 127 -5.42 0.50 -17.59
C GLU B 127 -5.12 -0.32 -16.35
N HIS B 128 -6.12 -0.62 -15.52
CA HIS B 128 -5.84 -1.37 -14.31
C HIS B 128 -6.85 -2.47 -14.07
N LEU B 129 -7.40 -2.99 -15.16
CA LEU B 129 -8.35 -4.07 -15.13
C LEU B 129 -7.78 -5.25 -14.37
N GLU B 130 -6.59 -5.67 -14.80
CA GLU B 130 -5.94 -6.88 -14.32
C GLU B 130 -5.55 -6.78 -12.85
N GLY B 131 -5.07 -5.59 -12.47
CA GLY B 131 -4.72 -5.32 -11.09
C GLY B 131 -5.93 -5.46 -10.21
N ALA B 132 -7.03 -4.83 -10.63
CA ALA B 132 -8.32 -4.95 -9.95
C ALA B 132 -8.82 -6.39 -9.95
N LEU B 133 -8.83 -7.01 -11.13
CA LEU B 133 -9.39 -8.35 -11.31
C LEU B 133 -8.68 -9.41 -10.48
N ASP B 134 -7.36 -9.27 -10.34
CA ASP B 134 -6.57 -10.19 -9.55
C ASP B 134 -7.01 -10.19 -8.09
N ARG B 135 -7.12 -9.01 -7.46
CA ARG B 135 -7.58 -8.94 -6.07
C ARG B 135 -9.05 -9.34 -5.94
N PHE B 136 -9.81 -9.13 -7.02
CA PHE B 136 -11.22 -9.52 -7.06
C PHE B 136 -11.38 -11.04 -7.06
N ALA B 137 -10.64 -11.73 -7.92
CA ALA B 137 -10.75 -13.18 -8.00
C ALA B 137 -10.46 -13.81 -6.65
N GLN B 138 -9.54 -13.20 -5.91
CA GLN B 138 -9.12 -13.72 -4.62
C GLN B 138 -10.24 -13.85 -3.59
N PHE B 139 -11.35 -13.13 -3.79
CA PHE B 139 -12.55 -13.25 -2.96
C PHE B 139 -13.15 -14.66 -2.97
N PHE B 140 -12.90 -15.38 -4.05
CA PHE B 140 -13.63 -16.62 -4.35
C PHE B 140 -12.68 -17.80 -4.31
N LEU B 141 -11.45 -17.51 -3.92
CA LEU B 141 -10.41 -18.50 -3.83
C LEU B 141 -10.05 -18.75 -2.38
N SER B 142 -9.73 -17.69 -1.64
CA SER B 142 -9.21 -17.87 -0.29
C SER B 142 -9.33 -16.63 0.61
N PRO B 143 -10.57 -16.25 0.97
CA PRO B 143 -10.80 -15.16 1.93
C PRO B 143 -10.22 -15.48 3.31
N LEU B 144 -9.79 -14.46 4.03
CA LEU B 144 -9.24 -14.65 5.38
C LEU B 144 -10.32 -14.87 6.44
N PHE B 145 -11.43 -14.13 6.32
CA PHE B 145 -12.40 -14.02 7.40
C PHE B 145 -11.69 -13.75 8.71
N ASP B 146 -10.85 -12.71 8.71
CA ASP B 146 -10.06 -12.37 9.90
C ASP B 146 -10.92 -12.24 11.13
N GLU B 147 -10.49 -12.89 12.22
CA GLU B 147 -11.25 -12.92 13.46
C GLU B 147 -11.60 -11.51 13.96
N SER B 148 -10.66 -10.58 13.80
CA SER B 148 -10.83 -9.24 14.32
C SER B 148 -11.73 -8.38 13.42
N ALA B 149 -11.61 -8.56 12.11
CA ALA B 149 -12.49 -7.90 11.14
C ALA B 149 -13.92 -8.38 11.30
N LYS B 150 -14.08 -9.68 11.54
CA LYS B 150 -15.39 -10.31 11.78
C LYS B 150 -16.15 -9.65 12.92
N ASP B 151 -15.41 -9.34 13.99
CA ASP B 151 -15.98 -8.71 15.18
C ASP B 151 -16.42 -7.28 14.96
N ARG B 152 -15.67 -6.55 14.14
CA ARG B 152 -16.00 -5.19 13.82
C ARG B 152 -17.12 -5.13 12.79
N GLU B 153 -17.00 -5.90 11.72
CA GLU B 153 -17.96 -5.79 10.62
C GLU B 153 -19.38 -6.23 10.96
N VAL B 154 -19.52 -7.10 11.96
CA VAL B 154 -20.83 -7.51 12.47
C VAL B 154 -21.72 -6.30 12.81
N ASN B 155 -21.08 -5.21 13.26
CA ASN B 155 -21.75 -3.96 13.60
C ASN B 155 -22.27 -3.22 12.38
N ALA B 156 -21.58 -3.36 11.26
CA ALA B 156 -22.00 -2.70 10.02
C ALA B 156 -23.36 -3.21 9.56
N VAL B 157 -23.57 -4.54 9.62
CA VAL B 157 -24.85 -5.10 9.19
C VAL B 157 -25.96 -4.80 10.21
N ASP B 158 -25.64 -4.87 11.50
CA ASP B 158 -26.56 -4.40 12.54
C ASP B 158 -27.09 -3.01 12.18
N SER B 159 -26.19 -2.16 11.72
CA SER B 159 -26.54 -0.82 11.24
C SER B 159 -27.39 -0.84 9.96
N GLU B 160 -27.08 -1.72 9.01
CA GLU B 160 -27.95 -1.88 7.84
C GLU B 160 -29.36 -2.16 8.34
N HIS B 161 -29.46 -3.07 9.30
CA HIS B 161 -30.76 -3.45 9.79
C HIS B 161 -31.46 -2.31 10.55
N GLU B 162 -30.73 -1.60 11.42
CA GLU B 162 -31.31 -0.45 12.13
C GLU B 162 -31.91 0.54 11.15
N LYS B 163 -31.12 0.96 10.16
CA LYS B 163 -31.57 1.73 9.02
C LYS B 163 -32.96 1.31 8.56
N ASN B 164 -33.16 0.00 8.49
CA ASN B 164 -34.33 -0.59 7.86
C ASN B 164 -35.53 -0.83 8.77
N VAL B 165 -35.33 -0.93 10.08
CA VAL B 165 -36.43 -1.31 10.98
C VAL B 165 -37.64 -0.40 10.93
N MET B 166 -37.43 0.89 10.68
CA MET B 166 -38.54 1.85 10.68
C MET B 166 -38.96 2.27 9.27
N ASN B 167 -38.52 1.48 8.28
CA ASN B 167 -38.93 1.63 6.90
C ASN B 167 -40.15 0.76 6.59
N ASP B 168 -41.22 1.37 6.08
CA ASP B 168 -42.45 0.60 5.80
C ASP B 168 -42.29 -0.45 4.70
N ALA B 169 -41.48 -0.14 3.69
CA ALA B 169 -41.20 -1.08 2.61
C ALA B 169 -40.53 -2.34 3.15
N TRP B 170 -39.57 -2.17 4.06
CA TRP B 170 -38.84 -3.32 4.61
C TRP B 170 -39.69 -4.16 5.53
N ARG B 171 -40.55 -3.52 6.32
CA ARG B 171 -41.39 -4.24 7.27
C ARG B 171 -42.43 -5.05 6.53
N LEU B 172 -43.01 -4.42 5.50
CA LEU B 172 -43.96 -5.11 4.63
C LEU B 172 -43.30 -6.27 3.91
N PHE B 173 -42.08 -6.04 3.44
CA PHE B 173 -41.29 -7.08 2.79
C PHE B 173 -41.16 -8.32 3.70
N GLN B 174 -40.74 -8.10 4.95
CA GLN B 174 -40.56 -9.19 5.90
C GLN B 174 -41.89 -9.74 6.40
N LEU B 175 -42.91 -8.89 6.52
CA LEU B 175 -44.23 -9.34 6.98
C LEU B 175 -44.86 -10.35 6.04
N GLU B 176 -44.74 -10.13 4.74
CA GLU B 176 -45.23 -11.10 3.79
C GLU B 176 -44.58 -12.45 4.07
N LYS B 177 -43.26 -12.46 4.30
CA LYS B 177 -42.52 -13.69 4.58
C LYS B 177 -42.94 -14.39 5.87
N ALA B 178 -43.30 -13.62 6.89
CA ALA B 178 -43.61 -14.17 8.22
C ALA B 178 -45.07 -14.65 8.31
N THR B 179 -45.71 -14.74 7.15
CA THR B 179 -47.14 -14.91 7.04
C THR B 179 -47.49 -16.13 6.17
N GLY B 180 -46.54 -16.57 5.34
CA GLY B 180 -46.64 -17.85 4.68
C GLY B 180 -46.11 -18.96 5.57
N ASN B 181 -45.89 -20.13 4.98
CA ASN B 181 -45.43 -21.32 5.70
C ASN B 181 -44.12 -21.07 6.46
N PRO B 182 -44.14 -21.15 7.81
CA PRO B 182 -42.88 -20.98 8.55
C PRO B 182 -41.81 -22.03 8.23
N LYS B 183 -42.21 -23.23 7.81
CA LYS B 183 -41.24 -24.27 7.42
C LYS B 183 -40.43 -23.90 6.19
N HIS B 184 -40.94 -22.93 5.42
CA HIS B 184 -40.39 -22.57 4.11
C HIS B 184 -39.21 -21.60 4.21
N PRO B 185 -38.12 -21.85 3.44
CA PRO B 185 -36.98 -20.93 3.38
C PRO B 185 -37.42 -19.48 3.20
N PHE B 186 -38.47 -19.25 2.42
CA PHE B 186 -39.06 -17.92 2.24
C PHE B 186 -39.29 -17.12 3.53
N SER B 187 -39.48 -17.80 4.66
CA SER B 187 -39.80 -17.13 5.93
C SER B 187 -38.58 -16.51 6.61
N LYS B 188 -37.42 -16.70 5.99
CA LYS B 188 -36.15 -16.37 6.62
C LYS B 188 -35.85 -14.89 6.64
N PHE B 189 -35.06 -14.49 7.64
CA PHE B 189 -34.61 -13.12 7.79
C PHE B 189 -33.28 -12.94 7.04
N GLY B 190 -33.36 -12.27 5.89
CA GLY B 190 -32.22 -12.15 4.99
C GLY B 190 -31.05 -11.32 5.48
N THR B 191 -31.33 -10.16 6.08
CA THR B 191 -30.25 -9.23 6.39
C THR B 191 -29.39 -9.65 7.58
N GLY B 192 -30.02 -10.05 8.68
CA GLY B 192 -29.29 -10.43 9.89
C GLY B 192 -28.98 -9.21 10.74
N ASN B 193 -28.47 -9.45 11.95
CA ASN B 193 -28.03 -8.37 12.84
C ASN B 193 -27.03 -8.84 13.91
N LYS B 194 -26.81 -8.02 14.93
CA LYS B 194 -25.91 -8.37 16.04
C LYS B 194 -26.35 -9.64 16.76
N TYR B 195 -27.62 -9.67 17.20
CA TYR B 195 -28.17 -10.84 17.91
C TYR B 195 -27.98 -12.10 17.06
N THR B 196 -28.46 -12.02 15.82
CA THR B 196 -28.39 -13.08 14.83
C THR B 196 -26.99 -13.59 14.47
N LEU B 197 -26.04 -12.67 14.36
CA LEU B 197 -24.71 -13.03 13.85
C LEU B 197 -23.63 -13.08 14.93
N GLU B 198 -23.93 -12.55 16.11
CA GLU B 198 -22.93 -12.58 17.18
C GLU B 198 -23.49 -13.11 18.52
N THR B 199 -24.45 -12.38 19.08
CA THR B 199 -25.02 -12.71 20.39
C THR B 199 -25.53 -14.16 20.46
N ARG B 200 -26.50 -14.46 19.61
CA ARG B 200 -27.08 -15.79 19.50
C ARG B 200 -26.01 -16.85 19.31
N PRO B 201 -25.21 -16.73 18.25
CA PRO B 201 -24.20 -17.78 18.03
C PRO B 201 -23.15 -17.94 19.14
N ASN B 202 -22.99 -16.94 20.00
CA ASN B 202 -22.05 -17.05 21.13
C ASN B 202 -22.62 -17.86 22.29
N GLN B 203 -23.84 -17.51 22.73
CA GLN B 203 -24.70 -18.49 23.41
C GLN B 203 -24.78 -19.53 22.31
N GLU B 204 -25.07 -20.79 22.63
CA GLU B 204 -25.09 -21.85 21.59
C GLU B 204 -23.70 -22.23 21.08
N GLY B 205 -22.67 -21.49 21.48
CA GLY B 205 -21.27 -21.87 21.22
C GLY B 205 -20.89 -22.19 19.79
N ILE B 206 -21.14 -21.23 18.89
CA ILE B 206 -20.80 -21.37 17.47
C ILE B 206 -19.58 -20.50 17.15
N ASP B 207 -18.56 -21.14 16.53
CA ASP B 207 -17.47 -20.35 15.91
C ASP B 207 -18.04 -19.92 14.56
N VAL B 208 -18.08 -18.61 14.34
CA VAL B 208 -18.78 -18.06 13.17
C VAL B 208 -17.75 -17.93 12.05
N ARG B 209 -16.49 -17.68 12.41
CA ARG B 209 -15.45 -17.71 11.43
C ARG B 209 -15.41 -19.06 10.72
N GLN B 210 -15.73 -20.14 11.45
CA GLN B 210 -15.73 -21.46 10.82
C GLN B 210 -17.00 -21.67 9.98
N GLU B 211 -18.13 -21.12 10.44
CA GLU B 211 -19.38 -21.18 9.68
C GLU B 211 -19.30 -20.39 8.37
N LEU B 212 -18.66 -19.22 8.42
CA LEU B 212 -18.30 -18.46 7.23
C LEU B 212 -17.43 -19.29 6.30
N LEU B 213 -16.35 -19.87 6.83
CA LEU B 213 -15.47 -20.75 6.06
C LEU B 213 -16.21 -21.96 5.47
N LYS B 214 -17.11 -22.56 6.26
CA LYS B 214 -17.92 -23.71 5.82
C LYS B 214 -18.88 -23.39 4.69
N PHE B 215 -19.64 -22.31 4.84
CA PHE B 215 -20.61 -21.87 3.83
C PHE B 215 -19.91 -21.52 2.51
N HIS B 216 -18.80 -20.80 2.61
CA HIS B 216 -17.97 -20.44 1.45
C HIS B 216 -17.51 -21.66 0.67
N SER B 217 -17.04 -22.69 1.39
CA SER B 217 -16.55 -23.91 0.75
C SER B 217 -17.69 -24.73 0.16
N ALA B 218 -18.79 -24.85 0.92
CA ALA B 218 -19.94 -25.61 0.49
C ALA B 218 -20.59 -25.02 -0.75
N TYR B 219 -20.72 -23.68 -0.78
CA TYR B 219 -21.53 -23.02 -1.79
C TYR B 219 -20.80 -22.21 -2.85
N TYR B 220 -19.70 -21.58 -2.49
CA TYR B 220 -19.00 -20.79 -3.48
C TYR B 220 -18.25 -21.72 -4.44
N SER B 221 -19.02 -22.55 -5.13
CA SER B 221 -18.53 -23.51 -6.10
C SER B 221 -18.51 -22.88 -7.50
N SER B 222 -17.69 -23.43 -8.40
CA SER B 222 -17.51 -22.83 -9.72
C SER B 222 -18.68 -23.04 -10.69
N ASN B 223 -19.37 -24.19 -10.65
CA ASN B 223 -20.72 -24.23 -11.21
C ASN B 223 -21.43 -23.16 -10.37
N LEU B 224 -22.66 -22.78 -10.65
CA LEU B 224 -23.27 -21.74 -9.77
C LEU B 224 -22.65 -20.33 -9.84
N MET B 225 -21.56 -20.16 -10.60
CA MET B 225 -20.89 -18.86 -10.77
C MET B 225 -20.89 -18.36 -12.21
N ALA B 226 -21.17 -17.07 -12.36
CA ALA B 226 -21.15 -16.42 -13.66
C ALA B 226 -20.34 -15.13 -13.56
N VAL B 227 -19.40 -14.94 -14.47
CA VAL B 227 -18.50 -13.78 -14.45
C VAL B 227 -18.58 -12.98 -15.75
N VAL B 228 -18.54 -11.66 -15.64
CA VAL B 228 -18.56 -10.78 -16.81
C VAL B 228 -17.42 -9.76 -16.70
N VAL B 229 -16.64 -9.64 -17.77
CA VAL B 229 -15.52 -8.69 -17.79
C VAL B 229 -15.59 -7.78 -19.01
N LEU B 230 -15.47 -6.47 -18.76
CA LEU B 230 -15.50 -5.46 -19.81
C LEU B 230 -14.26 -4.58 -19.70
N GLY B 231 -13.52 -4.47 -20.81
CA GLY B 231 -12.29 -3.66 -20.89
C GLY B 231 -11.90 -3.35 -22.31
N ARG B 232 -10.81 -2.60 -22.48
CA ARG B 232 -10.32 -2.21 -23.82
C ARG B 232 -9.59 -3.33 -24.55
N GLU B 233 -9.12 -4.33 -23.80
CA GLU B 233 -8.38 -5.45 -24.38
C GLU B 233 -9.23 -6.17 -25.41
N SER B 234 -8.57 -6.85 -26.36
CA SER B 234 -9.30 -7.68 -27.31
C SER B 234 -10.04 -8.82 -26.61
N LEU B 235 -11.01 -9.39 -27.31
CA LEU B 235 -11.69 -10.61 -26.87
C LEU B 235 -10.71 -11.74 -26.52
N ASP B 236 -9.67 -11.90 -27.34
CA ASP B 236 -8.61 -12.91 -27.08
C ASP B 236 -7.81 -12.61 -25.81
N ASP B 237 -7.43 -11.34 -25.64
CA ASP B 237 -6.73 -10.93 -24.41
C ASP B 237 -7.61 -11.10 -23.18
N LEU B 238 -8.86 -10.64 -23.27
CA LEU B 238 -9.85 -10.85 -22.23
C LEU B 238 -10.02 -12.33 -21.88
N THR B 239 -10.16 -13.18 -22.90
CA THR B 239 -10.28 -14.64 -22.72
C THR B 239 -9.14 -15.20 -21.89
N ASN B 240 -7.91 -14.88 -22.29
CA ASN B 240 -6.71 -15.35 -21.60
C ASN B 240 -6.64 -14.89 -20.14
N LEU B 241 -7.01 -13.62 -19.94
CA LEU B 241 -7.06 -13.03 -18.62
C LEU B 241 -8.03 -13.78 -17.71
N VAL B 242 -9.22 -14.09 -18.22
CA VAL B 242 -10.24 -14.78 -17.43
C VAL B 242 -9.85 -16.21 -17.07
N VAL B 243 -9.31 -16.98 -18.01
CA VAL B 243 -8.94 -18.37 -17.69
C VAL B 243 -7.79 -18.42 -16.69
N LYS B 244 -6.85 -17.49 -16.78
CA LYS B 244 -5.74 -17.51 -15.85
C LYS B 244 -6.26 -17.24 -14.43
N LEU B 245 -7.09 -16.20 -14.28
CA LEU B 245 -7.59 -15.81 -12.95
C LEU B 245 -8.72 -16.65 -12.35
N PHE B 246 -9.60 -17.21 -13.17
CA PHE B 246 -10.79 -17.91 -12.64
C PHE B 246 -10.84 -19.42 -12.83
N SER B 247 -9.93 -19.96 -13.63
CA SER B 247 -9.87 -21.40 -13.92
C SER B 247 -9.61 -22.26 -12.70
N GLU B 248 -9.14 -21.62 -11.63
CA GLU B 248 -8.68 -22.35 -10.47
C GLU B 248 -9.64 -22.24 -9.29
N VAL B 249 -10.87 -21.80 -9.56
CA VAL B 249 -11.94 -21.83 -8.57
C VAL B 249 -12.46 -23.26 -8.59
N GLU B 250 -12.63 -23.84 -7.42
CA GLU B 250 -12.96 -25.26 -7.32
C GLU B 250 -14.43 -25.55 -7.65
N ASN B 251 -14.63 -26.59 -8.46
CA ASN B 251 -15.96 -27.12 -8.75
C ASN B 251 -16.39 -28.18 -7.75
N LYS B 252 -17.45 -27.91 -6.99
CA LYS B 252 -17.94 -28.86 -5.99
C LYS B 252 -19.27 -29.46 -6.38
N ASN B 253 -19.65 -29.26 -7.64
CA ASN B 253 -20.91 -29.77 -8.19
C ASN B 253 -22.13 -29.60 -7.31
N VAL B 254 -22.31 -28.40 -6.77
CA VAL B 254 -23.41 -28.14 -5.84
C VAL B 254 -24.72 -28.12 -6.61
N PRO B 255 -25.71 -28.91 -6.17
CA PRO B 255 -27.01 -28.84 -6.84
C PRO B 255 -27.63 -27.46 -6.62
N LEU B 256 -28.12 -26.85 -7.69
CA LEU B 256 -28.76 -25.54 -7.59
C LEU B 256 -30.05 -25.67 -6.79
N PRO B 257 -30.22 -24.87 -5.70
CA PRO B 257 -31.41 -24.98 -4.85
C PRO B 257 -32.71 -24.73 -5.62
N GLU B 258 -33.77 -25.45 -5.24
CA GLU B 258 -35.08 -25.34 -5.90
C GLU B 258 -36.18 -25.28 -4.84
N PHE B 259 -37.23 -24.52 -5.12
CA PHE B 259 -38.34 -24.36 -4.16
C PHE B 259 -39.72 -24.55 -4.80
N PRO B 260 -40.03 -25.80 -5.25
CA PRO B 260 -41.24 -26.11 -6.04
C PRO B 260 -42.54 -25.80 -5.29
N GLU B 261 -42.52 -25.97 -3.98
CA GLU B 261 -43.71 -25.78 -3.16
C GLU B 261 -43.86 -24.33 -2.73
N HIS B 262 -45.00 -23.73 -3.06
CA HIS B 262 -45.24 -22.32 -2.74
C HIS B 262 -45.28 -22.07 -1.24
N PRO B 263 -44.66 -20.97 -0.77
CA PRO B 263 -44.78 -20.61 0.65
C PRO B 263 -46.21 -20.26 1.05
N PHE B 264 -47.07 -20.05 0.04
CA PHE B 264 -48.47 -19.78 0.29
C PHE B 264 -49.29 -21.01 -0.06
N GLN B 265 -49.58 -21.79 0.97
CA GLN B 265 -50.41 -22.98 0.86
C GLN B 265 -51.87 -22.58 1.12
N GLU B 266 -52.77 -23.56 1.19
CA GLU B 266 -54.22 -23.24 1.29
C GLU B 266 -54.66 -22.39 2.46
N GLU B 267 -54.15 -22.67 3.65
CA GLU B 267 -54.50 -21.89 4.85
C GLU B 267 -53.97 -20.47 4.80
N HIS B 268 -53.00 -20.24 3.92
CA HIS B 268 -52.44 -18.91 3.74
C HIS B 268 -53.23 -18.08 2.73
N LEU B 269 -54.05 -18.74 1.93
CA LEU B 269 -54.91 -18.03 0.98
C LEU B 269 -56.21 -17.62 1.68
N LYS B 270 -56.93 -16.68 1.06
CA LYS B 270 -58.13 -16.06 1.62
C LYS B 270 -57.92 -15.38 2.98
N GLN B 271 -56.75 -14.76 3.13
CA GLN B 271 -56.42 -14.07 4.37
C GLN B 271 -56.48 -12.55 4.22
N LEU B 272 -56.66 -11.87 5.35
CA LEU B 272 -56.71 -10.42 5.40
C LEU B 272 -55.77 -9.97 6.50
N TYR B 273 -54.87 -9.04 6.17
CA TYR B 273 -53.95 -8.49 7.16
C TYR B 273 -54.24 -7.01 7.29
N LYS B 274 -54.29 -6.55 8.55
CA LYS B 274 -54.52 -5.15 8.84
C LYS B 274 -53.30 -4.68 9.58
N ILE B 275 -52.58 -3.76 8.95
CA ILE B 275 -51.20 -3.43 9.33
C ILE B 275 -51.10 -1.96 9.67
N VAL B 276 -50.41 -1.65 10.76
CA VAL B 276 -50.15 -0.27 11.15
C VAL B 276 -48.75 0.20 10.73
N PRO B 277 -48.70 1.24 9.89
CA PRO B 277 -47.46 1.73 9.30
C PRO B 277 -46.73 2.73 10.19
N ILE B 278 -45.47 3.01 9.86
CA ILE B 278 -44.72 4.08 10.52
C ILE B 278 -45.16 5.45 9.98
N LYS B 279 -45.12 5.62 8.67
CA LYS B 279 -45.61 6.83 8.02
C LYS B 279 -47.14 6.86 8.03
N ASP B 280 -47.73 8.02 7.76
CA ASP B 280 -49.17 8.11 7.60
C ASP B 280 -49.50 7.81 6.16
N ILE B 281 -49.61 6.53 5.85
CA ILE B 281 -49.93 6.06 4.52
C ILE B 281 -51.17 5.16 4.55
N ARG B 282 -51.83 5.06 3.40
CA ARG B 282 -53.04 4.29 3.24
C ARG B 282 -52.93 3.42 1.99
N ASN B 283 -52.59 2.15 2.19
CA ASN B 283 -52.32 1.24 1.06
C ASN B 283 -53.08 -0.07 1.12
N LEU B 284 -53.36 -0.62 -0.07
CA LEU B 284 -53.99 -1.94 -0.23
C LEU B 284 -53.16 -2.87 -1.13
N TYR B 285 -52.77 -4.03 -0.59
CA TYR B 285 -51.96 -5.01 -1.31
C TYR B 285 -52.74 -6.27 -1.62
N VAL B 286 -52.88 -6.58 -2.90
CA VAL B 286 -53.58 -7.78 -3.35
C VAL B 286 -52.59 -8.74 -4.03
N THR B 287 -52.56 -9.98 -3.56
CA THR B 287 -51.56 -10.95 -3.99
C THR B 287 -52.18 -12.29 -4.34
N PHE B 288 -51.71 -12.86 -5.44
CA PHE B 288 -52.06 -14.20 -5.86
C PHE B 288 -50.77 -15.00 -6.00
N PRO B 289 -50.74 -16.22 -5.43
CA PRO B 289 -49.62 -17.11 -5.68
C PRO B 289 -49.74 -17.62 -7.09
N ILE B 290 -48.62 -17.69 -7.79
CA ILE B 290 -48.57 -18.24 -9.13
C ILE B 290 -47.32 -19.13 -9.22
N PRO B 291 -47.29 -20.07 -10.18
CA PRO B 291 -46.05 -20.84 -10.33
C PRO B 291 -44.95 -20.02 -11.03
N ASP B 292 -43.76 -20.61 -11.13
CA ASP B 292 -42.62 -19.93 -11.73
C ASP B 292 -42.82 -19.77 -13.23
N LEU B 293 -42.95 -18.52 -13.69
CA LEU B 293 -43.19 -18.24 -15.10
C LEU B 293 -41.92 -17.98 -15.90
N GLN B 294 -40.77 -18.03 -15.21
CA GLN B 294 -39.49 -17.70 -15.79
C GLN B 294 -39.16 -18.49 -17.06
N LYS B 295 -39.41 -19.80 -17.05
CA LYS B 295 -39.14 -20.64 -18.23
C LYS B 295 -39.93 -20.25 -19.47
N TYR B 296 -40.96 -19.41 -19.29
CA TYR B 296 -41.77 -18.94 -20.40
C TYR B 296 -41.33 -17.57 -20.90
N TYR B 297 -40.05 -17.26 -20.71
CA TYR B 297 -39.53 -15.93 -21.03
C TYR B 297 -39.76 -15.50 -22.48
N LYS B 298 -39.87 -16.45 -23.40
CA LYS B 298 -40.07 -16.13 -24.81
C LYS B 298 -41.46 -15.58 -25.14
N SER B 299 -42.43 -15.86 -24.26
CA SER B 299 -43.80 -15.40 -24.49
C SER B 299 -44.22 -14.42 -23.39
N ASN B 300 -43.87 -14.75 -22.15
CA ASN B 300 -44.04 -13.85 -21.02
C ASN B 300 -45.51 -13.52 -20.72
N PRO B 301 -46.31 -14.54 -20.38
CA PRO B 301 -47.73 -14.34 -20.02
C PRO B 301 -47.95 -13.30 -18.91
N GLY B 302 -47.12 -13.33 -17.87
CA GLY B 302 -47.20 -12.37 -16.77
C GLY B 302 -47.04 -10.93 -17.21
N HIS B 303 -46.13 -10.70 -18.16
CA HIS B 303 -45.90 -9.36 -18.70
C HIS B 303 -47.15 -8.85 -19.42
N TYR B 304 -47.74 -9.71 -20.24
CA TYR B 304 -48.96 -9.40 -20.98
C TYR B 304 -50.10 -9.00 -20.02
N LEU B 305 -50.29 -9.81 -18.98
CA LEU B 305 -51.31 -9.54 -17.97
C LEU B 305 -50.95 -8.32 -17.13
N GLY B 306 -49.66 -8.09 -16.94
CA GLY B 306 -49.20 -6.92 -16.18
C GLY B 306 -49.45 -5.63 -16.93
N HIS B 307 -49.17 -5.65 -18.24
CA HIS B 307 -49.44 -4.54 -19.14
C HIS B 307 -50.90 -4.13 -19.08
N LEU B 308 -51.78 -5.12 -19.02
CA LEU B 308 -53.23 -4.87 -19.07
C LEU B 308 -53.81 -4.44 -17.74
N ILE B 309 -53.66 -5.28 -16.71
CA ILE B 309 -54.11 -4.93 -15.36
C ILE B 309 -53.49 -3.59 -14.97
N GLY B 310 -52.20 -3.42 -15.25
CA GLY B 310 -51.47 -2.20 -14.96
C GLY B 310 -51.77 -0.96 -15.77
N HIS B 311 -52.51 -1.08 -16.87
CA HIS B 311 -52.72 0.09 -17.75
C HIS B 311 -53.35 1.27 -17.00
N GLU B 312 -53.06 2.48 -17.49
CA GLU B 312 -53.55 3.71 -16.87
C GLU B 312 -54.32 4.59 -17.87
N GLY B 313 -54.49 4.09 -19.09
CA GLY B 313 -55.20 4.84 -20.12
C GLY B 313 -56.71 4.74 -19.96
N PRO B 314 -57.49 5.31 -20.92
CA PRO B 314 -58.95 5.25 -20.91
C PRO B 314 -59.44 3.82 -20.91
N GLY B 315 -60.37 3.51 -20.02
CA GLY B 315 -60.97 2.18 -19.95
C GLY B 315 -60.28 1.26 -18.96
N SER B 316 -59.18 1.73 -18.38
CA SER B 316 -58.40 0.91 -17.45
C SER B 316 -59.04 0.85 -16.08
N LEU B 317 -58.60 -0.13 -15.30
CA LEU B 317 -58.95 -0.30 -13.90
C LEU B 317 -58.71 0.98 -13.09
N LEU B 318 -57.50 1.55 -13.24
CA LEU B 318 -57.12 2.72 -12.45
C LEU B 318 -58.04 3.88 -12.76
N SER B 319 -58.41 4.04 -14.03
CA SER B 319 -59.27 5.15 -14.44
C SER B 319 -60.57 5.19 -13.65
N GLU B 320 -61.25 4.05 -13.57
CA GLU B 320 -62.49 3.96 -12.83
C GLU B 320 -62.25 4.09 -11.33
N LEU B 321 -61.22 3.43 -10.81
CA LEU B 321 -60.91 3.55 -9.38
C LEU B 321 -60.53 4.98 -8.98
N LYS B 322 -60.16 5.78 -9.97
CA LYS B 322 -59.77 7.15 -9.74
C LYS B 322 -60.99 8.07 -9.77
N SER B 323 -61.88 7.82 -10.73
CA SER B 323 -63.14 8.56 -10.86
C SER B 323 -64.06 8.38 -9.65
N LYS B 324 -64.05 7.19 -9.07
CA LYS B 324 -64.79 6.94 -7.83
C LYS B 324 -64.09 7.65 -6.66
N GLY B 325 -62.90 8.17 -6.91
CA GLY B 325 -62.11 8.85 -5.88
C GLY B 325 -61.65 7.92 -4.77
N TRP B 326 -61.39 6.67 -5.11
CA TRP B 326 -60.95 5.67 -4.13
C TRP B 326 -59.44 5.48 -4.13
N VAL B 327 -58.85 5.66 -5.30
CA VAL B 327 -57.46 5.27 -5.55
C VAL B 327 -56.79 6.37 -6.37
N ASN B 328 -55.51 6.62 -6.11
CA ASN B 328 -54.71 7.56 -6.89
C ASN B 328 -53.70 6.90 -7.82
N THR B 329 -53.28 5.69 -7.45
CA THR B 329 -52.06 5.09 -7.95
C THR B 329 -52.26 3.59 -7.93
N LEU B 330 -51.81 2.93 -8.99
CA LEU B 330 -51.92 1.48 -9.10
C LEU B 330 -50.70 0.87 -9.78
N VAL B 331 -50.20 -0.21 -9.21
CA VAL B 331 -49.19 -1.04 -9.89
C VAL B 331 -49.61 -2.50 -9.82
N GLY B 332 -49.64 -3.15 -10.97
CA GLY B 332 -49.94 -4.58 -11.04
C GLY B 332 -49.00 -5.28 -11.99
N GLY B 333 -48.78 -6.56 -11.73
CA GLY B 333 -47.98 -7.40 -12.60
C GLY B 333 -47.31 -8.54 -11.86
N GLN B 334 -46.50 -9.28 -12.62
CA GLN B 334 -45.59 -10.30 -12.14
C GLN B 334 -44.67 -9.77 -11.06
N LYS B 335 -44.53 -10.50 -9.96
CA LYS B 335 -43.57 -10.17 -8.92
C LYS B 335 -42.73 -11.41 -8.68
N GLU B 336 -41.41 -11.24 -8.56
CA GLU B 336 -40.51 -12.38 -8.44
C GLU B 336 -40.57 -13.04 -7.06
N GLY B 337 -40.30 -14.34 -7.03
CA GLY B 337 -40.24 -15.10 -5.78
C GLY B 337 -38.89 -15.77 -5.66
N ALA B 338 -38.78 -16.99 -6.19
CA ALA B 338 -37.52 -17.69 -6.36
C ALA B 338 -37.79 -18.84 -7.33
N ARG B 339 -36.77 -19.64 -7.65
CA ARG B 339 -36.95 -20.82 -8.52
C ARG B 339 -38.03 -21.74 -7.96
N GLY B 340 -39.18 -21.75 -8.61
CA GLY B 340 -40.31 -22.57 -8.17
C GLY B 340 -41.58 -21.82 -7.80
N PHE B 341 -41.49 -20.54 -7.47
CA PHE B 341 -42.68 -19.76 -7.13
C PHE B 341 -42.58 -18.27 -7.46
N MET B 342 -43.75 -17.68 -7.72
CA MET B 342 -43.87 -16.27 -8.06
C MET B 342 -45.14 -15.69 -7.47
N PHE B 343 -45.34 -14.40 -7.64
CA PHE B 343 -46.56 -13.77 -7.22
C PHE B 343 -47.09 -12.96 -8.37
N PHE B 344 -48.38 -12.69 -8.30
CA PHE B 344 -48.96 -11.67 -9.12
C PHE B 344 -49.56 -10.71 -8.12
N ILE B 345 -49.35 -9.42 -8.35
CA ILE B 345 -49.83 -8.43 -7.41
C ILE B 345 -50.62 -7.35 -8.11
N ILE B 346 -51.53 -6.75 -7.36
CA ILE B 346 -52.20 -5.52 -7.77
C ILE B 346 -52.24 -4.71 -6.50
N ASN B 347 -51.42 -3.67 -6.46
CA ASN B 347 -51.32 -2.83 -5.28
C ASN B 347 -51.76 -1.43 -5.62
N VAL B 348 -52.32 -0.76 -4.62
CA VAL B 348 -53.04 0.47 -4.83
C VAL B 348 -52.88 1.34 -3.59
N ASP B 349 -52.85 2.65 -3.76
CA ASP B 349 -52.89 3.55 -2.61
C ASP B 349 -54.33 3.96 -2.37
N LEU B 350 -54.62 4.53 -1.21
CA LEU B 350 -56.00 4.76 -0.84
C LEU B 350 -56.31 6.17 -0.39
N THR B 351 -57.53 6.56 -0.71
CA THR B 351 -58.06 7.83 -0.39
C THR B 351 -58.79 7.59 0.93
N GLU B 352 -59.16 8.64 1.66
CA GLU B 352 -59.95 8.46 2.89
C GLU B 352 -61.22 7.63 2.63
N GLU B 353 -61.92 7.94 1.54
CA GLU B 353 -63.04 7.11 1.05
C GLU B 353 -62.57 5.72 0.72
N GLY B 354 -61.56 5.63 -0.14
CA GLY B 354 -61.00 4.36 -0.60
C GLY B 354 -60.78 3.35 0.51
N LEU B 355 -60.37 3.84 1.68
CA LEU B 355 -60.16 2.99 2.84
C LEU B 355 -61.45 2.34 3.30
N LEU B 356 -62.56 3.05 3.11
CA LEU B 356 -63.88 2.56 3.52
C LEU B 356 -64.57 1.76 2.41
N HIS B 357 -63.90 1.59 1.28
CA HIS B 357 -64.47 0.88 0.14
C HIS B 357 -63.55 -0.20 -0.42
N VAL B 358 -62.63 -0.69 0.40
CA VAL B 358 -61.72 -1.77 0.01
C VAL B 358 -62.44 -2.92 -0.70
N GLU B 359 -63.54 -3.37 -0.10
CA GLU B 359 -64.30 -4.48 -0.65
C GLU B 359 -64.77 -4.21 -2.08
N ASP B 360 -65.32 -3.00 -2.29
CA ASP B 360 -65.73 -2.55 -3.62
C ASP B 360 -64.53 -2.49 -4.58
N ILE B 361 -63.42 -1.97 -4.08
CA ILE B 361 -62.20 -1.84 -4.88
C ILE B 361 -61.79 -3.21 -5.44
N ILE B 362 -61.70 -4.20 -4.55
CA ILE B 362 -61.30 -5.55 -4.94
C ILE B 362 -62.31 -6.17 -5.92
N LEU B 363 -63.59 -5.81 -5.78
CA LEU B 363 -64.62 -6.26 -6.72
C LEU B 363 -64.35 -5.72 -8.10
N HIS B 364 -64.10 -4.42 -8.18
CA HIS B 364 -63.70 -3.79 -9.44
C HIS B 364 -62.48 -4.47 -10.06
N MET B 365 -61.49 -4.81 -9.23
CA MET B 365 -60.34 -5.61 -9.69
C MET B 365 -60.77 -6.91 -10.39
N PHE B 366 -61.64 -7.68 -9.74
CA PHE B 366 -62.13 -8.94 -10.31
C PHE B 366 -63.05 -8.75 -11.52
N GLN B 367 -63.74 -7.61 -11.58
CA GLN B 367 -64.54 -7.22 -12.74
C GLN B 367 -63.67 -6.98 -13.98
N TYR B 368 -62.53 -6.33 -13.78
CA TYR B 368 -61.59 -6.12 -14.87
C TYR B 368 -60.99 -7.44 -15.32
N ILE B 369 -60.57 -8.28 -14.37
CA ILE B 369 -60.06 -9.61 -14.70
C ILE B 369 -61.12 -10.41 -15.51
N GLN B 370 -62.39 -10.34 -15.09
CA GLN B 370 -63.46 -10.97 -15.86
C GLN B 370 -63.50 -10.47 -17.30
N LYS B 371 -63.40 -9.15 -17.47
CA LYS B 371 -63.35 -8.57 -18.81
C LYS B 371 -62.23 -9.21 -19.63
N LEU B 372 -61.08 -9.44 -19.01
CA LEU B 372 -59.96 -10.07 -19.71
C LEU B 372 -60.28 -11.49 -20.15
N ARG B 373 -60.89 -12.27 -19.25
CA ARG B 373 -61.33 -13.64 -19.57
C ARG B 373 -62.36 -13.65 -20.69
N ALA B 374 -63.33 -12.75 -20.61
CA ALA B 374 -64.42 -12.66 -21.59
C ALA B 374 -63.90 -12.31 -22.98
N GLU B 375 -62.87 -11.49 -23.05
CA GLU B 375 -62.37 -10.98 -24.31
C GLU B 375 -61.38 -11.94 -24.96
N GLY B 376 -60.80 -12.83 -24.14
CA GLY B 376 -59.74 -13.75 -24.59
C GLY B 376 -58.43 -13.01 -24.81
N PRO B 377 -57.30 -13.75 -24.88
CA PRO B 377 -55.99 -13.14 -25.20
C PRO B 377 -55.99 -12.42 -26.55
N GLN B 378 -55.21 -11.35 -26.67
CA GLN B 378 -55.26 -10.47 -27.84
C GLN B 378 -53.93 -10.42 -28.56
N GLU B 379 -53.84 -11.01 -29.75
CA GLU B 379 -52.56 -11.03 -30.47
C GLU B 379 -52.04 -9.62 -30.78
N TRP B 380 -52.93 -8.71 -31.15
CA TRP B 380 -52.50 -7.35 -31.50
C TRP B 380 -51.81 -6.65 -30.30
N VAL B 381 -52.23 -6.99 -29.09
CA VAL B 381 -51.62 -6.48 -27.86
C VAL B 381 -50.19 -7.03 -27.69
N PHE B 382 -50.05 -8.34 -27.82
CA PHE B 382 -48.75 -8.98 -27.92
C PHE B 382 -47.85 -8.36 -29.00
N GLN B 383 -48.40 -8.17 -30.20
CA GLN B 383 -47.68 -7.49 -31.29
C GLN B 383 -47.10 -6.15 -30.88
N GLU B 384 -47.91 -5.34 -30.18
CA GLU B 384 -47.51 -4.01 -29.77
C GLU B 384 -46.40 -4.06 -28.74
N LEU B 385 -46.57 -4.91 -27.74
CA LEU B 385 -45.57 -5.16 -26.72
C LEU B 385 -44.26 -5.65 -27.32
N LYS B 386 -44.36 -6.55 -28.29
CA LYS B 386 -43.21 -7.13 -28.96
C LYS B 386 -42.43 -6.11 -29.80
N ASP B 387 -43.17 -5.23 -30.46
CA ASP B 387 -42.59 -4.22 -31.33
C ASP B 387 -41.92 -3.11 -30.54
N LEU B 388 -42.53 -2.69 -29.43
CA LEU B 388 -41.94 -1.71 -28.54
C LEU B 388 -40.60 -2.23 -28.00
N ASN B 389 -40.60 -3.46 -27.50
CA ASN B 389 -39.37 -4.08 -27.02
C ASN B 389 -38.26 -4.15 -28.08
N ALA B 390 -38.64 -4.47 -29.33
CA ALA B 390 -37.67 -4.53 -30.43
C ALA B 390 -37.04 -3.16 -30.67
N VAL B 391 -37.86 -2.12 -30.61
CA VAL B 391 -37.41 -0.74 -30.78
C VAL B 391 -36.55 -0.32 -29.59
N ALA B 392 -37.00 -0.65 -28.37
CA ALA B 392 -36.24 -0.38 -27.15
C ALA B 392 -34.87 -1.05 -27.19
N PHE B 393 -34.80 -2.26 -27.74
CA PHE B 393 -33.52 -2.97 -27.80
C PHE B 393 -32.54 -2.38 -28.82
N ARG B 394 -33.08 -1.90 -29.94
CA ARG B 394 -32.26 -1.33 -30.99
C ARG B 394 -31.55 -0.10 -30.50
N PHE B 395 -32.35 0.84 -30.00
CA PHE B 395 -31.90 2.20 -29.78
C PHE B 395 -31.63 2.43 -28.31
N LYS B 396 -31.29 1.33 -27.62
CA LYS B 396 -31.00 1.37 -26.21
C LYS B 396 -29.71 2.16 -25.97
N ASP B 397 -29.73 2.97 -24.92
CA ASP B 397 -28.58 3.76 -24.49
C ASP B 397 -27.45 2.87 -24.04
N LYS B 398 -26.22 3.29 -24.28
CA LYS B 398 -25.04 2.61 -23.75
C LYS B 398 -25.02 2.75 -22.23
N GLU B 399 -24.81 1.62 -21.55
CA GLU B 399 -24.83 1.54 -20.10
C GLU B 399 -23.45 1.81 -19.51
N ARG B 400 -23.42 2.30 -18.28
CA ARG B 400 -22.17 2.43 -17.54
C ARG B 400 -21.63 1.03 -17.29
N PRO B 401 -20.33 0.79 -17.58
CA PRO B 401 -19.73 -0.54 -17.42
C PRO B 401 -20.12 -1.29 -16.14
N ARG B 402 -20.10 -0.61 -15.00
CA ARG B 402 -20.36 -1.23 -13.70
C ARG B 402 -21.75 -1.88 -13.61
N GLY B 403 -22.80 -1.12 -13.84
CA GLY B 403 -24.15 -1.68 -13.74
C GLY B 403 -24.38 -2.74 -14.79
N TYR B 404 -23.79 -2.54 -15.96
CA TYR B 404 -23.92 -3.43 -17.08
C TYR B 404 -23.33 -4.82 -16.81
N THR B 405 -22.16 -4.86 -16.19
CA THR B 405 -21.53 -6.14 -15.87
C THR B 405 -22.26 -6.85 -14.74
N SER B 406 -22.78 -6.06 -13.79
CA SER B 406 -23.52 -6.60 -12.67
C SER B 406 -24.81 -7.28 -13.14
N LYS B 407 -25.57 -6.60 -13.99
CA LYS B 407 -26.82 -7.11 -14.54
C LYS B 407 -26.64 -8.35 -15.40
N ILE B 408 -25.65 -8.33 -16.29
CA ILE B 408 -25.39 -9.48 -17.16
C ILE B 408 -24.92 -10.70 -16.38
N ALA B 409 -24.12 -10.48 -15.33
CA ALA B 409 -23.64 -11.56 -14.45
C ALA B 409 -24.79 -12.32 -13.81
N GLY B 410 -25.84 -11.57 -13.43
CA GLY B 410 -27.04 -12.16 -12.87
C GLY B 410 -27.79 -13.01 -13.87
N ILE B 411 -28.05 -12.43 -15.04
CA ILE B 411 -28.94 -13.09 -16.01
C ILE B 411 -28.22 -14.16 -16.84
N LEU B 412 -26.92 -14.30 -16.63
CA LEU B 412 -26.12 -15.32 -17.28
C LEU B 412 -26.50 -16.72 -16.73
N HIS B 413 -27.29 -16.73 -15.66
CA HIS B 413 -27.72 -17.96 -15.00
C HIS B 413 -29.07 -18.46 -15.52
N TYR B 414 -29.68 -17.70 -16.42
CA TYR B 414 -31.05 -17.96 -16.85
C TYR B 414 -31.19 -18.17 -18.35
N TYR B 415 -30.24 -17.62 -19.10
CA TYR B 415 -30.34 -17.62 -20.55
C TYR B 415 -29.07 -18.21 -21.17
N PRO B 416 -29.22 -18.87 -22.34
CA PRO B 416 -28.04 -19.29 -23.12
C PRO B 416 -27.09 -18.12 -23.37
N LEU B 417 -25.78 -18.39 -23.39
CA LEU B 417 -24.78 -17.36 -23.64
C LEU B 417 -25.22 -16.43 -24.77
N GLU B 418 -25.58 -17.06 -25.89
CA GLU B 418 -25.93 -16.38 -27.13
C GLU B 418 -27.16 -15.45 -27.02
N GLU B 419 -28.02 -15.68 -26.03
CA GLU B 419 -29.22 -14.85 -25.83
C GLU B 419 -29.20 -13.86 -24.65
N VAL B 420 -28.11 -13.77 -23.90
CA VAL B 420 -28.10 -12.95 -22.66
C VAL B 420 -28.47 -11.48 -22.86
N LEU B 421 -28.14 -10.96 -24.04
CA LEU B 421 -28.32 -9.55 -24.32
C LEU B 421 -29.76 -9.23 -24.72
N THR B 422 -30.38 -10.14 -25.46
CA THR B 422 -31.74 -9.95 -25.97
C THR B 422 -32.79 -10.57 -25.07
N ALA B 423 -32.38 -11.59 -24.33
CA ALA B 423 -33.32 -12.50 -23.66
C ALA B 423 -34.50 -11.79 -23.04
N GLU B 424 -34.24 -10.70 -22.31
CA GLU B 424 -35.32 -10.06 -21.58
C GLU B 424 -35.76 -8.73 -22.20
N TYR B 425 -35.66 -8.69 -23.52
CA TYR B 425 -36.16 -7.61 -24.32
C TYR B 425 -37.03 -8.21 -25.39
N LEU B 426 -36.47 -9.15 -26.14
CA LEU B 426 -37.18 -9.72 -27.26
C LEU B 426 -38.06 -10.87 -26.80
N LEU B 427 -39.30 -10.87 -27.29
CA LEU B 427 -40.22 -11.97 -27.05
C LEU B 427 -40.78 -12.45 -28.40
N GLU B 428 -41.01 -13.75 -28.52
CA GLU B 428 -41.14 -14.33 -29.85
C GLU B 428 -42.42 -15.09 -30.09
N GLU B 429 -43.01 -15.62 -29.03
CA GLU B 429 -44.12 -16.55 -29.15
C GLU B 429 -45.41 -15.98 -28.58
N PHE B 430 -46.48 -16.05 -29.37
CA PHE B 430 -47.78 -15.70 -28.86
C PHE B 430 -48.40 -16.93 -28.22
N ARG B 431 -48.67 -16.88 -26.92
CA ARG B 431 -49.11 -18.07 -26.19
C ARG B 431 -50.39 -17.86 -25.40
N PRO B 432 -51.54 -17.88 -26.11
CA PRO B 432 -52.86 -17.70 -25.49
C PRO B 432 -53.10 -18.66 -24.34
N ASP B 433 -52.68 -19.92 -24.51
CA ASP B 433 -52.82 -20.95 -23.49
C ASP B 433 -52.17 -20.58 -22.15
N LEU B 434 -50.96 -20.00 -22.22
CA LEU B 434 -50.24 -19.57 -21.02
C LEU B 434 -50.87 -18.35 -20.39
N ILE B 435 -51.26 -17.39 -21.23
CA ILE B 435 -51.92 -16.18 -20.76
C ILE B 435 -53.18 -16.57 -19.99
N GLU B 436 -53.91 -17.54 -20.55
CA GLU B 436 -55.17 -18.02 -19.99
C GLU B 436 -54.96 -18.86 -18.73
N MET B 437 -53.82 -19.55 -18.66
CA MET B 437 -53.47 -20.36 -17.51
C MET B 437 -53.18 -19.49 -16.28
N VAL B 438 -52.45 -18.39 -16.49
CA VAL B 438 -52.08 -17.47 -15.41
C VAL B 438 -53.34 -16.74 -14.94
N LEU B 439 -54.13 -16.30 -15.92
CA LEU B 439 -55.41 -15.64 -15.69
C LEU B 439 -56.35 -16.48 -14.81
N ASP B 440 -56.28 -17.80 -14.99
CA ASP B 440 -57.07 -18.75 -14.19
C ASP B 440 -56.63 -18.86 -12.71
N LYS B 441 -55.53 -18.19 -12.35
CA LYS B 441 -55.06 -18.21 -10.96
C LYS B 441 -55.36 -16.90 -10.25
N LEU B 442 -55.87 -15.92 -10.99
CA LEU B 442 -56.23 -14.63 -10.45
C LEU B 442 -57.70 -14.67 -10.04
N ARG B 443 -57.98 -15.47 -9.01
CA ARG B 443 -59.36 -15.75 -8.57
C ARG B 443 -59.56 -15.44 -7.08
N PRO B 444 -60.82 -15.20 -6.65
CA PRO B 444 -61.15 -14.87 -5.25
C PRO B 444 -60.76 -15.89 -4.18
N GLU B 445 -61.03 -17.18 -4.38
CA GLU B 445 -60.31 -18.22 -3.60
C GLU B 445 -58.88 -17.92 -3.99
N ASN B 446 -57.84 -18.42 -3.31
CA ASN B 446 -56.53 -18.17 -3.94
C ASN B 446 -56.03 -16.71 -3.81
N VAL B 447 -56.66 -15.89 -2.98
CA VAL B 447 -56.26 -14.48 -2.85
C VAL B 447 -55.76 -14.09 -1.47
N ARG B 448 -54.90 -13.07 -1.42
CA ARG B 448 -54.44 -12.49 -0.15
C ARG B 448 -54.59 -10.98 -0.17
N VAL B 449 -55.08 -10.43 0.94
CA VAL B 449 -55.34 -9.00 1.04
C VAL B 449 -54.65 -8.40 2.27
N ALA B 450 -53.99 -7.25 2.07
CA ALA B 450 -53.33 -6.51 3.16
C ALA B 450 -53.73 -5.04 3.09
N ILE B 451 -54.13 -4.47 4.23
CA ILE B 451 -54.47 -3.05 4.29
C ILE B 451 -53.54 -2.37 5.28
N VAL B 452 -52.89 -1.31 4.81
CA VAL B 452 -51.96 -0.56 5.62
C VAL B 452 -52.61 0.78 5.93
N SER B 453 -52.93 1.01 7.20
CA SER B 453 -53.55 2.25 7.63
C SER B 453 -53.27 2.53 9.10
N LYS B 454 -53.17 3.80 9.47
CA LYS B 454 -52.96 4.17 10.86
C LYS B 454 -54.22 4.05 11.70
N SER B 455 -55.37 3.84 11.05
CA SER B 455 -56.63 3.58 11.73
C SER B 455 -56.65 2.21 12.44
N PHE B 456 -55.54 1.47 12.37
CA PHE B 456 -55.41 0.19 13.05
C PHE B 456 -54.56 0.29 14.32
N GLU B 457 -54.13 1.51 14.66
CA GLU B 457 -53.50 1.79 15.95
C GLU B 457 -54.38 1.25 17.06
N GLY B 458 -53.84 0.36 17.88
CA GLY B 458 -54.56 -0.19 19.03
C GLY B 458 -55.43 -1.40 18.76
N LYS B 459 -55.83 -1.57 17.50
CA LYS B 459 -56.74 -2.66 17.08
C LYS B 459 -56.04 -3.96 16.65
N THR B 460 -54.75 -4.12 16.98
CA THR B 460 -54.00 -5.29 16.50
C THR B 460 -53.66 -6.24 17.65
N ASP B 461 -53.50 -7.53 17.34
CA ASP B 461 -53.18 -8.54 18.35
C ASP B 461 -51.86 -9.27 18.11
N ARG B 462 -51.20 -8.97 17.00
CA ARG B 462 -49.98 -9.67 16.60
C ARG B 462 -48.80 -8.74 16.34
N THR B 463 -47.60 -9.29 16.52
CA THR B 463 -46.35 -8.56 16.41
C THR B 463 -45.34 -9.37 15.60
N GLU B 464 -44.71 -8.72 14.61
CA GLU B 464 -43.68 -9.37 13.81
C GLU B 464 -42.33 -9.38 14.52
N GLU B 465 -41.70 -10.55 14.53
CA GLU B 465 -40.46 -10.79 15.26
C GLU B 465 -39.32 -9.82 14.94
N TRP B 466 -39.05 -9.60 13.65
CA TRP B 466 -37.81 -8.94 13.25
C TRP B 466 -37.85 -7.42 13.14
N TYR B 467 -39.00 -6.85 12.81
CA TYR B 467 -39.10 -5.40 12.68
C TYR B 467 -40.03 -4.83 13.74
N GLY B 468 -40.88 -5.68 14.30
CA GLY B 468 -41.82 -5.25 15.33
C GLY B 468 -43.17 -4.82 14.79
N THR B 469 -43.40 -5.08 13.50
CA THR B 469 -44.63 -4.66 12.81
C THR B 469 -45.89 -5.17 13.50
N GLN B 470 -46.85 -4.28 13.67
CA GLN B 470 -48.10 -4.62 14.33
C GLN B 470 -49.26 -4.83 13.38
N TYR B 471 -49.86 -6.00 13.47
CA TYR B 471 -50.92 -6.39 12.57
C TYR B 471 -51.94 -7.35 13.20
N LYS B 472 -53.05 -7.50 12.49
CA LYS B 472 -54.16 -8.34 12.87
C LYS B 472 -54.36 -9.27 11.66
N GLN B 473 -54.94 -10.45 11.87
CA GLN B 473 -55.16 -11.40 10.78
C GLN B 473 -56.54 -12.06 10.84
N GLU B 474 -57.26 -12.03 9.73
CA GLU B 474 -58.63 -12.53 9.66
C GLU B 474 -58.81 -13.40 8.44
N ALA B 475 -59.67 -14.41 8.56
CA ALA B 475 -60.13 -15.14 7.39
C ALA B 475 -61.12 -14.23 6.68
N ILE B 476 -61.01 -14.15 5.35
CA ILE B 476 -61.99 -13.37 4.59
C ILE B 476 -63.32 -14.14 4.56
N PRO B 477 -64.41 -13.51 5.05
CA PRO B 477 -65.73 -14.15 5.14
C PRO B 477 -66.16 -14.76 3.81
N ASP B 478 -66.63 -16.01 3.85
CA ASP B 478 -66.99 -16.76 2.62
C ASP B 478 -67.98 -16.04 1.69
N GLU B 479 -68.90 -15.27 2.28
CA GLU B 479 -69.85 -14.46 1.52
C GLU B 479 -69.15 -13.33 0.75
N VAL B 480 -68.03 -12.85 1.28
CA VAL B 480 -67.23 -11.84 0.57
C VAL B 480 -66.52 -12.46 -0.65
N ILE B 481 -65.86 -13.60 -0.43
CA ILE B 481 -65.25 -14.36 -1.54
C ILE B 481 -66.28 -14.62 -2.63
N LYS B 482 -67.42 -15.17 -2.22
CA LYS B 482 -68.52 -15.52 -3.13
C LYS B 482 -68.94 -14.32 -3.98
N LYS B 483 -69.13 -13.17 -3.33
CA LYS B 483 -69.44 -11.91 -4.00
C LYS B 483 -68.44 -11.55 -5.10
N TRP B 484 -67.15 -11.68 -4.80
CA TRP B 484 -66.09 -11.42 -5.78
C TRP B 484 -66.08 -12.44 -6.91
N GLN B 485 -66.43 -13.68 -6.58
CA GLN B 485 -66.51 -14.75 -7.58
C GLN B 485 -67.63 -14.51 -8.58
N ASN B 486 -68.69 -13.83 -8.15
CA ASN B 486 -69.81 -13.50 -9.03
C ASN B 486 -69.67 -12.15 -9.73
N ALA B 487 -68.42 -11.67 -9.86
CA ALA B 487 -68.13 -10.39 -10.49
C ALA B 487 -68.56 -10.41 -11.95
N ASP B 488 -69.54 -9.56 -12.28
CA ASP B 488 -70.03 -9.50 -13.65
C ASP B 488 -69.25 -8.45 -14.45
N LEU B 489 -69.58 -8.31 -15.74
CA LEU B 489 -68.95 -7.30 -16.58
C LEU B 489 -69.38 -5.91 -16.18
N ASN B 490 -68.40 -5.02 -16.01
CA ASN B 490 -68.63 -3.60 -15.77
C ASN B 490 -68.29 -2.88 -17.06
N GLY B 491 -69.24 -2.09 -17.56
CA GLY B 491 -69.11 -1.43 -18.85
C GLY B 491 -68.11 -0.28 -18.87
N LYS B 492 -67.60 0.09 -17.70
CA LYS B 492 -66.57 1.13 -17.64
C LYS B 492 -65.19 0.60 -18.05
N PHE B 493 -65.01 -0.72 -18.01
CA PHE B 493 -63.74 -1.36 -18.34
C PHE B 493 -63.63 -1.79 -19.80
N LYS B 494 -62.74 -1.13 -20.53
CA LYS B 494 -62.44 -1.48 -21.91
C LYS B 494 -60.95 -1.77 -22.08
N LEU B 495 -60.60 -2.62 -23.04
CA LEU B 495 -59.20 -2.85 -23.43
C LEU B 495 -58.59 -1.57 -24.00
N PRO B 496 -57.24 -1.43 -23.96
CA PRO B 496 -56.65 -0.21 -24.48
C PRO B 496 -56.77 -0.11 -25.99
N THR B 497 -56.59 1.09 -26.51
CA THR B 497 -56.68 1.31 -27.94
C THR B 497 -55.29 1.15 -28.55
N LYS B 498 -55.19 0.99 -29.88
CA LYS B 498 -53.89 1.01 -30.56
C LYS B 498 -53.12 2.23 -30.02
N ASN B 499 -51.88 2.00 -29.60
CA ASN B 499 -51.07 3.09 -29.05
C ASN B 499 -50.51 3.94 -30.18
N GLU B 500 -50.98 5.18 -30.24
CA GLU B 500 -50.62 6.07 -31.34
C GLU B 500 -49.30 6.82 -31.16
N PHE B 501 -48.65 6.63 -30.02
CA PHE B 501 -47.36 7.27 -29.75
C PHE B 501 -46.16 6.43 -30.16
N ILE B 502 -46.42 5.16 -30.53
CA ILE B 502 -45.37 4.28 -31.05
C ILE B 502 -44.63 5.00 -32.17
N PRO B 503 -43.32 5.21 -32.01
CA PRO B 503 -42.57 5.96 -33.02
C PRO B 503 -42.37 5.14 -34.29
N THR B 504 -42.35 5.82 -35.42
CA THR B 504 -42.20 5.15 -36.70
C THR B 504 -41.14 5.83 -37.55
N ASN B 505 -40.56 6.91 -37.04
CA ASN B 505 -39.52 7.64 -37.74
C ASN B 505 -38.24 7.68 -36.91
N PHE B 506 -37.22 6.96 -37.37
CA PHE B 506 -35.95 6.86 -36.64
C PHE B 506 -34.76 7.43 -37.42
N GLU B 507 -35.01 8.22 -38.47
CA GLU B 507 -33.88 8.75 -39.24
C GLU B 507 -33.08 9.77 -38.43
N ILE B 508 -31.76 9.63 -38.48
CA ILE B 508 -30.84 10.53 -37.80
C ILE B 508 -30.49 11.62 -38.81
N LEU B 509 -30.86 12.86 -38.50
CA LEU B 509 -30.63 13.98 -39.42
C LEU B 509 -29.14 14.22 -39.59
N PRO B 510 -28.69 14.62 -40.81
CA PRO B 510 -27.26 14.79 -41.00
C PRO B 510 -26.71 15.91 -40.13
N LEU B 511 -25.45 15.80 -39.76
CA LEU B 511 -24.80 16.81 -38.95
C LEU B 511 -24.66 18.10 -39.74
N GLU B 512 -25.24 19.18 -39.20
CA GLU B 512 -25.24 20.49 -39.85
C GLU B 512 -23.84 21.07 -39.96
N LYS B 513 -23.65 21.98 -40.94
CA LYS B 513 -22.37 22.66 -41.14
C LYS B 513 -21.99 23.52 -39.93
N GLU B 514 -22.95 24.28 -39.41
CA GLU B 514 -22.73 25.16 -38.25
C GLU B 514 -22.79 24.42 -36.89
N ALA B 515 -22.69 23.09 -36.93
CA ALA B 515 -22.74 22.25 -35.74
C ALA B 515 -21.57 22.51 -34.80
N THR B 516 -21.84 22.40 -33.51
CA THR B 516 -20.99 22.94 -32.47
C THR B 516 -20.70 21.88 -31.38
N PRO B 517 -19.48 21.86 -30.79
CA PRO B 517 -19.12 20.80 -29.83
C PRO B 517 -19.83 20.93 -28.47
N TYR B 518 -20.28 22.14 -28.14
CA TYR B 518 -21.00 22.43 -26.89
C TYR B 518 -22.29 23.17 -27.24
N PRO B 519 -23.23 23.29 -26.27
CA PRO B 519 -24.46 24.03 -26.58
C PRO B 519 -24.17 25.48 -26.94
N ALA B 520 -24.89 26.00 -27.92
CA ALA B 520 -24.73 27.37 -28.35
C ALA B 520 -25.98 28.16 -27.98
N LEU B 521 -25.77 29.39 -27.55
CA LEU B 521 -26.87 30.31 -27.34
C LEU B 521 -27.38 30.72 -28.70
N ILE B 522 -28.55 30.23 -29.07
CA ILE B 522 -29.06 30.52 -30.40
C ILE B 522 -30.24 31.48 -30.32
N LYS B 523 -30.65 31.79 -29.10
CA LYS B 523 -31.74 32.75 -28.86
C LYS B 523 -31.55 33.41 -27.50
N ASP B 524 -31.54 34.74 -27.51
CA ASP B 524 -31.37 35.50 -26.28
C ASP B 524 -32.32 36.70 -26.29
N THR B 525 -33.61 36.43 -26.18
CA THR B 525 -34.59 37.50 -26.05
C THR B 525 -34.92 37.71 -24.57
N ALA B 526 -35.77 38.70 -24.28
CA ALA B 526 -36.19 38.99 -22.92
C ALA B 526 -37.02 37.87 -22.30
N MET B 527 -37.70 37.10 -23.14
CA MET B 527 -38.52 36.00 -22.67
C MET B 527 -37.77 34.67 -22.63
N SER B 528 -36.77 34.53 -23.51
CA SER B 528 -36.17 33.23 -23.77
C SER B 528 -34.67 33.23 -23.92
N LYS B 529 -34.07 32.18 -23.37
CA LYS B 529 -32.66 31.92 -23.56
C LYS B 529 -32.55 30.47 -23.99
N LEU B 530 -32.27 30.25 -25.28
CA LEU B 530 -32.23 28.91 -25.84
C LEU B 530 -30.83 28.39 -26.11
N TRP B 531 -30.41 27.39 -25.35
CA TRP B 531 -29.17 26.67 -25.60
C TRP B 531 -29.47 25.46 -26.49
N PHE B 532 -28.65 25.24 -27.52
CA PHE B 532 -28.92 24.16 -28.46
C PHE B 532 -27.67 23.42 -28.86
N LYS B 533 -27.77 22.10 -28.89
CA LYS B 533 -26.73 21.28 -29.50
C LYS B 533 -27.30 20.05 -30.18
N GLN B 534 -26.99 19.90 -31.47
CA GLN B 534 -27.30 18.68 -32.20
C GLN B 534 -26.31 17.59 -31.79
N ASP B 535 -26.83 16.39 -31.55
CA ASP B 535 -26.03 15.26 -31.08
C ASP B 535 -24.92 14.88 -32.07
N ASP B 536 -23.67 14.92 -31.60
CA ASP B 536 -22.52 14.52 -32.41
C ASP B 536 -21.79 13.25 -31.94
N LYS B 537 -22.42 12.46 -31.07
CA LYS B 537 -21.76 11.21 -30.62
C LYS B 537 -22.60 9.94 -30.44
N PHE B 538 -23.89 10.06 -30.20
CA PHE B 538 -24.65 8.84 -29.90
C PHE B 538 -25.47 8.32 -31.07
N PHE B 539 -26.06 9.24 -31.83
CA PHE B 539 -26.80 8.94 -33.06
C PHE B 539 -27.96 7.96 -32.91
N LEU B 540 -28.73 8.11 -31.84
CA LEU B 540 -29.99 7.40 -31.67
C LEU B 540 -31.08 8.43 -31.89
N PRO B 541 -32.28 8.00 -32.35
CA PRO B 541 -33.31 9.01 -32.66
C PRO B 541 -34.00 9.48 -31.40
N LYS B 542 -33.30 10.27 -30.60
CA LYS B 542 -33.82 10.76 -29.33
C LYS B 542 -33.40 12.19 -29.10
N ALA B 543 -34.16 12.87 -28.25
CA ALA B 543 -33.87 14.24 -27.85
C ALA B 543 -34.12 14.43 -26.36
N ASN B 544 -33.43 15.38 -25.77
CA ASN B 544 -33.82 15.88 -24.46
C ASN B 544 -34.14 17.35 -24.59
N LEU B 545 -35.32 17.72 -24.11
CA LEU B 545 -35.77 19.09 -24.11
C LEU B 545 -35.96 19.52 -22.68
N ASN B 546 -35.10 20.41 -22.21
CA ASN B 546 -35.14 20.93 -20.84
C ASN B 546 -35.58 22.39 -20.81
N PHE B 547 -36.51 22.72 -19.93
CA PHE B 547 -37.01 24.09 -19.79
C PHE B 547 -37.12 24.49 -18.33
N GLU B 548 -36.38 25.53 -17.93
CA GLU B 548 -36.56 26.14 -16.60
C GLU B 548 -37.43 27.38 -16.79
N PHE B 549 -38.53 27.47 -16.04
CA PHE B 549 -39.44 28.61 -16.07
C PHE B 549 -39.26 29.44 -14.80
N PHE B 550 -38.83 30.69 -14.94
CA PHE B 550 -38.67 31.54 -13.75
C PHE B 550 -39.90 32.38 -13.47
N SER B 551 -40.31 32.38 -12.20
CA SER B 551 -41.28 33.33 -11.68
C SER B 551 -41.01 33.53 -10.20
N PRO B 552 -41.03 34.79 -9.73
CA PRO B 552 -40.82 35.05 -8.31
C PRO B 552 -41.99 34.55 -7.46
N PHE B 553 -43.10 34.22 -8.12
CA PHE B 553 -44.34 33.85 -7.44
C PHE B 553 -44.43 32.40 -7.02
N ALA B 554 -43.47 31.58 -7.44
CA ALA B 554 -43.51 30.17 -7.08
C ALA B 554 -42.94 29.96 -5.67
N TYR B 555 -42.12 30.89 -5.22
CA TYR B 555 -41.53 30.76 -3.90
C TYR B 555 -41.70 32.02 -3.05
N VAL B 556 -42.53 32.96 -3.48
CA VAL B 556 -42.64 34.23 -2.76
C VAL B 556 -42.90 34.04 -1.27
N ASP B 557 -43.80 33.11 -0.93
CA ASP B 557 -44.09 32.75 0.45
C ASP B 557 -44.43 31.25 0.55
N PRO B 558 -44.55 30.71 1.79
CA PRO B 558 -44.95 29.31 1.96
C PRO B 558 -46.24 28.95 1.24
N LEU B 559 -47.23 29.84 1.28
CA LEU B 559 -48.51 29.62 0.61
C LEU B 559 -48.34 29.43 -0.90
N HIS B 560 -47.57 30.31 -1.53
CA HIS B 560 -47.40 30.27 -2.98
C HIS B 560 -46.58 29.06 -3.39
N SER B 561 -45.63 28.67 -2.55
CA SER B 561 -44.88 27.44 -2.74
C SER B 561 -45.84 26.25 -2.77
N ASN B 562 -46.72 26.18 -1.78
CA ASN B 562 -47.74 25.14 -1.74
C ASN B 562 -48.56 25.11 -3.02
N MET B 563 -49.07 26.26 -3.43
CA MET B 563 -49.88 26.33 -4.64
C MET B 563 -49.14 25.88 -5.91
N ALA B 564 -47.90 26.35 -6.08
CA ALA B 564 -47.07 25.94 -7.20
C ALA B 564 -46.97 24.42 -7.27
N TYR B 565 -46.74 23.81 -6.10
CA TYR B 565 -46.68 22.35 -5.98
C TYR B 565 -48.01 21.72 -6.40
N LEU B 566 -49.12 22.11 -5.75
CA LEU B 566 -50.43 21.55 -6.07
C LEU B 566 -50.81 21.73 -7.54
N TYR B 567 -50.59 22.93 -8.07
CA TYR B 567 -50.87 23.19 -9.48
C TYR B 567 -50.24 22.12 -10.37
N LEU B 568 -48.95 21.86 -10.19
CA LEU B 568 -48.27 20.89 -11.04
C LEU B 568 -48.65 19.43 -10.77
N GLU B 569 -48.91 19.10 -9.51
CA GLU B 569 -49.43 17.79 -9.17
C GLU B 569 -50.79 17.56 -9.82
N LEU B 570 -51.64 18.59 -9.74
CA LEU B 570 -52.98 18.56 -10.32
C LEU B 570 -52.93 18.46 -11.83
N LEU B 571 -51.95 19.13 -12.43
CA LEU B 571 -51.77 19.11 -13.86
C LEU B 571 -51.31 17.73 -14.34
N LYS B 572 -50.27 17.20 -13.71
CA LYS B 572 -49.76 15.87 -14.02
C LYS B 572 -50.85 14.82 -13.86
N ASP B 573 -51.59 14.89 -12.76
CA ASP B 573 -52.68 13.95 -12.55
C ASP B 573 -53.67 14.03 -13.71
N SER B 574 -54.04 15.24 -14.10
CA SER B 574 -55.08 15.42 -15.09
C SER B 574 -54.73 14.84 -16.45
N LEU B 575 -53.47 14.95 -16.88
CA LEU B 575 -53.10 14.39 -18.18
C LEU B 575 -52.32 13.06 -18.12
N ASN B 576 -52.36 12.42 -16.96
CA ASN B 576 -51.81 11.07 -16.80
C ASN B 576 -52.34 10.08 -17.81
N GLU B 577 -53.66 10.00 -17.96
CA GLU B 577 -54.32 9.06 -18.90
C GLU B 577 -53.75 9.20 -20.31
N TYR B 578 -53.52 10.44 -20.72
CA TYR B 578 -53.00 10.74 -22.04
C TYR B 578 -51.49 10.47 -22.12
N ALA B 579 -50.75 10.83 -21.07
CA ALA B 579 -49.30 10.67 -21.08
C ALA B 579 -48.84 9.22 -20.94
N TYR B 580 -49.71 8.36 -20.40
CA TYR B 580 -49.31 6.97 -20.13
C TYR B 580 -48.90 6.25 -21.41
N ALA B 581 -49.74 6.40 -22.44
CA ALA B 581 -49.49 5.84 -23.77
C ALA B 581 -48.13 6.25 -24.30
N ALA B 582 -47.76 7.52 -24.12
CA ALA B 582 -46.49 8.05 -24.60
C ALA B 582 -45.33 7.40 -23.86
N GLU B 583 -45.49 7.24 -22.55
CA GLU B 583 -44.45 6.66 -21.71
C GLU B 583 -44.13 5.21 -22.06
N LEU B 584 -45.15 4.42 -22.36
CA LEU B 584 -44.95 3.08 -22.91
C LEU B 584 -44.23 3.11 -24.24
N ALA B 585 -44.43 4.18 -25.00
CA ALA B 585 -43.80 4.33 -26.31
C ALA B 585 -42.42 4.99 -26.22
N GLY B 586 -41.84 4.97 -25.02
CA GLY B 586 -40.49 5.49 -24.79
C GLY B 586 -40.37 6.99 -24.91
N LEU B 587 -41.43 7.70 -24.53
CA LEU B 587 -41.46 9.14 -24.59
C LEU B 587 -42.01 9.66 -23.26
N SER B 588 -41.15 10.20 -22.41
CA SER B 588 -41.63 10.61 -21.08
C SER B 588 -41.34 12.06 -20.72
N TYR B 589 -41.97 12.50 -19.64
CA TYR B 589 -41.83 13.87 -19.21
C TYR B 589 -41.74 13.99 -17.69
N ASP B 590 -41.24 15.13 -17.26
CA ASP B 590 -40.99 15.39 -15.86
C ASP B 590 -41.36 16.83 -15.59
N LEU B 591 -42.27 17.05 -14.66
CA LEU B 591 -42.76 18.40 -14.37
C LEU B 591 -42.85 18.63 -12.88
N GLN B 592 -41.96 19.48 -12.36
CA GLN B 592 -41.98 19.78 -10.92
C GLN B 592 -41.67 21.24 -10.64
N ASN B 593 -42.20 21.72 -9.53
CA ASN B 593 -41.96 23.08 -9.07
C ASN B 593 -40.59 23.17 -8.41
N THR B 594 -39.98 24.35 -8.51
CA THR B 594 -38.69 24.60 -7.87
C THR B 594 -38.79 25.89 -7.06
N ILE B 595 -37.68 26.28 -6.44
CA ILE B 595 -37.64 27.51 -5.65
C ILE B 595 -37.59 28.75 -6.55
N TYR B 596 -37.52 28.54 -7.87
CA TYR B 596 -37.48 29.66 -8.81
C TYR B 596 -38.68 29.70 -9.75
N GLY B 597 -39.57 28.70 -9.64
CA GLY B 597 -40.65 28.52 -10.62
C GLY B 597 -40.72 27.04 -10.98
N MET B 598 -40.77 26.75 -12.31
CA MET B 598 -40.96 25.34 -12.72
C MET B 598 -39.89 24.75 -13.60
N TYR B 599 -39.76 23.43 -13.53
CA TYR B 599 -38.86 22.67 -14.39
C TYR B 599 -39.68 21.69 -15.19
N LEU B 600 -39.47 21.67 -16.51
CA LEU B 600 -40.12 20.69 -17.35
C LEU B 600 -39.10 20.02 -18.24
N SER B 601 -39.10 18.69 -18.26
CA SER B 601 -38.21 17.97 -19.16
C SER B 601 -38.92 16.88 -19.92
N VAL B 602 -38.73 16.88 -21.24
CA VAL B 602 -39.25 15.84 -22.13
C VAL B 602 -38.08 15.05 -22.68
N LYS B 603 -38.10 13.74 -22.47
CA LYS B 603 -37.02 12.83 -22.89
C LYS B 603 -37.51 11.70 -23.81
N GLY B 604 -36.64 11.16 -24.66
CA GLY B 604 -37.00 9.98 -25.47
C GLY B 604 -36.97 10.16 -26.98
N TYR B 605 -37.67 9.26 -27.70
CA TYR B 605 -37.69 9.29 -29.16
C TYR B 605 -38.23 10.62 -29.64
N ASN B 606 -37.46 11.29 -30.48
CA ASN B 606 -37.79 12.63 -30.96
C ASN B 606 -39.05 12.71 -31.83
N ASP B 607 -39.39 11.60 -32.49
CA ASP B 607 -40.48 11.55 -33.48
C ASP B 607 -41.76 12.25 -33.01
N LYS B 608 -42.23 11.95 -31.80
CA LYS B 608 -43.49 12.54 -31.34
C LYS B 608 -43.38 13.50 -30.15
N GLN B 609 -42.16 13.94 -29.83
CA GLN B 609 -41.94 14.88 -28.73
C GLN B 609 -42.77 16.17 -28.84
N PRO B 610 -42.76 16.83 -30.04
CA PRO B 610 -43.53 18.07 -30.25
C PRO B 610 -45.00 17.95 -29.85
N ILE B 611 -45.61 16.80 -30.14
CA ILE B 611 -47.01 16.57 -29.80
C ILE B 611 -47.22 16.54 -28.29
N LEU B 612 -46.43 15.74 -27.59
CA LEU B 612 -46.51 15.66 -26.13
C LEU B 612 -46.30 17.03 -25.47
N LEU B 613 -45.20 17.69 -25.85
CA LEU B 613 -44.79 18.97 -25.30
C LEU B 613 -45.91 20.00 -25.45
N LYS B 614 -46.46 20.08 -26.66
CA LYS B 614 -47.51 21.03 -26.97
C LYS B 614 -48.72 20.79 -26.10
N LYS B 615 -49.11 19.52 -25.96
CA LYS B 615 -50.24 19.15 -25.10
C LYS B 615 -50.00 19.56 -23.66
N ILE B 616 -48.77 19.39 -23.17
CA ILE B 616 -48.39 19.80 -21.80
C ILE B 616 -48.54 21.32 -21.61
N ILE B 617 -47.95 22.10 -22.50
CA ILE B 617 -48.02 23.57 -22.42
C ILE B 617 -49.45 24.09 -22.63
N GLU B 618 -50.15 23.58 -23.65
CA GLU B 618 -51.58 23.86 -23.81
C GLU B 618 -52.36 23.62 -22.52
N LYS B 619 -52.10 22.49 -21.85
CA LYS B 619 -52.80 22.18 -20.62
C LYS B 619 -52.36 23.06 -19.45
N MET B 620 -51.08 23.43 -19.43
CA MET B 620 -50.58 24.38 -18.42
C MET B 620 -51.34 25.69 -18.43
N ALA B 621 -51.56 26.23 -19.63
CA ALA B 621 -52.03 27.59 -19.81
C ALA B 621 -53.56 27.70 -19.88
N THR B 622 -54.25 26.60 -19.60
CA THR B 622 -55.65 26.42 -19.92
C THR B 622 -56.31 25.60 -18.83
N PHE B 623 -55.50 25.20 -17.86
CA PHE B 623 -55.90 24.23 -16.83
C PHE B 623 -57.21 24.56 -16.12
N GLU B 624 -58.08 23.55 -16.05
CA GLU B 624 -59.32 23.63 -15.28
C GLU B 624 -59.32 22.62 -14.15
N ILE B 625 -59.09 23.09 -12.93
CA ILE B 625 -59.02 22.21 -11.76
C ILE B 625 -60.38 21.57 -11.46
N ASP B 626 -60.41 20.24 -11.42
CA ASP B 626 -61.54 19.51 -10.90
C ASP B 626 -61.47 19.60 -9.36
N GLU B 627 -62.58 19.94 -8.72
CA GLU B 627 -62.58 20.17 -7.28
C GLU B 627 -62.26 18.91 -6.46
N LYS B 628 -62.77 17.76 -6.90
CA LYS B 628 -62.55 16.49 -6.20
C LYS B 628 -61.08 16.06 -6.20
N ARG B 629 -60.42 16.25 -7.35
CA ARG B 629 -59.00 15.91 -7.50
C ARG B 629 -58.14 16.80 -6.61
N PHE B 630 -58.51 18.08 -6.57
CA PHE B 630 -57.88 19.07 -5.70
C PHE B 630 -57.93 18.66 -4.22
N GLU B 631 -59.12 18.27 -3.76
CA GLU B 631 -59.29 17.93 -2.35
C GLU B 631 -58.49 16.70 -1.95
N ILE B 632 -58.38 15.74 -2.86
CA ILE B 632 -57.64 14.50 -2.62
C ILE B 632 -56.14 14.73 -2.62
N ILE B 633 -55.64 15.46 -3.62
CA ILE B 633 -54.20 15.71 -3.72
C ILE B 633 -53.66 16.57 -2.56
N LYS B 634 -54.46 17.54 -2.13
CA LYS B 634 -54.19 18.35 -0.95
C LYS B 634 -53.96 17.49 0.29
N GLU B 635 -54.89 16.55 0.54
CA GLU B 635 -54.81 15.64 1.68
C GLU B 635 -53.53 14.78 1.63
N ALA B 636 -53.16 14.34 0.43
CA ALA B 636 -51.97 13.50 0.25
C ALA B 636 -50.71 14.31 0.52
N TYR B 637 -50.75 15.59 0.13
CA TYR B 637 -49.64 16.50 0.32
C TYR B 637 -49.44 16.83 1.80
N MET B 638 -50.56 16.96 2.52
CA MET B 638 -50.53 17.19 3.95
C MET B 638 -49.77 16.07 4.66
N ARG B 639 -50.06 14.84 4.26
CA ARG B 639 -49.43 13.67 4.86
C ARG B 639 -47.96 13.58 4.48
N SER B 640 -47.68 13.86 3.20
CA SER B 640 -46.32 13.92 2.67
C SER B 640 -45.43 14.84 3.48
N LEU B 641 -45.95 16.03 3.80
CA LEU B 641 -45.25 16.99 4.65
C LEU B 641 -45.04 16.43 6.05
N ASN B 642 -46.09 15.84 6.62
CA ASN B 642 -46.00 15.24 7.95
C ASN B 642 -45.03 14.07 8.02
N ASN B 643 -44.98 13.29 6.94
CA ASN B 643 -44.21 12.05 6.91
C ASN B 643 -42.71 12.27 6.87
N PHE B 644 -42.29 13.54 6.77
CA PHE B 644 -40.89 13.86 6.87
C PHE B 644 -40.36 13.53 8.26
N ARG B 645 -41.23 13.71 9.25
CA ARG B 645 -41.00 13.25 10.62
C ARG B 645 -40.39 11.84 10.65
N ALA B 646 -40.65 11.06 9.59
CA ALA B 646 -40.27 9.66 9.57
C ALA B 646 -39.06 9.31 8.68
N GLU B 647 -38.46 10.30 8.02
CA GLU B 647 -37.26 10.05 7.23
C GLU B 647 -36.06 9.79 8.15
N GLN B 648 -34.94 9.37 7.57
CA GLN B 648 -33.77 8.97 8.33
C GLN B 648 -33.06 10.17 8.98
N PRO B 649 -32.40 9.95 10.15
CA PRO B 649 -31.68 11.04 10.83
C PRO B 649 -30.67 11.76 9.93
N HIS B 650 -29.91 11.03 9.12
CA HIS B 650 -28.96 11.65 8.20
C HIS B 650 -29.67 12.56 7.17
N GLN B 651 -30.89 12.19 6.79
CA GLN B 651 -31.68 12.98 5.85
C GLN B 651 -32.16 14.28 6.48
N HIS B 652 -32.52 14.20 7.76
CA HIS B 652 -32.88 15.38 8.54
C HIS B 652 -31.71 16.34 8.59
N ALA B 653 -30.54 15.81 8.92
CA ALA B 653 -29.32 16.61 9.03
C ALA B 653 -29.05 17.39 7.76
N MET B 654 -29.12 16.71 6.61
CA MET B 654 -28.93 17.33 5.31
C MET B 654 -29.98 18.41 5.06
N TYR B 655 -31.22 18.10 5.39
CA TYR B 655 -32.31 19.04 5.23
C TYR B 655 -32.15 20.31 6.09
N TYR B 656 -31.78 20.16 7.36
CA TYR B 656 -31.60 21.32 8.23
C TYR B 656 -30.45 22.21 7.76
N LEU B 657 -29.35 21.61 7.30
CA LEU B 657 -28.22 22.38 6.79
C LEU B 657 -28.62 23.23 5.59
N ARG B 658 -29.33 22.61 4.65
CA ARG B 658 -29.90 23.31 3.50
C ARG B 658 -30.70 24.53 3.93
N LEU B 659 -31.63 24.34 4.88
CA LEU B 659 -32.45 25.42 5.41
C LEU B 659 -31.61 26.50 6.08
N LEU B 660 -30.51 26.06 6.69
CA LEU B 660 -29.67 26.89 7.52
C LEU B 660 -28.69 27.73 6.69
N MET B 661 -28.34 27.25 5.51
CA MET B 661 -27.32 27.90 4.66
C MET B 661 -27.85 28.61 3.41
N THR B 662 -29.17 28.66 3.23
CA THR B 662 -29.74 29.29 2.03
C THR B 662 -30.50 30.55 2.42
N GLU B 663 -30.22 31.62 1.68
CA GLU B 663 -30.82 32.93 1.88
C GLU B 663 -32.29 32.84 2.28
N VAL B 664 -33.13 32.31 1.39
CA VAL B 664 -34.53 32.04 1.73
C VAL B 664 -34.87 30.57 1.48
N ALA B 665 -35.56 29.96 2.44
CA ALA B 665 -35.99 28.57 2.36
C ALA B 665 -37.08 28.36 3.39
N TRP B 666 -38.22 27.88 2.92
CA TRP B 666 -39.37 27.65 3.80
C TRP B 666 -39.30 26.25 4.37
N THR B 667 -39.53 26.12 5.66
CA THR B 667 -39.48 24.83 6.35
C THR B 667 -40.78 24.05 6.07
N LYS B 668 -40.73 22.72 6.30
CA LYS B 668 -41.97 21.89 6.21
C LYS B 668 -43.10 22.23 7.18
N ASP B 669 -42.75 22.93 8.26
CA ASP B 669 -43.72 23.20 9.35
C ASP B 669 -44.43 24.46 8.90
N GLU B 670 -43.65 25.34 8.26
CA GLU B 670 -44.16 26.54 7.62
C GLU B 670 -45.11 26.22 6.47
N LEU B 671 -44.71 25.31 5.59
CA LEU B 671 -45.53 24.90 4.45
C LEU B 671 -46.83 24.25 4.93
N LYS B 672 -46.70 23.37 5.91
CA LYS B 672 -47.82 22.63 6.50
C LYS B 672 -48.86 23.57 7.10
N GLU B 673 -48.40 24.56 7.85
CA GLU B 673 -49.29 25.55 8.46
C GLU B 673 -50.06 26.33 7.40
N ALA B 674 -49.33 26.79 6.38
CA ALA B 674 -49.91 27.51 5.26
C ALA B 674 -50.87 26.70 4.38
N LEU B 675 -50.80 25.37 4.47
CA LEU B 675 -51.59 24.49 3.62
C LEU B 675 -53.10 24.60 3.86
N ASP B 676 -53.51 24.84 5.10
CA ASP B 676 -54.93 24.98 5.44
C ASP B 676 -55.57 26.19 4.74
N ASP B 677 -54.76 27.21 4.49
CA ASP B 677 -55.22 28.45 3.86
C ASP B 677 -55.33 28.36 2.34
N VAL B 678 -54.84 27.25 1.77
CA VAL B 678 -54.93 27.00 0.33
C VAL B 678 -56.35 26.55 -0.02
N THR B 679 -56.96 27.28 -0.94
CA THR B 679 -58.39 27.19 -1.17
C THR B 679 -58.59 27.08 -2.69
N LEU B 680 -59.63 26.37 -3.12
CA LEU B 680 -59.86 26.19 -4.57
C LEU B 680 -59.94 27.54 -5.33
N PRO B 681 -60.81 28.48 -4.87
CA PRO B 681 -60.80 29.82 -5.46
C PRO B 681 -59.41 30.44 -5.55
N ARG B 682 -58.63 30.29 -4.48
CA ARG B 682 -57.33 30.92 -4.36
C ARG B 682 -56.32 30.34 -5.37
N LEU B 683 -56.41 29.03 -5.62
CA LEU B 683 -55.57 28.36 -6.61
C LEU B 683 -55.97 28.78 -8.02
N LYS B 684 -57.28 28.82 -8.28
CA LYS B 684 -57.77 29.35 -9.57
C LYS B 684 -57.17 30.73 -9.84
N ALA B 685 -56.99 31.53 -8.79
CA ALA B 685 -56.34 32.83 -8.91
C ALA B 685 -54.82 32.77 -9.12
N PHE B 686 -54.14 31.89 -8.39
CA PHE B 686 -52.68 31.81 -8.46
C PHE B 686 -52.14 31.52 -9.86
N ILE B 687 -52.72 30.51 -10.51
CA ILE B 687 -52.24 30.05 -11.83
C ILE B 687 -52.01 31.16 -12.87
N PRO B 688 -53.05 31.98 -13.18
CA PRO B 688 -52.84 33.04 -14.17
C PRO B 688 -51.80 34.05 -13.72
N GLN B 689 -51.74 34.27 -12.40
CA GLN B 689 -50.73 35.14 -11.81
C GLN B 689 -49.32 34.59 -12.06
N LEU B 690 -49.11 33.32 -11.74
CA LEU B 690 -47.86 32.61 -11.99
C LEU B 690 -47.38 32.75 -13.42
N LEU B 691 -48.32 32.64 -14.36
CA LEU B 691 -47.99 32.53 -15.78
C LEU B 691 -47.97 33.86 -16.54
N SER B 692 -48.32 34.96 -15.88
CA SER B 692 -48.42 36.26 -16.56
C SER B 692 -47.06 36.83 -16.91
N ARG B 693 -46.07 36.61 -16.04
CA ARG B 693 -44.70 36.99 -16.33
C ARG B 693 -43.72 35.87 -16.02
N LEU B 694 -42.99 35.44 -17.05
CA LEU B 694 -41.98 34.39 -16.95
C LEU B 694 -40.74 34.73 -17.76
N HIS B 695 -39.69 33.98 -17.50
CA HIS B 695 -38.54 33.93 -18.37
C HIS B 695 -38.20 32.46 -18.52
N ILE B 696 -37.89 32.01 -19.73
CA ILE B 696 -37.64 30.60 -19.99
C ILE B 696 -36.22 30.39 -20.48
N GLU B 697 -35.48 29.56 -19.75
CA GLU B 697 -34.17 29.12 -20.21
C GLU B 697 -34.26 27.66 -20.54
N ALA B 698 -33.74 27.29 -21.70
CA ALA B 698 -33.92 25.94 -22.23
C ALA B 698 -32.63 25.37 -22.80
N LEU B 699 -32.48 24.06 -22.63
CA LEU B 699 -31.45 23.28 -23.33
C LEU B 699 -32.17 22.26 -24.21
N LEU B 700 -32.05 22.39 -25.52
CA LEU B 700 -32.57 21.39 -26.44
C LEU B 700 -31.39 20.65 -27.08
N HIS B 701 -31.33 19.34 -26.82
CA HIS B 701 -30.15 18.54 -27.14
C HIS B 701 -30.53 17.16 -27.65
N GLY B 702 -30.01 16.77 -28.80
CA GLY B 702 -30.22 15.43 -29.33
C GLY B 702 -30.32 15.32 -30.83
N ASN B 703 -31.26 14.52 -31.32
CA ASN B 703 -31.47 14.39 -32.75
C ASN B 703 -32.41 15.46 -33.31
N ILE B 704 -31.93 16.70 -33.37
CA ILE B 704 -32.72 17.81 -33.91
C ILE B 704 -31.85 18.89 -34.55
N THR B 705 -32.43 19.58 -35.52
CA THR B 705 -31.76 20.69 -36.20
C THR B 705 -32.06 22.00 -35.49
N LYS B 706 -31.26 23.01 -35.79
CA LYS B 706 -31.42 24.35 -35.22
C LYS B 706 -32.82 24.95 -35.43
N GLN B 707 -33.38 24.75 -36.62
CA GLN B 707 -34.69 25.29 -36.96
C GLN B 707 -35.80 24.58 -36.21
N ALA B 708 -35.62 23.27 -36.02
CA ALA B 708 -36.55 22.47 -35.25
C ALA B 708 -36.52 22.99 -33.83
N ALA B 709 -35.30 23.25 -33.33
CA ALA B 709 -35.10 23.70 -31.96
C ALA B 709 -35.75 25.07 -31.76
N LEU B 710 -35.42 26.00 -32.67
CA LEU B 710 -36.00 27.34 -32.69
C LEU B 710 -37.52 27.29 -32.79
N GLY B 711 -38.02 26.35 -33.60
CA GLY B 711 -39.47 26.16 -33.71
C GLY B 711 -40.09 25.69 -32.42
N ILE B 712 -39.42 24.75 -31.76
CA ILE B 712 -39.87 24.20 -30.47
C ILE B 712 -39.98 25.29 -29.40
N MET B 713 -38.92 26.06 -29.20
CA MET B 713 -38.96 27.21 -28.29
C MET B 713 -40.14 28.11 -28.58
N GLN B 714 -40.24 28.57 -29.83
CA GLN B 714 -41.26 29.53 -30.23
C GLN B 714 -42.67 29.02 -29.98
N MET B 715 -42.90 27.75 -30.30
CA MET B 715 -44.19 27.13 -30.05
C MET B 715 -44.53 27.15 -28.56
N VAL B 716 -43.57 26.78 -27.71
CA VAL B 716 -43.77 26.87 -26.27
C VAL B 716 -44.15 28.32 -25.88
N GLU B 717 -43.35 29.29 -26.31
CA GLU B 717 -43.65 30.71 -26.07
C GLU B 717 -45.03 31.15 -26.57
N ASP B 718 -45.28 30.89 -27.86
CA ASP B 718 -46.53 31.27 -28.51
C ASP B 718 -47.78 30.68 -27.88
N THR B 719 -47.72 29.43 -27.41
CA THR B 719 -48.83 28.82 -26.69
C THR B 719 -49.09 29.60 -25.40
N LEU B 720 -48.01 29.89 -24.68
CA LEU B 720 -48.07 30.57 -23.40
C LEU B 720 -48.63 31.99 -23.56
N ILE B 721 -48.14 32.71 -24.56
CA ILE B 721 -48.65 34.05 -24.89
C ILE B 721 -50.13 34.00 -25.28
N GLU B 722 -50.49 33.07 -26.15
CA GLU B 722 -51.87 33.02 -26.66
C GLU B 722 -52.88 32.70 -25.58
N HIS B 723 -52.56 31.76 -24.69
CA HIS B 723 -53.53 31.32 -23.70
C HIS B 723 -53.40 31.96 -22.33
N ALA B 724 -52.19 32.40 -21.96
CA ALA B 724 -51.98 32.95 -20.62
C ALA B 724 -51.49 34.41 -20.64
N HIS B 725 -51.39 34.98 -21.82
CA HIS B 725 -51.00 36.38 -22.00
C HIS B 725 -49.65 36.68 -21.34
N THR B 726 -48.73 35.73 -21.41
CA THR B 726 -47.41 35.83 -20.78
C THR B 726 -46.59 36.97 -21.37
N LYS B 727 -45.95 37.73 -20.49
CA LYS B 727 -45.00 38.77 -20.88
C LYS B 727 -43.63 38.52 -20.24
N PRO B 728 -42.57 39.17 -20.77
CA PRO B 728 -41.22 38.97 -20.25
C PRO B 728 -41.03 39.47 -18.81
N LEU B 729 -40.02 38.94 -18.14
CA LEU B 729 -39.66 39.32 -16.80
C LEU B 729 -38.50 40.32 -16.91
N LEU B 730 -38.42 41.27 -15.98
CA LEU B 730 -37.27 42.19 -15.94
C LEU B 730 -35.98 41.41 -15.60
N PRO B 731 -34.81 41.85 -16.15
CA PRO B 731 -33.54 41.20 -15.83
C PRO B 731 -33.16 41.24 -14.34
N SER B 732 -33.52 42.32 -13.66
CA SER B 732 -33.26 42.47 -12.21
C SER B 732 -34.16 41.57 -11.35
N GLN B 733 -35.17 40.95 -11.98
CA GLN B 733 -36.08 40.04 -11.29
C GLN B 733 -35.53 38.62 -11.27
N LEU B 734 -34.63 38.34 -12.22
CA LEU B 734 -33.98 37.04 -12.31
C LEU B 734 -32.96 36.91 -11.19
N VAL B 735 -33.47 36.89 -9.95
CA VAL B 735 -32.59 36.76 -8.78
C VAL B 735 -32.28 35.29 -8.53
N ARG B 736 -31.09 35.06 -7.99
CA ARG B 736 -30.70 33.77 -7.47
C ARG B 736 -30.40 33.93 -5.98
N TYR B 737 -30.51 32.82 -5.24
CA TYR B 737 -30.33 32.88 -3.79
C TYR B 737 -28.86 32.69 -3.42
N ARG B 738 -28.51 33.15 -2.22
CA ARG B 738 -27.12 33.18 -1.77
C ARG B 738 -26.91 32.27 -0.58
N GLU B 739 -25.68 31.80 -0.41
CA GLU B 739 -25.32 31.04 0.77
C GLU B 739 -24.85 31.99 1.87
N VAL B 740 -25.18 31.70 3.13
CA VAL B 740 -24.72 32.56 4.22
C VAL B 740 -23.19 32.45 4.38
N GLN B 741 -22.57 33.54 4.80
CA GLN B 741 -21.13 33.59 4.92
C GLN B 741 -20.70 33.41 6.36
N LEU B 742 -20.13 32.24 6.65
CA LEU B 742 -19.65 31.91 7.98
C LEU B 742 -18.35 32.66 8.30
N PRO B 743 -18.19 33.12 9.56
CA PRO B 743 -17.03 33.91 10.00
C PRO B 743 -15.76 33.09 10.24
N ASP B 744 -14.61 33.69 9.95
CA ASP B 744 -13.30 33.12 10.32
C ASP B 744 -13.31 32.59 11.76
N ARG B 745 -12.92 31.31 11.93
CA ARG B 745 -12.78 30.67 13.25
C ARG B 745 -14.07 30.38 14.01
N GLY B 746 -15.22 30.56 13.36
CA GLY B 746 -16.50 30.29 13.99
C GLY B 746 -16.90 28.83 13.97
N TRP B 747 -17.77 28.45 14.91
CA TRP B 747 -18.37 27.12 14.92
C TRP B 747 -19.78 27.17 15.47
N PHE B 748 -20.75 26.85 14.62
CA PHE B 748 -22.16 26.83 15.00
C PHE B 748 -22.69 25.43 15.00
N VAL B 749 -23.56 25.12 15.95
CA VAL B 749 -24.21 23.82 16.05
C VAL B 749 -25.71 24.02 16.07
N TYR B 750 -26.41 23.24 15.27
CA TYR B 750 -27.86 23.23 15.32
C TYR B 750 -28.27 21.85 15.75
N GLN B 751 -29.21 21.79 16.69
CA GLN B 751 -29.59 20.53 17.31
C GLN B 751 -31.08 20.28 17.18
N GLN B 752 -31.44 19.04 16.90
CA GLN B 752 -32.83 18.69 16.69
C GLN B 752 -33.00 17.21 17.02
N ARG B 753 -34.24 16.77 17.22
CA ARG B 753 -34.47 15.36 17.56
C ARG B 753 -35.26 14.63 16.47
N ASN B 754 -34.86 13.40 16.15
CA ASN B 754 -35.64 12.54 15.28
C ASN B 754 -36.59 11.71 16.14
N GLU B 755 -37.88 11.83 15.89
CA GLU B 755 -38.87 11.20 16.76
C GLU B 755 -39.14 9.73 16.47
N VAL B 756 -38.68 9.23 15.32
CA VAL B 756 -39.00 7.89 14.89
C VAL B 756 -37.84 6.89 15.04
N HIS B 757 -36.65 7.29 14.59
CA HIS B 757 -35.50 6.39 14.51
C HIS B 757 -34.63 6.39 15.77
N ASN B 758 -34.04 5.24 16.10
CA ASN B 758 -33.17 5.17 17.26
C ASN B 758 -31.69 5.29 16.94
N ASN B 759 -31.42 6.00 15.85
CA ASN B 759 -30.06 6.35 15.48
C ASN B 759 -29.94 7.85 15.44
N SER B 760 -28.72 8.36 15.55
CA SER B 760 -28.46 9.79 15.38
C SER B 760 -27.96 10.08 13.98
N GLY B 761 -28.08 11.34 13.58
CA GLY B 761 -27.47 11.81 12.34
C GLY B 761 -26.58 12.99 12.61
N ILE B 762 -25.54 13.14 11.81
CA ILE B 762 -24.69 14.31 11.89
C ILE B 762 -24.23 14.73 10.50
N GLU B 763 -24.23 16.04 10.25
CA GLU B 763 -23.54 16.58 9.10
C GLU B 763 -22.59 17.67 9.57
N ILE B 764 -21.33 17.56 9.15
CA ILE B 764 -20.34 18.57 9.44
C ILE B 764 -19.94 19.26 8.13
N TYR B 765 -20.07 20.57 8.11
CA TYR B 765 -19.74 21.34 6.91
C TYR B 765 -18.64 22.34 7.19
N TYR B 766 -17.51 22.13 6.53
CA TYR B 766 -16.39 23.07 6.56
C TYR B 766 -16.46 23.92 5.30
N GLN B 767 -17.02 25.12 5.44
CA GLN B 767 -17.16 26.02 4.31
C GLN B 767 -15.79 26.56 3.92
N THR B 768 -15.49 26.50 2.63
CA THR B 768 -14.23 27.04 2.14
C THR B 768 -14.16 28.38 1.41
N ASP B 769 -14.74 28.45 0.21
CA ASP B 769 -14.98 29.71 -0.49
C ASP B 769 -15.81 29.52 -1.76
N MET B 770 -16.07 30.63 -2.47
CA MET B 770 -16.69 30.62 -3.77
C MET B 770 -16.06 29.59 -4.70
N GLN B 771 -16.87 29.05 -5.60
CA GLN B 771 -16.37 28.18 -6.64
C GLN B 771 -15.48 28.99 -7.61
N SER B 772 -14.36 28.38 -7.98
CA SER B 772 -13.40 28.95 -8.93
C SER B 772 -12.44 27.83 -9.30
N THR B 773 -11.91 27.86 -10.52
CA THR B 773 -10.98 26.81 -10.95
C THR B 773 -10.05 26.31 -9.84
N SER B 774 -9.35 27.22 -9.17
CA SER B 774 -8.37 26.80 -8.16
C SER B 774 -9.02 26.25 -6.88
N GLU B 775 -9.99 26.96 -6.33
CA GLU B 775 -10.68 26.51 -5.13
C GLU B 775 -11.44 25.20 -5.33
N ASN B 776 -11.97 25.01 -6.54
CA ASN B 776 -12.66 23.77 -6.91
C ASN B 776 -11.75 22.55 -6.84
N MET B 777 -10.55 22.70 -7.36
CA MET B 777 -9.61 21.59 -7.47
C MET B 777 -8.87 21.29 -6.17
N PHE B 778 -8.65 22.31 -5.34
CA PHE B 778 -8.08 22.11 -4.02
C PHE B 778 -8.97 21.19 -3.20
N LEU B 779 -10.25 21.58 -3.09
CA LEU B 779 -11.27 20.81 -2.37
C LEU B 779 -11.40 19.41 -2.96
N GLU B 780 -11.53 19.36 -4.27
CA GLU B 780 -11.76 18.13 -5.01
C GLU B 780 -10.62 17.11 -4.82
N LEU B 781 -9.38 17.59 -4.77
CA LEU B 781 -8.24 16.68 -4.64
C LEU B 781 -8.09 16.21 -3.21
N PHE B 782 -8.32 17.12 -2.27
CA PHE B 782 -8.29 16.76 -0.87
C PHE B 782 -9.39 15.73 -0.59
N ALA B 783 -10.57 15.97 -1.15
CA ALA B 783 -11.70 15.05 -1.01
C ALA B 783 -11.34 13.66 -1.50
N GLN B 784 -10.63 13.61 -2.62
CA GLN B 784 -10.19 12.35 -3.23
C GLN B 784 -9.22 11.57 -2.33
N ILE B 785 -8.23 12.26 -1.78
CA ILE B 785 -7.21 11.68 -0.89
C ILE B 785 -7.79 11.13 0.42
N ILE B 786 -8.82 11.78 0.95
CA ILE B 786 -9.39 11.34 2.21
C ILE B 786 -10.59 10.41 2.00
N SER B 787 -10.98 10.23 0.74
CA SER B 787 -12.21 9.52 0.39
C SER B 787 -12.28 8.12 0.97
N GLU B 788 -11.38 7.22 0.59
CA GLU B 788 -11.44 5.87 1.14
C GLU B 788 -10.91 5.79 2.57
N PRO B 789 -9.84 6.56 2.91
CA PRO B 789 -9.44 6.56 4.32
C PRO B 789 -10.55 6.93 5.30
N ALA B 790 -11.42 7.88 4.95
CA ALA B 790 -12.54 8.27 5.83
C ALA B 790 -13.42 7.06 6.08
N PHE B 791 -13.87 6.44 4.98
CA PHE B 791 -14.65 5.21 5.05
C PHE B 791 -13.93 4.16 5.86
N ASN B 792 -12.67 3.89 5.52
CA ASN B 792 -11.94 2.86 6.23
C ASN B 792 -11.78 3.12 7.72
N THR B 793 -11.49 4.36 8.11
CA THR B 793 -11.31 4.72 9.52
C THR B 793 -12.64 4.74 10.27
N LEU B 794 -13.56 5.57 9.79
CA LEU B 794 -14.79 5.86 10.52
C LEU B 794 -15.79 4.71 10.49
N ARG B 795 -15.68 3.85 9.48
CA ARG B 795 -16.53 2.66 9.43
C ARG B 795 -15.80 1.34 9.72
N THR B 796 -14.91 0.91 8.82
CA THR B 796 -14.27 -0.40 8.98
C THR B 796 -13.53 -0.57 10.31
N LYS B 797 -12.62 0.35 10.63
CA LYS B 797 -11.93 0.34 11.93
C LYS B 797 -12.89 0.66 13.07
N GLU B 798 -13.39 1.89 13.12
CA GLU B 798 -14.12 2.38 14.28
C GLU B 798 -15.59 1.98 14.35
N GLN B 799 -16.13 1.52 13.22
CA GLN B 799 -17.52 1.07 13.13
C GLN B 799 -18.50 2.05 13.76
N LEU B 800 -18.49 3.29 13.27
CA LEU B 800 -19.38 4.31 13.81
C LEU B 800 -20.80 4.13 13.34
N GLY B 801 -20.98 3.79 12.08
CA GLY B 801 -22.29 3.48 11.53
C GLY B 801 -22.15 2.77 10.21
N TYR B 802 -23.29 2.40 9.62
CA TYR B 802 -23.34 1.89 8.26
C TYR B 802 -23.11 3.01 7.23
N ILE B 803 -23.81 4.12 7.42
CA ILE B 803 -23.71 5.27 6.55
C ILE B 803 -22.57 6.17 7.02
N VAL B 804 -21.55 6.26 6.17
CA VAL B 804 -20.40 7.13 6.40
C VAL B 804 -20.00 7.74 5.07
N PHE B 805 -20.14 9.06 4.97
CA PHE B 805 -19.90 9.78 3.74
C PHE B 805 -19.03 11.00 4.00
N SER B 806 -18.06 11.21 3.13
CA SER B 806 -17.35 12.48 3.05
C SER B 806 -17.34 12.89 1.58
N GLY B 807 -17.09 14.16 1.31
CA GLY B 807 -17.04 14.64 -0.05
C GLY B 807 -17.27 16.13 -0.16
N PRO B 808 -17.20 16.67 -1.38
CA PRO B 808 -17.47 18.10 -1.59
C PRO B 808 -18.95 18.44 -1.44
N ARG B 809 -19.25 19.64 -0.94
CA ARG B 809 -20.59 20.20 -0.96
C ARG B 809 -20.61 21.46 -1.81
N ARG B 810 -21.53 21.50 -2.78
CA ARG B 810 -21.69 22.65 -3.67
C ARG B 810 -23.11 23.15 -3.62
N ALA B 811 -23.28 24.41 -3.23
CA ALA B 811 -24.58 25.05 -3.23
C ALA B 811 -24.44 26.55 -3.45
N ASN B 812 -25.34 27.12 -4.24
CA ASN B 812 -25.43 28.56 -4.44
C ASN B 812 -24.09 29.20 -4.84
N GLY B 813 -23.24 28.43 -5.51
CA GLY B 813 -21.95 28.94 -5.98
C GLY B 813 -20.82 28.86 -4.97
N ILE B 814 -21.15 28.44 -3.75
CA ILE B 814 -20.16 28.29 -2.69
C ILE B 814 -19.90 26.80 -2.47
N GLN B 815 -18.81 26.47 -1.78
CA GLN B 815 -18.44 25.08 -1.59
C GLN B 815 -17.73 24.82 -0.26
N GLY B 816 -17.49 23.54 0.00
CA GLY B 816 -16.85 23.10 1.23
C GLY B 816 -16.79 21.60 1.33
N LEU B 817 -16.24 21.13 2.44
CA LEU B 817 -16.10 19.71 2.70
C LEU B 817 -17.15 19.34 3.71
N ARG B 818 -17.78 18.18 3.50
CA ARG B 818 -18.78 17.71 4.44
C ARG B 818 -18.52 16.29 4.90
N PHE B 819 -19.06 15.97 6.07
CA PHE B 819 -19.11 14.61 6.56
C PHE B 819 -20.54 14.31 6.95
N ILE B 820 -21.03 13.14 6.58
CA ILE B 820 -22.36 12.70 7.00
C ILE B 820 -22.24 11.32 7.65
N ILE B 821 -22.73 11.21 8.88
CA ILE B 821 -22.76 9.92 9.57
C ILE B 821 -24.12 9.66 10.23
N GLN B 822 -24.49 8.39 10.24
CA GLN B 822 -25.58 7.92 11.05
C GLN B 822 -25.08 6.80 11.95
N SER B 823 -25.34 6.91 13.25
CA SER B 823 -24.90 5.89 14.18
C SER B 823 -25.74 5.86 15.45
N GLU B 824 -25.39 4.96 16.36
CA GLU B 824 -26.06 4.89 17.67
C GLU B 824 -25.26 5.66 18.72
N LYS B 825 -24.09 6.13 18.33
CA LYS B 825 -23.23 6.93 19.20
C LYS B 825 -23.72 8.37 19.16
N PRO B 826 -23.56 9.13 20.26
CA PRO B 826 -24.09 10.50 20.23
C PRO B 826 -23.33 11.44 19.26
N PRO B 827 -24.01 12.49 18.73
CA PRO B 827 -23.36 13.46 17.83
C PRO B 827 -22.11 14.14 18.36
N HIS B 828 -22.09 14.53 19.64
CA HIS B 828 -20.88 15.16 20.21
C HIS B 828 -19.66 14.22 20.06
N TYR B 829 -19.90 12.91 20.23
CA TYR B 829 -18.84 11.92 20.08
C TYR B 829 -18.36 11.78 18.63
N LEU B 830 -19.31 11.80 17.69
CA LEU B 830 -19.04 11.71 16.26
C LEU B 830 -18.13 12.85 15.81
N GLU B 831 -18.44 14.07 16.26
CA GLU B 831 -17.62 15.24 16.01
C GLU B 831 -16.16 15.01 16.37
N SER B 832 -15.92 14.51 17.58
CA SER B 832 -14.56 14.34 18.05
C SER B 832 -13.80 13.32 17.21
N ARG B 833 -14.49 12.31 16.68
CA ARG B 833 -13.86 11.25 15.89
C ARG B 833 -13.48 11.68 14.47
N VAL B 834 -14.30 12.55 13.89
CA VAL B 834 -14.02 13.14 12.58
C VAL B 834 -12.84 14.09 12.74
N GLU B 835 -12.83 14.79 13.86
CA GLU B 835 -11.74 15.70 14.19
C GLU B 835 -10.42 14.95 14.35
N ALA B 836 -10.49 13.82 15.06
CA ALA B 836 -9.36 12.93 15.21
C ALA B 836 -8.90 12.44 13.85
N PHE B 837 -9.87 12.20 12.96
CA PHE B 837 -9.54 11.67 11.64
C PHE B 837 -8.80 12.69 10.78
N LEU B 838 -9.20 13.95 10.88
CA LEU B 838 -8.58 15.02 10.10
C LEU B 838 -7.09 15.17 10.40
N ILE B 839 -6.73 15.05 11.67
CA ILE B 839 -5.33 15.09 12.08
C ILE B 839 -4.54 13.90 11.51
N THR B 840 -5.13 12.70 11.57
CA THR B 840 -4.55 11.51 10.95
C THR B 840 -4.32 11.71 9.45
N MET B 841 -5.13 12.58 8.85
CA MET B 841 -5.04 12.82 7.40
C MET B 841 -3.93 13.80 7.01
N GLU B 842 -3.78 14.86 7.78
CA GLU B 842 -2.66 15.79 7.63
C GLU B 842 -1.34 15.01 7.70
N LYS B 843 -1.24 14.17 8.73
CA LYS B 843 -0.06 13.33 8.97
C LYS B 843 0.23 12.39 7.80
N SER B 844 -0.80 11.74 7.26
CA SER B 844 -0.59 10.76 6.18
C SER B 844 -0.30 11.42 4.83
N ILE B 845 -0.79 12.65 4.63
CA ILE B 845 -0.44 13.43 3.44
C ILE B 845 1.04 13.80 3.49
N GLU B 846 1.53 14.17 4.68
CA GLU B 846 2.95 14.44 4.90
C GLU B 846 3.81 13.20 4.62
N ASP B 847 3.41 12.07 5.21
CA ASP B 847 4.16 10.81 5.07
C ASP B 847 4.11 10.13 3.70
N MET B 848 3.09 10.43 2.89
CA MET B 848 2.96 9.75 1.59
C MET B 848 3.96 10.24 0.54
N THR B 849 4.37 9.32 -0.34
CA THR B 849 5.38 9.58 -1.38
C THR B 849 4.80 10.47 -2.48
N GLU B 850 5.67 11.01 -3.33
CA GLU B 850 5.22 11.81 -4.47
C GLU B 850 4.41 11.01 -5.47
N GLU B 851 4.61 9.69 -5.50
CA GLU B 851 3.81 8.80 -6.34
C GLU B 851 2.40 8.66 -5.82
N ALA B 852 2.29 8.30 -4.53
CA ALA B 852 1.01 8.22 -3.86
C ALA B 852 0.19 9.47 -4.18
N PHE B 853 0.84 10.63 -4.08
CA PHE B 853 0.21 11.90 -4.42
C PHE B 853 -0.19 11.99 -5.88
N GLN B 854 0.70 11.57 -6.76
CA GLN B 854 0.49 11.69 -8.19
C GLN B 854 -0.57 10.68 -8.67
N LYS B 855 -0.75 9.61 -7.90
CA LYS B 855 -1.78 8.59 -8.19
C LYS B 855 -3.18 9.14 -7.97
N HIS B 856 -3.33 9.89 -6.87
CA HIS B 856 -4.60 10.50 -6.52
C HIS B 856 -5.00 11.61 -7.49
N ILE B 857 -4.00 12.33 -8.03
CA ILE B 857 -4.23 13.34 -9.06
C ILE B 857 -4.76 12.65 -10.31
N GLN B 858 -4.07 11.59 -10.71
CA GLN B 858 -4.42 10.82 -11.90
C GLN B 858 -5.80 10.18 -11.76
N ALA B 859 -6.13 9.71 -10.55
CA ALA B 859 -7.45 9.16 -10.25
C ALA B 859 -8.57 10.21 -10.37
N LEU B 860 -8.39 11.37 -9.74
CA LEU B 860 -9.36 12.47 -9.87
C LEU B 860 -9.50 12.89 -11.34
N ALA B 861 -8.40 12.85 -12.08
CA ALA B 861 -8.37 13.17 -13.51
C ALA B 861 -9.26 12.22 -14.32
N ILE B 862 -9.00 10.93 -14.20
CA ILE B 862 -9.80 9.91 -14.89
C ILE B 862 -11.28 10.07 -14.54
N ARG B 863 -11.56 10.32 -13.26
CA ARG B 863 -12.94 10.50 -12.80
C ARG B 863 -13.61 11.68 -13.48
N ARG B 864 -12.94 12.82 -13.53
CA ARG B 864 -13.55 14.01 -14.12
C ARG B 864 -13.68 13.94 -15.64
N LEU B 865 -12.78 13.21 -16.31
CA LEU B 865 -12.77 13.16 -17.77
C LEU B 865 -13.53 11.98 -18.37
N ASP B 866 -14.12 11.13 -17.52
CA ASP B 866 -14.93 10.00 -17.99
C ASP B 866 -16.02 10.53 -18.91
N LYS B 867 -16.05 10.04 -20.14
CA LYS B 867 -17.03 10.51 -21.14
C LYS B 867 -18.43 9.93 -20.89
N PRO B 868 -19.48 10.74 -21.09
CA PRO B 868 -20.87 10.27 -21.09
C PRO B 868 -21.07 9.12 -22.08
N LYS B 869 -21.89 8.14 -21.71
CA LYS B 869 -22.16 6.99 -22.59
C LYS B 869 -23.49 7.17 -23.31
N LYS B 870 -24.34 8.03 -22.76
CA LYS B 870 -25.66 8.26 -23.31
C LYS B 870 -26.07 9.73 -23.30
N LEU B 871 -27.05 10.06 -24.14
CA LEU B 871 -27.52 11.43 -24.24
C LEU B 871 -27.80 12.08 -22.88
N SER B 872 -28.69 11.51 -22.08
CA SER B 872 -29.09 12.13 -20.79
C SER B 872 -27.91 12.52 -19.90
N ALA B 873 -26.84 11.73 -19.97
CA ALA B 873 -25.64 11.96 -19.17
C ALA B 873 -24.95 13.24 -19.60
N GLU B 874 -24.80 13.41 -20.91
CA GLU B 874 -24.25 14.62 -21.51
C GLU B 874 -25.13 15.82 -21.18
N SER B 875 -26.43 15.68 -21.43
CA SER B 875 -27.41 16.72 -21.15
C SER B 875 -27.35 17.21 -19.71
N ALA B 876 -27.12 16.29 -18.78
CA ALA B 876 -27.10 16.60 -17.36
C ALA B 876 -25.90 17.48 -17.04
N LYS B 877 -24.75 17.17 -17.65
CA LYS B 877 -23.53 17.99 -17.52
C LYS B 877 -23.82 19.44 -17.89
N TYR B 878 -24.34 19.63 -19.10
CA TYR B 878 -24.69 20.95 -19.63
C TYR B 878 -25.75 21.62 -18.80
N TRP B 879 -26.77 20.86 -18.41
CA TRP B 879 -27.85 21.39 -17.59
C TRP B 879 -27.32 21.90 -16.25
N GLY B 880 -26.31 21.21 -15.72
CA GLY B 880 -25.66 21.66 -14.49
C GLY B 880 -25.02 23.02 -14.68
N GLU B 881 -24.37 23.20 -15.83
CA GLU B 881 -23.74 24.48 -16.17
C GLU B 881 -24.78 25.59 -16.32
N ILE B 882 -25.91 25.28 -16.94
CA ILE B 882 -26.97 26.26 -17.16
C ILE B 882 -27.76 26.62 -15.87
N ILE B 883 -28.24 25.64 -15.11
CA ILE B 883 -29.01 25.97 -13.91
C ILE B 883 -28.18 26.68 -12.83
N SER B 884 -26.87 26.45 -12.82
CA SER B 884 -25.97 27.16 -11.90
C SER B 884 -25.48 28.49 -12.47
N GLN B 885 -25.87 28.80 -13.72
CA GLN B 885 -25.44 30.02 -14.42
C GLN B 885 -23.93 30.22 -14.50
N GLN B 886 -23.19 29.12 -14.46
CA GLN B 886 -21.75 29.20 -14.64
C GLN B 886 -21.38 29.02 -16.11
N TYR B 887 -22.23 28.33 -16.85
CA TYR B 887 -22.12 28.18 -18.30
C TYR B 887 -20.70 27.78 -18.74
N ASN B 888 -20.07 26.91 -17.95
CA ASN B 888 -18.68 26.49 -18.19
C ASN B 888 -18.58 25.11 -18.85
N PHE B 889 -18.96 25.04 -20.13
CA PHE B 889 -19.09 23.77 -20.82
C PHE B 889 -17.80 22.99 -21.02
N ASP B 890 -16.66 23.68 -20.87
CA ASP B 890 -15.37 23.03 -21.03
C ASP B 890 -14.63 22.96 -19.71
N ARG B 891 -15.39 22.92 -18.62
CA ARG B 891 -14.86 22.95 -17.26
C ARG B 891 -13.88 21.81 -16.99
N ASP B 892 -14.24 20.61 -17.45
CA ASP B 892 -13.44 19.40 -17.21
C ASP B 892 -12.00 19.46 -17.71
N ASN B 893 -11.78 19.97 -18.93
CA ASN B 893 -10.43 20.10 -19.47
C ASN B 893 -9.63 21.17 -18.75
N THR B 894 -10.26 22.35 -18.58
CA THR B 894 -9.72 23.45 -17.80
C THR B 894 -9.29 22.98 -16.41
N GLU B 895 -10.24 22.48 -15.63
CA GLU B 895 -9.98 22.09 -14.24
C GLU B 895 -8.97 20.94 -14.10
N VAL B 896 -9.04 19.97 -15.02
CA VAL B 896 -8.09 18.86 -15.00
C VAL B 896 -6.68 19.33 -15.40
N ALA B 897 -6.60 20.22 -16.40
CA ALA B 897 -5.33 20.84 -16.78
C ALA B 897 -4.68 21.47 -15.56
N TYR B 898 -5.44 22.30 -14.85
CA TYR B 898 -4.94 22.99 -13.67
C TYR B 898 -4.56 22.05 -12.52
N LEU B 899 -5.35 20.99 -12.34
CA LEU B 899 -5.14 20.03 -11.26
C LEU B 899 -3.76 19.37 -11.34
N LYS B 900 -3.31 19.03 -12.54
CA LYS B 900 -2.04 18.32 -12.71
C LYS B 900 -0.86 19.19 -12.26
N THR B 901 -1.08 20.51 -12.28
CA THR B 901 -0.18 21.52 -11.74
C THR B 901 0.05 21.40 -10.23
N LEU B 902 -0.93 20.87 -9.51
CA LEU B 902 -0.93 20.91 -8.04
C LEU B 902 0.16 20.08 -7.39
N THR B 903 0.45 20.41 -6.14
CA THR B 903 1.64 19.91 -5.50
C THR B 903 1.33 19.46 -4.08
N LYS B 904 2.02 18.41 -3.62
CA LYS B 904 1.80 17.92 -2.26
C LYS B 904 1.87 19.10 -1.28
N GLU B 905 2.71 20.07 -1.63
CA GLU B 905 2.83 21.28 -0.87
C GLU B 905 1.49 22.12 -0.93
N ASP B 906 0.93 22.36 -2.15
CA ASP B 906 -0.31 23.14 -2.28
C ASP B 906 -1.46 22.68 -1.37
N ILE B 907 -1.62 21.37 -1.24
CA ILE B 907 -2.75 20.79 -0.50
C ILE B 907 -2.59 20.93 1.01
N ILE B 908 -1.34 21.06 1.45
CA ILE B 908 -1.11 21.16 2.90
C ILE B 908 -1.43 22.57 3.46
N LYS B 909 -1.17 23.59 2.65
CA LYS B 909 -1.40 25.00 3.06
C LYS B 909 -2.88 25.26 3.02
N PHE B 910 -3.55 24.69 2.01
CA PHE B 910 -5.00 24.72 1.90
C PHE B 910 -5.64 24.10 3.14
N TYR B 911 -5.13 22.94 3.56
CA TYR B 911 -5.63 22.27 4.75
C TYR B 911 -5.42 23.12 6.00
N LYS B 912 -4.25 23.78 6.07
CA LYS B 912 -3.88 24.61 7.21
C LYS B 912 -4.59 25.96 7.21
N GLU B 913 -4.88 26.48 6.03
CA GLU B 913 -5.58 27.76 5.87
C GLU B 913 -7.09 27.66 6.15
N MET B 914 -7.70 26.52 5.83
CA MET B 914 -9.17 26.40 5.85
C MET B 914 -9.74 25.25 6.69
N LEU B 915 -8.98 24.17 6.84
CA LEU B 915 -9.55 22.93 7.36
C LEU B 915 -9.06 22.53 8.74
N ALA B 916 -7.78 22.67 9.01
CA ALA B 916 -7.20 22.29 10.32
C ALA B 916 -7.95 22.92 11.50
N VAL B 917 -7.96 22.21 12.63
CA VAL B 917 -8.69 22.65 13.82
C VAL B 917 -8.35 24.09 14.29
N ASP B 918 -7.14 24.52 13.99
CA ASP B 918 -6.67 25.86 14.35
C ASP B 918 -6.37 26.66 13.08
N ALA B 919 -7.19 26.45 12.06
CA ALA B 919 -7.10 27.22 10.81
C ALA B 919 -7.57 28.65 11.05
N PRO B 920 -6.82 29.63 10.48
CA PRO B 920 -7.21 31.04 10.52
C PRO B 920 -8.59 31.27 9.93
N ARG B 921 -8.94 30.48 8.91
CA ARG B 921 -10.20 30.65 8.18
C ARG B 921 -11.15 29.44 8.19
N ARG B 922 -11.04 28.61 9.22
CA ARG B 922 -12.00 27.52 9.44
C ARG B 922 -13.40 28.08 9.56
N HIS B 923 -14.35 27.48 8.85
CA HIS B 923 -15.75 27.90 8.89
C HIS B 923 -16.66 26.69 9.12
N LYS B 924 -16.82 26.31 10.38
CA LYS B 924 -17.54 25.07 10.70
C LYS B 924 -18.99 25.31 11.08
N VAL B 925 -19.89 24.51 10.49
CA VAL B 925 -21.24 24.36 11.03
C VAL B 925 -21.62 22.87 11.12
N SER B 926 -22.21 22.50 12.24
CA SER B 926 -22.63 21.12 12.47
C SER B 926 -24.13 21.05 12.69
N VAL B 927 -24.74 20.00 12.15
CA VAL B 927 -26.14 19.69 12.42
C VAL B 927 -26.13 18.39 13.20
N HIS B 928 -26.68 18.44 14.40
CA HIS B 928 -26.75 17.27 15.25
C HIS B 928 -28.19 16.84 15.31
N VAL B 929 -28.48 15.63 14.85
CA VAL B 929 -29.84 15.13 14.93
C VAL B 929 -29.83 13.91 15.84
N LEU B 930 -30.45 14.10 17.00
CA LEU B 930 -30.44 13.11 18.07
C LEU B 930 -31.36 11.92 17.74
N ALA B 931 -30.95 10.73 18.20
CA ALA B 931 -31.79 9.53 18.15
C ALA B 931 -33.05 9.84 18.96
N ARG B 932 -34.03 8.95 18.89
CA ARG B 932 -35.33 9.30 19.45
C ARG B 932 -35.40 9.35 20.97
N GLU B 933 -34.35 8.89 21.65
CA GLU B 933 -34.31 9.02 23.11
C GLU B 933 -32.91 9.38 23.62
N MET B 934 -32.51 10.63 23.43
CA MET B 934 -31.22 11.10 23.89
C MET B 934 -31.36 12.38 24.72
N ASN B 950 -6.25 0.41 20.14
CA ASN B 950 -6.93 1.63 20.55
C ASN B 950 -7.06 2.63 19.39
N LEU B 951 -7.86 3.68 19.61
CA LEU B 951 -8.16 4.65 18.57
C LEU B 951 -7.38 5.96 18.73
N SER B 952 -7.12 6.64 17.61
CA SER B 952 -6.32 7.86 17.56
C SER B 952 -6.85 8.98 18.47
N GLN B 953 -5.99 9.95 18.75
CA GLN B 953 -6.32 10.99 19.72
C GLN B 953 -7.06 12.16 19.09
N ALA B 954 -8.14 12.59 19.74
CA ALA B 954 -8.99 13.69 19.27
C ALA B 954 -8.54 15.03 19.87
N PRO B 955 -8.53 16.11 19.05
CA PRO B 955 -8.11 17.43 19.54
C PRO B 955 -9.16 18.08 20.43
N ALA B 956 -8.74 19.03 21.26
CA ALA B 956 -9.68 19.80 22.08
C ALA B 956 -10.40 20.83 21.20
N LEU B 957 -11.72 20.89 21.34
CA LEU B 957 -12.55 21.76 20.50
C LEU B 957 -13.01 23.02 21.25
N PRO B 958 -13.23 24.13 20.52
CA PRO B 958 -13.81 25.31 21.16
C PRO B 958 -15.29 25.08 21.50
N GLN B 959 -15.83 25.91 22.39
CA GLN B 959 -17.25 25.90 22.70
C GLN B 959 -17.99 26.45 21.48
N PRO B 960 -18.98 25.68 20.95
CA PRO B 960 -19.69 26.16 19.76
C PRO B 960 -20.74 27.20 20.13
N GLU B 961 -21.21 27.95 19.14
CA GLU B 961 -22.38 28.78 19.34
C GLU B 961 -23.60 28.03 18.81
N VAL B 962 -24.50 27.64 19.71
CA VAL B 962 -25.67 26.85 19.29
C VAL B 962 -26.74 27.74 18.64
N ILE B 963 -27.16 27.37 17.45
CA ILE B 963 -28.25 28.06 16.74
C ILE B 963 -29.60 27.76 17.41
N GLN B 964 -30.12 28.80 18.07
CA GLN B 964 -31.43 28.76 18.71
C GLN B 964 -32.54 28.88 17.68
N ASN B 965 -32.28 29.68 16.65
CA ASN B 965 -33.32 30.13 15.73
C ASN B 965 -32.76 30.44 14.35
N MET B 966 -33.22 29.68 13.35
CA MET B 966 -32.67 29.75 11.99
C MET B 966 -32.67 31.13 11.37
N THR B 967 -33.79 31.85 11.54
CA THR B 967 -33.93 33.20 10.98
C THR B 967 -32.93 34.20 11.59
N GLU B 968 -32.77 34.19 12.91
CA GLU B 968 -31.82 35.07 13.60
C GLU B 968 -30.38 34.79 13.21
N PHE B 969 -30.05 33.51 13.11
CA PHE B 969 -28.73 33.08 12.68
C PHE B 969 -28.38 33.68 11.31
N LYS B 970 -29.30 33.55 10.35
CA LYS B 970 -29.14 34.11 9.00
C LYS B 970 -29.04 35.63 8.98
N ARG B 971 -29.93 36.28 9.72
CA ARG B 971 -29.96 37.75 9.82
C ARG B 971 -28.64 38.34 10.30
N GLY B 972 -27.96 37.62 11.19
CA GLY B 972 -26.75 38.12 11.83
C GLY B 972 -25.44 37.82 11.12
N LEU B 973 -25.51 37.41 9.85
CA LEU B 973 -24.33 37.03 9.08
C LEU B 973 -24.37 37.61 7.66
N PRO B 974 -23.19 37.86 7.05
CA PRO B 974 -23.20 38.31 5.66
C PRO B 974 -23.68 37.21 4.69
N LEU B 975 -24.04 37.60 3.47
CA LEU B 975 -24.32 36.64 2.43
C LEU B 975 -23.21 36.69 1.40
N PHE B 976 -22.87 35.54 0.82
CA PHE B 976 -21.83 35.47 -0.22
C PHE B 976 -22.29 36.22 -1.46
N PRO B 977 -21.34 36.59 -2.34
CA PRO B 977 -21.72 37.07 -3.67
C PRO B 977 -22.31 35.92 -4.47
N LEU B 978 -22.65 36.17 -5.73
CA LEU B 978 -23.04 35.09 -6.63
C LEU B 978 -21.94 34.89 -7.66
N VAL B 979 -21.71 33.63 -8.03
CA VAL B 979 -20.61 33.28 -8.95
C VAL B 979 -20.87 33.88 -10.34
N LYS B 980 -19.79 34.29 -11.02
CA LYS B 980 -19.92 34.96 -12.31
C LYS B 980 -20.04 33.99 -13.48
N PRO B 981 -20.88 34.33 -14.45
CA PRO B 981 -21.08 33.48 -15.62
C PRO B 981 -19.79 33.29 -16.42
N HIS B 982 -19.25 32.61 -17.25
CA HIS B 982 -18.55 32.82 -18.51
C HIS B 982 -19.51 32.82 -19.69
N SER C 1 20.22 -15.90 -2.02
CA SER C 1 19.61 -14.55 -1.74
C SER C 1 19.75 -13.58 -2.91
N LEU C 2 19.19 -12.39 -2.71
CA LEU C 2 19.24 -11.29 -3.66
C LEU C 2 20.49 -10.43 -3.41
N ARG C 3 20.93 -9.70 -4.44
CA ARG C 3 22.08 -8.81 -4.30
C ARG C 3 21.72 -7.48 -3.65
N SER D 1 -49.70 1.17 -13.89
CA SER D 1 -48.25 0.88 -13.92
C SER D 1 -47.96 -0.63 -13.98
N LEU D 2 -47.08 -1.01 -14.91
CA LEU D 2 -46.59 -2.39 -15.02
C LEU D 2 -45.46 -2.57 -14.00
N ARG D 3 -45.27 -3.79 -13.50
CA ARG D 3 -44.18 -4.02 -12.55
C ARG D 3 -42.96 -4.70 -13.19
#